data_4AEE
#
_entry.id   4AEE
#
_cell.length_a   65.394
_cell.length_b   117.512
_cell.length_c   199.041
_cell.angle_alpha   90.00
_cell.angle_beta   90.00
_cell.angle_gamma   90.00
#
_symmetry.space_group_name_H-M   'P 21 21 21'
#
loop_
_entity.id
_entity.type
_entity.pdbx_description
1 polymer 'ALPHA AMYLASE, CATALYTIC REGION'
2 water water
#
_entity_poly.entity_id   1
_entity_poly.type   'polypeptide(L)'
_entity_poly.pdbx_seq_one_letter_code
;MYKIIGREIYGKGRKGRYIVKFTRHWPQYAKNIYLIGEFTSLYPGFVKLRKIEEQGIVYLKLWPGEYGYGFQIDNDFENV
LDPDNEEKKCVHTSFFPEYKKCLSKLVIKEPDNPLDKIIHIEESGFIHKFNGEIIIRLIAPTEINEPLIDLGNEIREPLT
KHVVGDNIVYQYIIPSRSILRYRFIFNYNDKKLFYGDEGVSENSSYIVVNSKYIPGVDKPRWYMGTVYYQIFIDSFDNGD
PNNDPPNRIKKTVPREYGYYGGDLAGIMKHIDHLEDLGVETIYLTPIFSSTSYHRYDTIDYKSIDKYLGTMEDFEKLVQV
LHSRKIKIVLDITMHHTNPCNELFVKALREGENSPYWEMFSFLSPPPKEIVELMLKYIDGEECRSRELYKLDYFRNNKPF
YEAFFNIWLMAKFNHDNPRTVDYFIDITKFWIDKGIDGFRIDVAMGIHYSWMKQYYEYIKNTYPDFLVLGELAENPRIYM
DYFDSAMNYYLRKAILELLIYKRIDLNEFISRINNVYAYIPHYKALSLYNMLGSHDVPRIKSMVQNNKLLKLMYVLIFAL
PGSPVIYYGDEIGLEGGRDPDNRRPMIWDRGNWDLELYEHIKKLIRIYKSCRSMRHGYFLVENLGSNLLFIKRWINNEEI
IFLLNVSSKDISVDLKKLGKYSFDIYNEKNIDQHVENNVLLRGYGFLILGSKPCNI
;
_entity_poly.pdbx_strand_id   A,B
#
# COMPACT_ATOMS: atom_id res chain seq x y z
N MET A 1 -34.96 22.81 14.86
CA MET A 1 -34.94 24.20 15.29
C MET A 1 -33.90 24.42 16.36
N TYR A 2 -33.19 25.55 16.29
CA TYR A 2 -32.30 25.93 17.38
C TYR A 2 -32.40 27.42 17.64
N LYS A 3 -32.24 27.80 18.89
CA LYS A 3 -32.22 29.21 19.28
C LYS A 3 -31.03 29.50 20.18
N ILE A 4 -30.21 30.47 19.80
CA ILE A 4 -29.12 30.89 20.67
C ILE A 4 -29.69 31.76 21.77
N ILE A 5 -29.63 31.25 22.99
CA ILE A 5 -30.33 31.87 24.11
C ILE A 5 -29.55 33.03 24.72
N GLY A 6 -28.23 32.92 24.71
CA GLY A 6 -27.36 33.92 25.30
C GLY A 6 -26.07 33.25 25.74
N ARG A 7 -25.31 33.89 26.64
CA ARG A 7 -24.06 33.30 27.10
C ARG A 7 -24.11 32.98 28.60
N GLU A 8 -23.40 31.94 29.03
CA GLU A 8 -23.27 31.69 30.45
C GLU A 8 -22.45 32.82 31.06
N ILE A 9 -22.66 33.03 32.37
CA ILE A 9 -22.00 34.10 33.09
C ILE A 9 -21.27 33.50 34.28
N TYR A 10 -19.95 33.73 34.34
CA TYR A 10 -19.12 33.30 35.46
C TYR A 10 -18.75 34.52 36.30
N GLY A 11 -18.44 34.31 37.58
CA GLY A 11 -18.10 35.40 38.47
C GLY A 11 -19.20 36.45 38.51
N LYS A 12 -18.84 37.70 38.28
CA LYS A 12 -19.83 38.79 38.22
C LYS A 12 -19.95 39.45 36.85
N GLY A 13 -19.71 38.69 35.78
CA GLY A 13 -19.96 39.18 34.43
C GLY A 13 -19.07 38.61 33.33
N ARG A 14 -18.31 37.56 33.61
CA ARG A 14 -17.48 36.93 32.59
C ARG A 14 -18.31 36.02 31.71
N LYS A 15 -18.39 36.33 30.42
CA LYS A 15 -19.26 35.57 29.53
C LYS A 15 -18.56 34.33 29.01
N GLY A 16 -19.28 33.22 28.98
CA GLY A 16 -18.68 31.99 28.52
C GLY A 16 -19.24 31.46 27.21
N ARG A 17 -19.62 30.20 27.22
CA ARG A 17 -20.17 29.53 26.06
C ARG A 17 -21.56 30.01 25.73
N TYR A 18 -21.99 29.76 24.50
CA TYR A 18 -23.31 30.14 24.06
C TYR A 18 -24.28 29.02 24.41
N ILE A 19 -25.36 29.36 25.08
CA ILE A 19 -26.41 28.42 25.45
C ILE A 19 -27.37 28.30 24.26
N VAL A 20 -27.44 27.10 23.69
CA VAL A 20 -28.27 26.86 22.52
C VAL A 20 -29.37 25.89 22.87
N LYS A 21 -30.61 26.31 22.66
CA LYS A 21 -31.77 25.46 22.87
C LYS A 21 -32.12 24.73 21.57
N PHE A 22 -32.17 23.40 21.60
CA PHE A 22 -32.56 22.60 20.44
C PHE A 22 -33.96 22.05 20.63
N THR A 23 -34.81 22.27 19.63
CA THR A 23 -36.20 21.83 19.65
C THR A 23 -36.56 21.07 18.37
N ARG A 24 -37.43 20.06 18.48
CA ARG A 24 -37.99 19.44 17.29
C ARG A 24 -39.40 18.98 17.58
N HIS A 25 -40.23 18.88 16.55
CA HIS A 25 -41.53 18.27 16.74
C HIS A 25 -41.34 16.79 17.14
N TRP A 26 -42.17 16.31 18.06
CA TRP A 26 -42.09 14.93 18.51
C TRP A 26 -43.23 14.09 17.92
N PRO A 27 -42.95 13.39 16.81
CA PRO A 27 -43.94 12.55 16.11
C PRO A 27 -44.45 11.48 17.06
N GLN A 28 -45.77 11.26 17.09
CA GLN A 28 -46.37 10.38 18.10
C GLN A 28 -45.81 8.96 18.11
N TYR A 29 -45.17 8.55 17.02
CA TYR A 29 -44.63 7.19 16.96
C TYR A 29 -43.22 7.09 17.54
N ALA A 30 -42.59 8.22 17.79
CA ALA A 30 -41.17 8.24 18.14
C ALA A 30 -40.92 7.79 19.58
N LYS A 31 -39.93 6.91 19.73
CA LYS A 31 -39.53 6.47 21.05
C LYS A 31 -38.35 7.31 21.53
N ASN A 32 -37.40 7.54 20.64
CA ASN A 32 -36.22 8.32 20.95
C ASN A 32 -35.87 9.25 19.81
N ILE A 33 -35.35 10.42 20.17
CA ILE A 33 -34.85 11.37 19.19
C ILE A 33 -33.47 11.81 19.63
N TYR A 34 -32.47 11.49 18.83
CA TYR A 34 -31.09 11.81 19.13
C TYR A 34 -30.69 13.12 18.46
N LEU A 35 -29.89 13.88 19.18
CA LEU A 35 -29.25 15.05 18.60
C LEU A 35 -27.86 14.61 18.17
N ILE A 36 -27.69 14.51 16.85
CA ILE A 36 -26.44 14.05 16.28
C ILE A 36 -25.73 15.23 15.63
N GLY A 37 -24.47 15.03 15.27
CA GLY A 37 -23.66 16.09 14.70
C GLY A 37 -22.31 16.22 15.38
N GLU A 38 -21.66 17.36 15.14
CA GLU A 38 -20.24 17.52 15.46
C GLU A 38 -19.95 17.93 16.89
N PHE A 39 -20.98 18.28 17.66
CA PHE A 39 -20.82 18.64 19.06
C PHE A 39 -21.50 17.65 20.01
N THR A 40 -22.04 16.56 19.46
CA THR A 40 -22.63 15.51 20.28
C THR A 40 -22.05 14.16 19.89
N SER A 41 -22.67 13.51 18.90
CA SER A 41 -22.05 12.38 18.23
C SER A 41 -22.70 12.19 16.86
N LEU A 42 -21.92 11.68 15.91
CA LEU A 42 -22.44 11.45 14.58
C LEU A 42 -23.21 10.12 14.59
N TYR A 43 -22.62 9.08 15.18
CA TYR A 43 -23.42 7.93 15.51
C TYR A 43 -24.31 8.35 16.68
N PRO A 44 -25.62 8.08 16.58
CA PRO A 44 -26.59 8.56 17.57
C PRO A 44 -26.40 8.00 18.97
N GLY A 45 -26.53 8.85 19.99
CA GLY A 45 -26.66 8.31 21.33
C GLY A 45 -26.12 9.15 22.45
N PHE A 46 -25.02 9.87 22.21
CA PHE A 46 -24.44 10.68 23.27
C PHE A 46 -25.46 11.61 23.87
N VAL A 47 -26.24 12.25 23.01
CA VAL A 47 -27.29 13.15 23.49
C VAL A 47 -28.70 12.89 22.93
N LYS A 48 -29.66 12.88 23.83
CA LYS A 48 -31.07 12.72 23.47
C LYS A 48 -31.89 13.98 23.73
N LEU A 49 -32.74 14.34 22.77
CA LEU A 49 -33.84 15.25 23.07
C LEU A 49 -34.76 14.60 24.09
N ARG A 50 -35.31 15.39 24.99
CA ARG A 50 -36.24 14.89 25.99
C ARG A 50 -37.63 15.44 25.67
N LYS A 51 -38.68 14.64 25.89
CA LYS A 51 -40.02 15.00 25.43
C LYS A 51 -40.86 15.78 26.45
N ILE A 52 -41.31 16.96 26.04
CA ILE A 52 -42.29 17.73 26.81
C ILE A 52 -43.37 18.18 25.82
N GLU A 53 -44.61 17.82 26.11
CA GLU A 53 -45.72 18.04 25.19
C GLU A 53 -45.46 17.36 23.85
N GLU A 54 -45.62 18.11 22.77
CA GLU A 54 -45.45 17.57 21.44
C GLU A 54 -44.07 17.85 20.82
N GLN A 55 -43.10 18.21 21.63
CA GLN A 55 -41.74 18.44 21.14
C GLN A 55 -40.63 17.86 22.00
N GLY A 56 -39.48 17.65 21.37
CA GLY A 56 -38.25 17.27 22.06
C GLY A 56 -37.31 18.45 22.23
N ILE A 57 -36.67 18.53 23.39
CA ILE A 57 -35.86 19.69 23.76
C ILE A 57 -34.55 19.27 24.42
N VAL A 58 -33.51 20.09 24.26
CA VAL A 58 -32.29 19.95 25.08
C VAL A 58 -31.47 21.24 24.98
N TYR A 59 -30.78 21.62 26.05
CA TYR A 59 -29.90 22.80 25.97
C TYR A 59 -28.44 22.37 25.99
N LEU A 60 -27.63 22.91 25.06
CA LEU A 60 -26.19 22.66 25.08
C LEU A 60 -25.39 23.97 25.23
N LYS A 61 -24.15 23.83 25.67
CA LYS A 61 -23.25 24.97 25.78
C LYS A 61 -22.15 24.81 24.75
N LEU A 62 -22.08 25.75 23.83
CA LEU A 62 -21.20 25.65 22.67
C LEU A 62 -20.36 26.90 22.42
N TRP A 63 -19.20 26.70 21.83
CA TRP A 63 -18.33 27.77 21.33
C TRP A 63 -18.75 28.26 19.93
N PRO A 64 -18.39 29.50 19.59
CA PRO A 64 -18.69 30.03 18.26
C PRO A 64 -18.13 29.13 17.17
N GLY A 65 -18.83 29.05 16.04
CA GLY A 65 -18.40 28.25 14.92
C GLY A 65 -19.55 27.75 14.04
N GLU A 66 -19.22 26.94 13.05
CA GLU A 66 -20.24 26.41 12.17
C GLU A 66 -20.18 24.91 12.26
N TYR A 67 -21.34 24.29 12.49
CA TYR A 67 -21.39 22.87 12.83
C TYR A 67 -22.50 22.14 12.08
N GLY A 68 -22.24 20.89 11.73
CA GLY A 68 -23.30 20.02 11.26
C GLY A 68 -24.06 19.34 12.39
N TYR A 69 -25.39 19.32 12.30
CA TYR A 69 -26.19 18.58 13.26
C TYR A 69 -27.45 18.05 12.63
N GLY A 70 -28.12 17.16 13.35
CA GLY A 70 -29.41 16.67 12.93
C GLY A 70 -30.12 15.94 14.06
N PHE A 71 -31.31 15.43 13.75
CA PHE A 71 -32.09 14.65 14.68
C PHE A 71 -32.35 13.25 14.10
N GLN A 72 -31.86 12.20 14.77
CA GLN A 72 -32.19 10.84 14.34
C GLN A 72 -33.35 10.29 15.17
N ILE A 73 -34.43 9.93 14.49
CA ILE A 73 -35.57 9.34 15.16
C ILE A 73 -35.39 7.83 15.17
N ASP A 74 -35.34 7.26 16.37
CA ASP A 74 -35.20 5.82 16.55
C ASP A 74 -34.15 5.19 15.64
N ASN A 75 -34.55 4.27 14.77
CA ASN A 75 -33.57 3.51 14.00
C ASN A 75 -33.44 3.95 12.55
N ASP A 76 -33.80 5.21 12.27
CA ASP A 76 -33.69 5.76 10.93
C ASP A 76 -32.36 6.50 10.78
N PHE A 77 -31.33 5.79 10.32
CA PHE A 77 -30.01 6.37 10.15
C PHE A 77 -29.90 7.34 8.95
N GLU A 78 -30.86 7.28 8.03
CA GLU A 78 -30.76 8.04 6.76
C GLU A 78 -31.24 9.48 6.85
N ASN A 79 -32.43 9.67 7.41
CA ASN A 79 -33.09 10.97 7.35
C ASN A 79 -32.94 11.77 8.64
N VAL A 80 -31.96 12.66 8.68
CA VAL A 80 -31.62 13.32 9.94
C VAL A 80 -31.64 14.83 9.91
N LEU A 81 -31.92 15.42 8.75
CA LEU A 81 -31.98 16.86 8.65
C LEU A 81 -32.97 17.43 9.65
N ASP A 82 -32.69 18.64 10.11
CA ASP A 82 -33.61 19.35 10.98
C ASP A 82 -34.70 20.00 10.13
N PRO A 83 -35.94 19.51 10.27
CA PRO A 83 -37.07 19.97 9.45
C PRO A 83 -37.28 21.48 9.48
N ASP A 84 -36.80 22.13 10.54
CA ASP A 84 -36.94 23.59 10.66
C ASP A 84 -35.80 24.36 10.02
N ASN A 85 -34.71 23.68 9.71
CA ASN A 85 -33.53 24.35 9.20
C ASN A 85 -33.39 24.08 7.71
N GLU A 86 -33.38 25.15 6.90
CA GLU A 86 -33.17 25.04 5.47
C GLU A 86 -31.70 24.95 5.09
N GLU A 87 -30.82 25.39 5.98
CA GLU A 87 -29.41 25.47 5.64
C GLU A 87 -28.68 24.14 5.88
N LYS A 88 -27.63 23.91 5.09
CA LYS A 88 -26.93 22.64 5.12
C LYS A 88 -25.41 22.79 5.21
N LYS A 89 -24.78 21.83 5.89
CA LYS A 89 -23.34 21.78 5.98
C LYS A 89 -22.95 20.34 5.72
N CYS A 90 -22.16 20.13 4.67
CA CYS A 90 -21.69 18.82 4.30
C CYS A 90 -20.35 18.57 4.97
N VAL A 91 -20.34 17.69 5.97
CA VAL A 91 -19.13 17.44 6.75
C VAL A 91 -18.43 16.17 6.30
N HIS A 92 -17.12 16.26 6.16
CA HIS A 92 -16.32 15.08 5.95
C HIS A 92 -16.33 14.22 7.21
N THR A 93 -16.67 12.94 7.05
CA THR A 93 -16.75 12.05 8.20
C THR A 93 -15.38 11.66 8.74
N SER A 94 -15.37 11.19 9.98
CA SER A 94 -14.13 10.95 10.69
C SER A 94 -13.30 9.76 10.18
N PHE A 95 -13.89 8.58 10.16
CA PHE A 95 -13.17 7.36 9.74
C PHE A 95 -12.78 7.41 8.26
N PHE A 96 -13.68 7.90 7.43
CA PHE A 96 -13.40 8.05 6.01
C PHE A 96 -13.66 9.49 5.56
N PRO A 97 -12.61 10.32 5.61
CA PRO A 97 -12.71 11.76 5.30
C PRO A 97 -12.97 12.07 3.83
N GLU A 98 -12.99 11.06 2.97
CA GLU A 98 -13.35 11.29 1.58
C GLU A 98 -14.86 11.50 1.50
N TYR A 99 -15.59 10.74 2.30
CA TYR A 99 -17.05 10.75 2.23
C TYR A 99 -17.64 11.92 3.02
N LYS A 100 -18.56 12.64 2.39
CA LYS A 100 -19.25 13.73 3.05
C LYS A 100 -20.62 13.24 3.49
N LYS A 101 -21.13 13.80 4.58
CA LYS A 101 -22.50 13.59 4.98
C LYS A 101 -23.12 14.97 5.09
N CYS A 102 -24.30 15.16 4.50
CA CYS A 102 -24.92 16.49 4.57
C CYS A 102 -25.86 16.60 5.75
N LEU A 103 -25.52 17.48 6.69
CA LEU A 103 -26.33 17.70 7.88
C LEU A 103 -26.87 19.12 7.84
N SER A 104 -27.68 19.48 8.82
CA SER A 104 -28.16 20.84 8.92
C SER A 104 -27.04 21.69 9.49
N LYS A 105 -27.09 23.00 9.22
CA LYS A 105 -26.03 23.93 9.62
C LYS A 105 -26.48 24.77 10.80
N LEU A 106 -25.70 24.67 11.89
CA LEU A 106 -25.84 25.59 13.02
C LEU A 106 -24.66 26.54 12.96
N VAL A 107 -24.93 27.82 13.02
CA VAL A 107 -23.82 28.75 13.12
C VAL A 107 -23.99 29.63 14.35
N ILE A 108 -22.92 29.72 15.13
CA ILE A 108 -22.86 30.61 16.27
C ILE A 108 -21.82 31.65 15.92
N LYS A 109 -22.26 32.89 15.75
CA LYS A 109 -21.39 33.97 15.29
C LYS A 109 -20.50 34.53 16.39
N GLU A 110 -19.25 34.82 16.03
CA GLU A 110 -18.38 35.62 16.87
C GLU A 110 -19.09 36.92 17.20
N PRO A 111 -18.81 37.47 18.40
CA PRO A 111 -19.36 38.77 18.83
C PRO A 111 -18.69 39.95 18.14
N ASP A 112 -19.42 41.07 18.03
CA ASP A 112 -18.90 42.28 17.39
C ASP A 112 -17.77 42.93 18.20
N ASN A 113 -18.07 43.24 19.47
CA ASN A 113 -17.11 43.76 20.43
C ASN A 113 -16.01 42.74 20.73
N PRO A 114 -14.78 43.01 20.25
CA PRO A 114 -13.62 42.14 20.52
C PRO A 114 -13.39 41.91 22.00
N LEU A 115 -13.77 42.87 22.84
CA LEU A 115 -13.71 42.71 24.28
C LEU A 115 -14.57 41.52 24.74
N ASP A 116 -15.66 41.27 24.03
CA ASP A 116 -16.49 40.10 24.31
C ASP A 116 -15.84 38.75 23.93
N LYS A 117 -14.67 38.81 23.30
CA LYS A 117 -14.02 37.56 22.88
C LYS A 117 -12.90 37.19 23.84
N ILE A 118 -12.80 37.90 24.94
CA ILE A 118 -11.83 37.53 25.96
C ILE A 118 -12.54 36.56 26.86
N ILE A 119 -11.96 35.38 27.07
CA ILE A 119 -12.62 34.35 27.87
C ILE A 119 -11.66 33.62 28.82
N HIS A 120 -12.04 33.57 30.10
CA HIS A 120 -11.46 32.62 31.05
C HIS A 120 -12.50 32.25 32.10
N ILE A 121 -12.96 31.01 32.09
CA ILE A 121 -14.03 30.58 32.97
C ILE A 121 -13.55 29.44 33.86
N GLU A 122 -14.24 29.18 34.97
CA GLU A 122 -13.80 28.14 35.90
C GLU A 122 -14.22 26.74 35.44
N GLU A 123 -13.46 26.19 34.51
CA GLU A 123 -13.68 24.85 34.00
C GLU A 123 -12.30 24.28 33.69
N SER A 124 -12.21 22.96 33.67
CA SER A 124 -10.91 22.28 33.64
C SER A 124 -9.99 22.67 32.48
N GLY A 125 -10.56 22.90 31.29
CA GLY A 125 -9.76 23.33 30.15
C GLY A 125 -9.06 24.67 30.39
N PHE A 126 -9.72 25.53 31.17
CA PHE A 126 -9.19 26.86 31.50
C PHE A 126 -8.32 26.93 32.77
N ILE A 127 -8.53 26.03 33.73
CA ILE A 127 -7.67 25.98 34.90
C ILE A 127 -7.61 24.58 35.51
N HIS A 128 -6.40 24.05 35.61
CA HIS A 128 -6.23 22.69 36.10
C HIS A 128 -4.82 22.52 36.63
N LYS A 129 -4.55 21.41 37.29
CA LYS A 129 -3.22 21.18 37.84
C LYS A 129 -2.54 19.99 37.18
N PHE A 130 -1.21 20.06 37.11
CA PHE A 130 -0.40 18.97 36.59
C PHE A 130 0.99 19.17 37.15
N ASN A 131 1.64 18.09 37.55
CA ASN A 131 3.06 18.15 37.94
C ASN A 131 3.33 19.17 39.05
N GLY A 132 2.40 19.32 39.98
CA GLY A 132 2.55 20.30 41.04
C GLY A 132 2.56 21.76 40.58
N GLU A 133 2.11 22.00 39.35
CA GLU A 133 1.91 23.36 38.84
C GLU A 133 0.45 23.58 38.43
N ILE A 134 0.05 24.83 38.24
CA ILE A 134 -1.29 25.18 37.79
C ILE A 134 -1.22 25.74 36.38
N ILE A 135 -2.07 25.22 35.51
CA ILE A 135 -2.19 25.65 34.13
C ILE A 135 -3.46 26.49 33.98
N ILE A 136 -3.27 27.70 33.48
CA ILE A 136 -4.32 28.69 33.31
C ILE A 136 -4.32 29.14 31.87
N ARG A 137 -5.50 29.30 31.30
CA ARG A 137 -5.60 29.67 29.89
C ARG A 137 -6.59 30.80 29.69
N LEU A 138 -6.16 31.73 28.86
CA LEU A 138 -6.98 32.88 28.50
C LEU A 138 -7.19 32.95 26.98
N ILE A 139 -8.46 32.98 26.56
CA ILE A 139 -8.74 33.17 25.15
C ILE A 139 -8.93 34.65 24.86
N ALA A 140 -8.25 35.17 23.84
CA ALA A 140 -8.39 36.58 23.44
C ALA A 140 -8.22 36.76 21.93
N PRO A 141 -8.82 37.82 21.36
CA PRO A 141 -8.65 38.05 19.92
C PRO A 141 -7.32 38.75 19.61
N THR A 142 -7.01 38.94 18.32
CA THR A 142 -5.74 39.54 17.90
C THR A 142 -5.66 41.03 18.20
N GLU A 143 -6.81 41.70 18.29
CA GLU A 143 -6.84 43.12 18.61
C GLU A 143 -6.47 43.37 20.06
N ILE A 144 -6.23 42.30 20.81
CA ILE A 144 -5.74 42.41 22.16
C ILE A 144 -4.25 42.10 22.14
N ASN A 145 -3.45 43.00 22.68
CA ASN A 145 -2.03 42.72 22.81
C ASN A 145 -1.80 41.60 23.83
N GLU A 146 -0.58 41.06 23.87
CA GLU A 146 -0.27 39.95 24.77
C GLU A 146 -0.60 40.34 26.19
N PRO A 147 -1.62 39.68 26.77
CA PRO A 147 -2.11 39.96 28.12
C PRO A 147 -1.20 39.32 29.15
N LEU A 148 -1.09 39.93 30.33
CA LEU A 148 -0.28 39.41 31.39
C LEU A 148 -1.17 38.81 32.45
N ILE A 149 -0.64 37.90 33.25
CA ILE A 149 -1.38 37.39 34.38
C ILE A 149 -0.89 38.05 35.67
N ASP A 150 -1.84 38.62 36.39
CA ASP A 150 -1.61 39.35 37.62
C ASP A 150 -1.98 38.40 38.75
N LEU A 151 -0.95 37.81 39.34
CA LEU A 151 -1.13 36.93 40.46
C LEU A 151 -1.23 37.86 41.65
N GLY A 152 -1.26 37.31 42.86
CA GLY A 152 -1.39 38.19 44.01
C GLY A 152 -0.24 39.18 44.00
N ASN A 153 0.96 38.63 44.07
CA ASN A 153 2.18 39.37 44.34
C ASN A 153 2.98 39.75 43.10
N GLU A 154 2.86 38.98 42.03
CA GLU A 154 3.68 39.21 40.84
C GLU A 154 2.87 39.31 39.56
N ILE A 155 3.55 39.66 38.47
CA ILE A 155 2.94 39.70 37.14
C ILE A 155 3.79 38.87 36.17
N ARG A 156 3.14 37.94 35.47
CA ARG A 156 3.84 37.04 34.57
C ARG A 156 3.32 37.12 33.15
N GLU A 157 4.15 36.70 32.21
CA GLU A 157 3.78 36.70 30.80
C GLU A 157 3.29 35.32 30.42
N PRO A 158 2.48 35.24 29.37
CA PRO A 158 2.07 33.93 28.88
C PRO A 158 3.30 33.17 28.44
N LEU A 159 3.38 31.90 28.85
CA LEU A 159 4.53 31.08 28.55
C LEU A 159 4.41 30.49 27.15
N THR A 160 3.19 30.31 26.66
CA THR A 160 2.96 29.93 25.26
C THR A 160 1.66 30.51 24.68
N LYS A 161 1.52 30.44 23.35
CA LYS A 161 0.30 30.89 22.66
C LYS A 161 -0.14 29.83 21.67
N HIS A 162 -1.45 29.60 21.60
CA HIS A 162 -2.02 28.61 20.68
C HIS A 162 -3.02 29.27 19.74
N VAL A 163 -2.74 29.22 18.44
CA VAL A 163 -3.67 29.81 17.49
C VAL A 163 -4.90 28.91 17.28
N VAL A 164 -6.07 29.51 17.41
CA VAL A 164 -7.31 28.79 17.18
C VAL A 164 -8.24 29.70 16.37
N GLY A 165 -8.30 29.46 15.06
CA GLY A 165 -9.01 30.32 14.14
C GLY A 165 -8.35 31.70 14.14
N ASP A 166 -9.16 32.73 14.37
CA ASP A 166 -8.60 34.08 14.53
C ASP A 166 -8.30 34.42 15.98
N ASN A 167 -8.64 33.49 16.88
CA ASN A 167 -8.39 33.67 18.32
C ASN A 167 -7.00 33.18 18.72
N ILE A 168 -6.53 33.71 19.85
CA ILE A 168 -5.31 33.19 20.46
C ILE A 168 -5.62 32.71 21.87
N VAL A 169 -5.11 31.53 22.23
CA VAL A 169 -5.21 31.05 23.60
C VAL A 169 -3.86 31.15 24.27
N TYR A 170 -3.73 32.10 25.18
CA TYR A 170 -2.51 32.26 25.92
C TYR A 170 -2.51 31.29 27.09
N GLN A 171 -1.38 30.65 27.31
CA GLN A 171 -1.28 29.72 28.41
C GLN A 171 -0.23 30.20 29.40
N TYR A 172 -0.65 30.34 30.65
CA TYR A 172 0.23 30.64 31.78
C TYR A 172 0.37 29.37 32.62
N ILE A 173 1.59 29.07 33.03
CA ILE A 173 1.87 27.97 33.95
C ILE A 173 2.57 28.50 35.19
N ILE A 174 2.00 28.22 36.37
CA ILE A 174 2.50 28.79 37.62
C ILE A 174 2.69 27.79 38.75
N PRO A 175 3.54 28.13 39.74
CA PRO A 175 3.69 27.22 40.89
C PRO A 175 2.39 27.14 41.67
N SER A 176 2.19 26.04 42.37
CA SER A 176 0.96 25.86 43.13
C SER A 176 0.99 26.59 44.47
N ARG A 177 -0.19 27.01 44.90
CA ARG A 177 -0.36 27.71 46.17
C ARG A 177 -1.70 27.30 46.80
N SER A 178 -1.87 27.62 48.07
CA SER A 178 -3.04 27.17 48.83
C SER A 178 -4.32 27.80 48.28
N ILE A 179 -4.45 29.10 48.43
CA ILE A 179 -5.45 29.86 47.70
C ILE A 179 -4.83 30.58 46.50
N LEU A 180 -5.62 30.72 45.43
CA LEU A 180 -5.09 31.18 44.15
C LEU A 180 -5.88 32.38 43.64
N ARG A 181 -5.17 33.48 43.39
CA ARG A 181 -5.82 34.74 43.06
C ARG A 181 -5.15 35.41 41.86
N TYR A 182 -5.92 35.60 40.79
CA TYR A 182 -5.35 36.00 39.50
C TYR A 182 -6.34 36.84 38.70
N ARG A 183 -5.81 37.74 37.89
CA ARG A 183 -6.63 38.46 36.91
C ARG A 183 -5.71 38.78 35.75
N PHE A 184 -6.22 39.39 34.70
CA PHE A 184 -5.39 39.59 33.51
C PHE A 184 -5.30 41.07 33.10
N ILE A 185 -4.14 41.47 32.61
CA ILE A 185 -3.94 42.86 32.25
C ILE A 185 -3.63 42.96 30.76
N PHE A 186 -4.33 43.84 30.07
CA PHE A 186 -4.06 43.98 28.65
C PHE A 186 -4.26 45.41 28.19
N ASN A 187 -3.81 45.73 26.98
CA ASN A 187 -4.03 47.05 26.41
C ASN A 187 -5.00 46.98 25.24
N TYR A 188 -5.94 47.92 25.20
CA TYR A 188 -6.94 47.92 24.15
C TYR A 188 -7.18 49.36 23.71
N ASN A 189 -7.11 49.57 22.39
CA ASN A 189 -7.10 50.91 21.83
C ASN A 189 -6.25 51.82 22.70
N ASP A 190 -5.01 51.40 22.93
CA ASP A 190 -4.04 52.20 23.66
C ASP A 190 -4.51 52.55 25.06
N LYS A 191 -5.30 51.66 25.65
CA LYS A 191 -5.81 51.84 27.00
C LYS A 191 -5.56 50.59 27.85
N LYS A 192 -5.35 50.81 29.15
CA LYS A 192 -4.98 49.75 30.09
C LYS A 192 -6.19 49.12 30.78
N LEU A 193 -6.62 47.95 30.31
CA LEU A 193 -7.79 47.26 30.83
C LEU A 193 -7.45 45.98 31.60
N PHE A 194 -8.43 45.46 32.34
CA PHE A 194 -8.30 44.21 33.10
C PHE A 194 -9.41 43.24 32.72
N TYR A 195 -9.07 41.94 32.76
CA TYR A 195 -10.05 40.87 32.76
C TYR A 195 -10.06 40.23 34.13
N GLY A 196 -11.14 40.44 34.87
CA GLY A 196 -11.23 39.92 36.23
C GLY A 196 -12.53 39.22 36.50
N ASP A 197 -12.98 39.25 37.75
CA ASP A 197 -14.14 38.45 38.15
C ASP A 197 -15.44 38.88 37.47
N GLU A 198 -15.67 40.17 37.35
CA GLU A 198 -16.88 40.68 36.70
C GLU A 198 -16.67 40.92 35.21
N GLY A 199 -15.53 40.50 34.70
CA GLY A 199 -15.23 40.62 33.29
C GLY A 199 -14.24 41.74 32.97
N VAL A 200 -14.44 42.36 31.82
CA VAL A 200 -13.57 43.41 31.33
C VAL A 200 -13.94 44.75 31.96
N SER A 201 -13.01 45.34 32.68
CA SER A 201 -13.21 46.69 33.16
C SER A 201 -11.87 47.32 33.45
N GLU A 202 -11.91 48.60 33.82
CA GLU A 202 -10.72 49.36 34.16
C GLU A 202 -10.06 48.86 35.43
N ASN A 203 -10.79 48.11 36.25
CA ASN A 203 -10.27 47.71 37.56
C ASN A 203 -10.86 46.41 38.12
N SER A 204 -11.02 45.41 37.26
CA SER A 204 -11.71 44.18 37.61
C SER A 204 -11.14 43.48 38.87
N SER A 205 -12.02 42.83 39.62
CA SER A 205 -11.62 42.16 40.83
C SER A 205 -10.79 40.94 40.48
N TYR A 206 -9.97 40.48 41.43
CA TYR A 206 -9.29 39.20 41.29
C TYR A 206 -10.29 38.05 41.23
N ILE A 207 -9.96 37.06 40.42
CA ILE A 207 -10.67 35.78 40.43
C ILE A 207 -9.98 34.93 41.48
N VAL A 208 -10.78 34.29 42.33
CA VAL A 208 -10.22 33.54 43.45
C VAL A 208 -10.64 32.08 43.42
N VAL A 209 -9.67 31.17 43.42
CA VAL A 209 -9.96 29.74 43.42
C VAL A 209 -9.16 28.99 44.48
N ASN A 210 -9.86 28.20 45.30
CA ASN A 210 -9.23 27.32 46.25
C ASN A 210 -8.63 26.08 45.56
N SER A 211 -7.31 25.93 45.65
CA SER A 211 -6.62 24.84 44.97
C SER A 211 -7.22 23.47 45.29
N LYS A 212 -7.92 23.38 46.41
CA LYS A 212 -8.69 22.19 46.74
C LYS A 212 -9.56 21.76 45.54
N TYR A 213 -10.16 22.72 44.86
CA TYR A 213 -11.17 22.43 43.88
C TYR A 213 -10.64 22.44 42.44
N ILE A 214 -9.34 22.65 42.27
CA ILE A 214 -8.75 22.63 40.94
C ILE A 214 -8.53 21.17 40.54
N PRO A 215 -9.18 20.72 39.46
CA PRO A 215 -9.06 19.33 39.01
C PRO A 215 -7.67 19.07 38.45
N GLY A 216 -7.20 17.84 38.60
CA GLY A 216 -5.93 17.44 38.06
C GLY A 216 -5.17 16.48 38.93
N VAL A 217 -3.89 16.29 38.62
CA VAL A 217 -3.06 15.33 39.32
C VAL A 217 -1.69 15.95 39.57
N ASP A 218 -0.93 15.38 40.48
CA ASP A 218 0.44 15.78 40.65
C ASP A 218 1.31 14.94 39.72
N LYS A 219 1.63 13.72 40.15
CA LYS A 219 2.32 12.76 39.30
C LYS A 219 1.33 12.11 38.35
N PRO A 220 1.63 12.15 37.05
CA PRO A 220 0.73 11.58 36.04
C PRO A 220 0.47 10.08 36.21
N ARG A 221 -0.77 9.67 35.92
CA ARG A 221 -1.13 8.26 35.91
C ARG A 221 -0.40 7.56 34.77
N TRP A 222 -0.28 6.23 34.85
CA TRP A 222 0.35 5.44 33.80
C TRP A 222 -0.25 5.72 32.41
N TYR A 223 -1.56 5.96 32.35
CA TYR A 223 -2.24 6.16 31.08
C TYR A 223 -2.12 7.58 30.56
N MET A 224 -1.59 8.48 31.38
CA MET A 224 -1.40 9.84 30.92
C MET A 224 -0.10 9.94 30.16
N GLY A 225 -0.11 9.38 28.95
CA GLY A 225 1.08 9.29 28.13
C GLY A 225 1.65 7.89 28.22
N THR A 226 1.21 7.02 27.30
CA THR A 226 1.64 5.63 27.21
C THR A 226 1.64 5.21 25.73
N VAL A 227 2.45 4.20 25.41
CA VAL A 227 2.53 3.67 24.05
C VAL A 227 1.61 2.45 23.90
N TYR A 228 0.56 2.62 23.10
CA TYR A 228 -0.40 1.54 22.83
C TYR A 228 0.01 0.62 21.68
N TYR A 229 -0.52 -0.61 21.74
CA TYR A 229 -0.37 -1.61 20.70
C TYR A 229 -1.70 -2.32 20.57
N GLN A 230 -2.41 -2.13 19.46
CA GLN A 230 -3.69 -2.80 19.31
C GLN A 230 -3.50 -4.14 18.62
N ILE A 231 -4.01 -5.20 19.22
CA ILE A 231 -3.95 -6.50 18.58
C ILE A 231 -5.35 -6.99 18.28
N PHE A 232 -5.60 -7.28 16.99
CA PHE A 232 -6.82 -7.95 16.57
C PHE A 232 -6.51 -9.42 16.74
N ILE A 233 -7.02 -9.99 17.83
CA ILE A 233 -6.49 -11.25 18.32
C ILE A 233 -6.57 -12.40 17.31
N ASP A 234 -7.65 -12.47 16.54
CA ASP A 234 -7.83 -13.58 15.60
C ASP A 234 -6.71 -13.65 14.57
N SER A 235 -6.06 -12.52 14.31
CA SER A 235 -5.10 -12.43 13.23
C SER A 235 -3.66 -12.38 13.71
N PHE A 236 -3.43 -12.42 15.02
CA PHE A 236 -2.08 -12.26 15.52
C PHE A 236 -1.25 -13.54 15.40
N ASP A 237 -1.75 -14.64 15.96
CA ASP A 237 -1.11 -15.94 15.80
C ASP A 237 -1.82 -17.09 16.54
N ASN A 238 -1.66 -18.30 16.00
CA ASN A 238 -2.11 -19.52 16.67
C ASN A 238 -1.01 -20.09 17.53
N GLY A 239 -1.21 -20.10 18.83
CA GLY A 239 -0.26 -20.73 19.73
C GLY A 239 -0.66 -22.15 20.09
N ASP A 240 -1.95 -22.45 20.01
CA ASP A 240 -2.45 -23.74 20.49
C ASP A 240 -3.21 -24.51 19.43
N PRO A 241 -2.60 -25.58 18.92
CA PRO A 241 -3.17 -26.51 17.93
C PRO A 241 -4.56 -27.00 18.31
N ASN A 242 -4.82 -27.11 19.61
CA ASN A 242 -6.12 -27.57 20.10
C ASN A 242 -7.10 -26.42 20.29
N ASN A 243 -6.77 -25.27 19.73
CA ASN A 243 -7.63 -24.10 19.84
C ASN A 243 -8.22 -23.68 18.49
N ASP A 244 -7.75 -24.33 17.42
CA ASP A 244 -8.23 -24.04 16.08
C ASP A 244 -9.72 -24.35 15.95
N PRO A 245 -10.42 -23.54 15.16
CA PRO A 245 -11.86 -23.74 14.95
C PRO A 245 -12.15 -24.49 13.65
N PRO A 246 -13.42 -24.71 13.37
CA PRO A 246 -13.82 -25.44 12.15
C PRO A 246 -13.70 -24.56 10.91
N ASN A 247 -12.89 -24.99 9.94
CA ASN A 247 -12.70 -24.24 8.72
C ASN A 247 -12.04 -22.89 8.96
N ARG A 248 -10.76 -22.79 8.64
CA ARG A 248 -10.01 -21.54 8.83
C ARG A 248 -9.74 -20.85 7.50
N ILE A 249 -9.89 -19.54 7.50
CA ILE A 249 -9.59 -18.78 6.33
C ILE A 249 -8.17 -19.08 5.94
N LYS A 250 -7.80 -18.52 4.82
CA LYS A 250 -6.57 -18.79 4.15
C LYS A 250 -5.87 -17.47 4.00
N LYS A 251 -4.58 -17.46 4.27
CA LYS A 251 -3.82 -16.23 4.22
C LYS A 251 -3.90 -15.62 2.85
N THR A 252 -4.89 -16.02 2.05
CA THR A 252 -4.94 -15.38 0.74
C THR A 252 -4.88 -13.91 1.06
N VAL A 253 -4.49 -13.09 0.11
CA VAL A 253 -4.32 -11.73 0.46
C VAL A 253 -5.54 -10.93 0.74
N PRO A 254 -6.54 -10.94 -0.15
CA PRO A 254 -7.77 -10.21 0.15
C PRO A 254 -8.43 -10.88 1.34
N ARG A 255 -8.08 -10.45 2.55
CA ARG A 255 -8.30 -11.32 3.70
C ARG A 255 -9.76 -11.63 3.65
N GLU A 256 -10.10 -12.88 3.77
CA GLU A 256 -11.49 -13.23 3.70
C GLU A 256 -12.17 -12.95 5.02
N TYR A 257 -13.48 -13.03 5.03
CA TYR A 257 -14.21 -12.94 6.27
C TYR A 257 -14.19 -14.28 7.00
N GLY A 258 -14.05 -14.25 8.33
CA GLY A 258 -14.02 -15.47 9.12
C GLY A 258 -12.79 -15.71 10.00
N TYR A 259 -12.70 -16.90 10.59
CA TYR A 259 -11.66 -17.23 11.58
C TYR A 259 -10.30 -17.62 11.00
N TYR A 260 -9.25 -16.95 11.43
CA TYR A 260 -7.89 -17.37 11.10
C TYR A 260 -7.31 -18.22 12.25
N GLY A 261 -7.86 -18.07 13.44
CA GLY A 261 -7.51 -18.95 14.54
C GLY A 261 -6.55 -18.41 15.58
N GLY A 262 -6.18 -17.13 15.48
CA GLY A 262 -5.31 -16.52 16.47
C GLY A 262 -5.90 -16.66 17.87
N ASP A 263 -5.04 -16.95 18.86
CA ASP A 263 -5.48 -17.13 20.25
C ASP A 263 -4.55 -16.47 21.29
N LEU A 264 -4.85 -16.68 22.57
CA LEU A 264 -4.12 -16.00 23.66
C LEU A 264 -2.68 -16.49 23.77
N ALA A 265 -2.53 -17.80 23.64
CA ALA A 265 -1.22 -18.41 23.52
C ALA A 265 -0.44 -17.71 22.40
N GLY A 266 -1.09 -17.47 21.27
CA GLY A 266 -0.41 -16.86 20.14
C GLY A 266 0.24 -15.53 20.50
N ILE A 267 -0.45 -14.72 21.28
CA ILE A 267 0.13 -13.45 21.71
C ILE A 267 1.29 -13.73 22.66
N MET A 268 1.03 -14.65 23.58
CA MET A 268 1.96 -14.96 24.64
C MET A 268 3.30 -15.43 24.08
N LYS A 269 3.27 -16.13 22.95
CA LYS A 269 4.49 -16.63 22.33
C LYS A 269 5.24 -15.52 21.59
N HIS A 270 4.62 -14.36 21.45
CA HIS A 270 5.28 -13.23 20.79
C HIS A 270 5.51 -12.04 21.74
N ILE A 271 5.34 -12.31 23.03
CA ILE A 271 5.82 -11.35 24.02
C ILE A 271 7.19 -10.77 23.61
N ASP A 272 8.09 -11.64 23.17
CA ASP A 272 9.43 -11.19 22.75
C ASP A 272 9.42 -10.03 21.74
N HIS A 273 8.50 -10.09 20.78
CA HIS A 273 8.35 -9.03 19.78
C HIS A 273 7.75 -7.77 20.41
N LEU A 274 6.75 -7.97 21.28
CA LEU A 274 6.19 -6.82 21.99
C LEU A 274 7.31 -6.06 22.70
N GLU A 275 8.13 -6.81 23.42
CA GLU A 275 9.22 -6.24 24.20
C GLU A 275 10.23 -5.54 23.30
N ASP A 276 10.64 -6.20 22.21
CA ASP A 276 11.63 -5.61 21.32
C ASP A 276 11.13 -4.32 20.72
N LEU A 277 9.83 -4.29 20.39
CA LEU A 277 9.25 -3.09 19.82
C LEU A 277 9.18 -1.97 20.86
N GLY A 278 8.88 -2.35 22.10
CA GLY A 278 8.86 -1.39 23.20
C GLY A 278 7.49 -0.84 23.60
N VAL A 279 6.41 -1.48 23.15
CA VAL A 279 5.08 -1.02 23.53
C VAL A 279 4.82 -1.19 25.04
N GLU A 280 3.98 -0.34 25.60
CA GLU A 280 3.77 -0.36 27.05
C GLU A 280 2.41 -0.88 27.45
N THR A 281 1.42 -0.66 26.57
CA THR A 281 0.05 -1.01 26.86
C THR A 281 -0.54 -1.69 25.63
N ILE A 282 -1.09 -2.87 25.83
CA ILE A 282 -1.69 -3.65 24.76
C ILE A 282 -3.21 -3.58 24.85
N TYR A 283 -3.82 -3.05 23.79
CA TYR A 283 -5.28 -3.02 23.65
C TYR A 283 -5.73 -4.22 22.81
N LEU A 284 -6.59 -5.05 23.40
CA LEU A 284 -7.08 -6.28 22.78
C LEU A 284 -8.50 -6.15 22.24
N THR A 285 -8.67 -6.62 21.01
CA THR A 285 -9.97 -6.85 20.38
C THR A 285 -10.81 -7.71 21.31
N PRO A 286 -12.14 -7.65 21.20
CA PRO A 286 -12.96 -8.39 22.17
C PRO A 286 -12.56 -9.87 22.25
N ILE A 287 -12.53 -10.40 23.45
CA ILE A 287 -12.14 -11.79 23.61
C ILE A 287 -13.26 -12.58 24.25
N PHE A 288 -14.42 -11.94 24.39
CA PHE A 288 -15.56 -12.59 25.03
C PHE A 288 -16.33 -13.51 24.09
N SER A 289 -17.07 -14.42 24.71
CA SER A 289 -18.00 -15.30 24.05
C SER A 289 -18.77 -14.58 22.97
N SER A 290 -18.76 -15.15 21.76
CA SER A 290 -19.35 -14.50 20.60
C SER A 290 -19.62 -15.52 19.49
N THR A 291 -20.19 -15.07 18.37
CA THR A 291 -20.41 -15.98 17.24
C THR A 291 -19.63 -15.61 15.96
N SER A 292 -18.74 -14.63 16.07
CA SER A 292 -17.97 -14.20 14.90
C SER A 292 -16.48 -14.08 15.19
N TYR A 293 -15.67 -14.06 14.12
CA TYR A 293 -14.22 -13.99 14.24
C TYR A 293 -13.79 -12.64 14.83
N HIS A 294 -14.60 -11.61 14.59
CA HIS A 294 -14.31 -10.26 15.09
C HIS A 294 -14.75 -10.07 16.55
N ARG A 295 -15.81 -10.76 16.95
CA ARG A 295 -16.25 -10.84 18.35
C ARG A 295 -16.89 -9.57 18.92
N TYR A 296 -17.40 -8.71 18.05
CA TYR A 296 -18.09 -7.49 18.51
C TYR A 296 -19.57 -7.73 18.80
N ASP A 297 -19.98 -9.00 18.72
CA ASP A 297 -21.33 -9.39 19.16
C ASP A 297 -21.22 -10.37 20.33
N THR A 298 -20.97 -9.85 21.51
CA THR A 298 -20.71 -10.73 22.67
C THR A 298 -21.96 -11.32 23.35
N ILE A 299 -21.86 -12.61 23.66
CA ILE A 299 -22.92 -13.37 24.28
C ILE A 299 -22.85 -13.26 25.81
N ASP A 300 -21.63 -13.40 26.31
CA ASP A 300 -21.40 -13.50 27.75
C ASP A 300 -20.12 -12.74 28.06
N TYR A 301 -20.28 -11.63 28.75
CA TYR A 301 -19.16 -10.74 29.09
C TYR A 301 -18.22 -11.31 30.14
N LYS A 302 -18.55 -12.47 30.69
CA LYS A 302 -17.73 -13.10 31.73
C LYS A 302 -17.13 -14.46 31.31
N SER A 303 -17.07 -14.72 30.02
CA SER A 303 -16.40 -15.94 29.57
C SER A 303 -15.52 -15.68 28.35
N ILE A 304 -14.31 -16.25 28.36
CA ILE A 304 -13.41 -16.21 27.22
C ILE A 304 -13.99 -17.04 26.06
N ASP A 305 -13.95 -16.49 24.86
CA ASP A 305 -14.38 -17.25 23.69
C ASP A 305 -13.58 -18.56 23.57
N LYS A 306 -14.27 -19.67 23.32
CA LYS A 306 -13.65 -20.99 23.30
C LYS A 306 -12.40 -21.09 22.40
N TYR A 307 -12.47 -20.51 21.22
CA TYR A 307 -11.35 -20.61 20.27
C TYR A 307 -10.12 -19.85 20.74
N LEU A 308 -10.28 -19.04 21.78
CA LEU A 308 -9.19 -18.21 22.27
C LEU A 308 -8.38 -18.89 23.35
N GLY A 309 -8.99 -19.83 24.04
CA GLY A 309 -8.34 -20.44 25.20
C GLY A 309 -9.23 -20.38 26.43
N THR A 310 -8.66 -20.74 27.57
CA THR A 310 -9.40 -20.79 28.82
C THR A 310 -9.07 -19.55 29.65
N MET A 311 -9.82 -19.38 30.73
CA MET A 311 -9.53 -18.34 31.71
C MET A 311 -8.07 -18.46 32.17
N GLU A 312 -7.58 -19.68 32.24
CA GLU A 312 -6.19 -19.91 32.65
C GLU A 312 -5.16 -19.40 31.62
N ASP A 313 -5.42 -19.65 30.33
CA ASP A 313 -4.56 -19.11 29.28
C ASP A 313 -4.51 -17.59 29.43
N PHE A 314 -5.68 -17.02 29.69
CA PHE A 314 -5.79 -15.58 29.82
C PHE A 314 -4.97 -15.01 30.97
N GLU A 315 -5.14 -15.60 32.15
CA GLU A 315 -4.41 -15.17 33.33
C GLU A 315 -2.90 -15.34 33.15
N LYS A 316 -2.49 -16.43 32.50
CA LYS A 316 -1.08 -16.65 32.19
C LYS A 316 -0.55 -15.50 31.34
N LEU A 317 -1.28 -15.19 30.27
CA LEU A 317 -0.95 -14.04 29.43
C LEU A 317 -0.79 -12.77 30.25
N VAL A 318 -1.83 -12.42 31.01
CA VAL A 318 -1.79 -11.21 31.81
C VAL A 318 -0.53 -11.19 32.67
N GLN A 319 -0.21 -12.32 33.28
CA GLN A 319 0.93 -12.46 34.17
C GLN A 319 2.26 -12.19 33.49
N VAL A 320 2.48 -12.84 32.35
CA VAL A 320 3.69 -12.61 31.56
C VAL A 320 3.81 -11.14 31.15
N LEU A 321 2.73 -10.60 30.61
CA LEU A 321 2.71 -9.20 30.25
C LEU A 321 3.11 -8.32 31.45
N HIS A 322 2.49 -8.52 32.59
CA HIS A 322 2.82 -7.70 33.76
C HIS A 322 4.27 -7.89 34.18
N SER A 323 4.79 -9.10 34.06
CA SER A 323 6.17 -9.36 34.43
C SER A 323 7.16 -8.63 33.51
N ARG A 324 6.72 -8.30 32.29
CA ARG A 324 7.53 -7.45 31.43
C ARG A 324 7.14 -5.97 31.56
N LYS A 325 6.35 -5.62 32.56
CA LYS A 325 5.89 -4.23 32.69
C LYS A 325 5.09 -3.79 31.46
N ILE A 326 4.21 -4.66 30.99
CA ILE A 326 3.29 -4.31 29.92
C ILE A 326 1.86 -4.47 30.46
N LYS A 327 1.00 -3.50 30.23
CA LYS A 327 -0.37 -3.58 30.73
C LYS A 327 -1.34 -4.07 29.64
N ILE A 328 -2.55 -4.39 30.06
CA ILE A 328 -3.53 -4.95 29.14
C ILE A 328 -4.89 -4.26 29.32
N VAL A 329 -5.47 -3.85 28.18
CA VAL A 329 -6.78 -3.23 28.11
C VAL A 329 -7.68 -4.11 27.24
N LEU A 330 -8.87 -4.42 27.74
CA LEU A 330 -9.79 -5.22 26.94
C LEU A 330 -10.87 -4.38 26.26
N ASP A 331 -11.24 -4.78 25.04
CA ASP A 331 -12.31 -4.13 24.27
C ASP A 331 -13.64 -4.65 24.81
N ILE A 332 -14.57 -3.75 25.14
CA ILE A 332 -15.86 -4.18 25.69
C ILE A 332 -17.04 -3.44 25.07
N THR A 333 -18.07 -4.20 24.73
CA THR A 333 -19.20 -3.66 23.97
C THR A 333 -20.34 -3.25 24.89
N MET A 334 -20.20 -2.08 25.50
CA MET A 334 -21.22 -1.59 26.44
C MET A 334 -22.42 -0.95 25.74
N HIS A 335 -22.36 -0.88 24.43
CA HIS A 335 -23.47 -0.31 23.67
C HIS A 335 -24.51 -1.37 23.31
N HIS A 336 -24.04 -2.57 22.96
CA HIS A 336 -24.92 -3.59 22.42
C HIS A 336 -24.39 -4.98 22.68
N THR A 337 -25.27 -5.97 22.54
CA THR A 337 -24.93 -7.36 22.84
C THR A 337 -25.60 -8.35 21.87
N ASN A 338 -25.09 -9.57 21.81
CA ASN A 338 -25.69 -10.63 20.99
C ASN A 338 -27.00 -11.01 21.65
N PRO A 339 -28.08 -11.14 20.87
CA PRO A 339 -29.41 -11.54 21.39
C PRO A 339 -29.40 -12.84 22.20
N CYS A 340 -28.37 -13.67 22.01
CA CYS A 340 -28.18 -14.87 22.82
C CYS A 340 -27.83 -14.56 24.27
N ASN A 341 -27.47 -13.30 24.55
CA ASN A 341 -27.24 -12.84 25.92
C ASN A 341 -28.40 -13.26 26.84
N GLU A 342 -28.08 -13.88 27.96
CA GLU A 342 -29.09 -14.27 28.94
C GLU A 342 -30.19 -13.22 29.18
N LEU A 343 -29.80 -11.95 29.37
CA LEU A 343 -30.74 -10.86 29.61
C LEU A 343 -31.74 -10.65 28.46
N PHE A 344 -31.27 -10.82 27.24
CA PHE A 344 -32.11 -10.58 26.07
C PHE A 344 -33.08 -11.75 25.92
N VAL A 345 -32.59 -12.95 26.17
CA VAL A 345 -33.44 -14.12 26.08
C VAL A 345 -34.56 -14.00 27.12
N LYS A 346 -34.20 -13.58 28.35
CA LYS A 346 -35.22 -13.35 29.38
C LYS A 346 -36.17 -12.22 29.02
N ALA A 347 -35.65 -11.16 28.39
CA ALA A 347 -36.50 -10.03 28.05
C ALA A 347 -37.55 -10.50 27.06
N LEU A 348 -37.11 -11.29 26.08
CA LEU A 348 -38.03 -11.86 25.11
C LEU A 348 -39.07 -12.77 25.79
N ARG A 349 -38.60 -13.70 26.61
CA ARG A 349 -39.49 -14.57 27.42
C ARG A 349 -40.57 -13.80 28.17
N GLU A 350 -40.14 -12.83 28.97
CA GLU A 350 -41.02 -12.18 29.94
C GLU A 350 -41.93 -11.15 29.31
N GLY A 351 -41.53 -10.62 28.16
CA GLY A 351 -42.32 -9.64 27.44
C GLY A 351 -42.22 -8.24 28.01
N GLU A 352 -42.78 -7.26 27.31
CA GLU A 352 -42.74 -5.88 27.79
C GLU A 352 -43.55 -5.85 29.06
N ASN A 353 -43.32 -4.83 29.89
CA ASN A 353 -43.87 -4.77 31.24
C ASN A 353 -42.95 -5.46 32.25
N SER A 354 -41.87 -6.07 31.75
CA SER A 354 -40.90 -6.72 32.62
C SER A 354 -39.67 -5.84 32.83
N PRO A 355 -39.04 -5.96 34.01
CA PRO A 355 -37.80 -5.21 34.23
C PRO A 355 -36.72 -5.72 33.30
N TYR A 356 -36.89 -6.95 32.82
CA TYR A 356 -35.96 -7.50 31.86
C TYR A 356 -36.05 -6.84 30.48
N TRP A 357 -37.28 -6.59 30.05
CA TRP A 357 -37.57 -5.82 28.86
C TRP A 357 -36.83 -4.49 28.91
N GLU A 358 -36.89 -3.82 30.05
CA GLU A 358 -36.32 -2.48 30.20
C GLU A 358 -34.80 -2.41 30.18
N MET A 359 -34.13 -3.55 30.12
CA MET A 359 -32.67 -3.54 29.96
C MET A 359 -32.22 -3.19 28.53
N PHE A 360 -33.15 -3.19 27.59
CA PHE A 360 -32.83 -2.95 26.20
C PHE A 360 -33.76 -1.88 25.65
N SER A 361 -33.42 -1.38 24.47
CA SER A 361 -34.23 -0.33 23.85
C SER A 361 -35.15 -0.94 22.82
N PHE A 362 -36.15 -1.67 23.29
CA PHE A 362 -37.12 -2.26 22.38
C PHE A 362 -37.95 -1.17 21.75
N LEU A 363 -38.33 -1.41 20.50
CA LEU A 363 -39.10 -0.43 19.76
C LEU A 363 -40.59 -0.69 19.93
N SER A 364 -41.11 -1.66 19.20
CA SER A 364 -42.53 -1.99 19.30
C SER A 364 -42.72 -3.49 19.26
N PRO A 365 -43.53 -4.03 20.18
CA PRO A 365 -43.64 -5.49 20.29
C PRO A 365 -44.13 -6.09 18.99
N PRO A 366 -43.36 -7.01 18.41
CA PRO A 366 -43.69 -7.70 17.16
C PRO A 366 -44.64 -8.87 17.38
N PRO A 367 -45.02 -9.59 16.31
CA PRO A 367 -45.88 -10.75 16.50
C PRO A 367 -45.21 -11.89 17.29
N LYS A 368 -46.03 -12.72 17.91
CA LYS A 368 -45.56 -13.77 18.82
C LYS A 368 -44.80 -14.87 18.10
N GLU A 369 -45.25 -15.21 16.90
CA GLU A 369 -44.57 -16.21 16.08
C GLU A 369 -43.12 -15.79 15.87
N ILE A 370 -42.89 -14.50 15.69
CA ILE A 370 -41.55 -13.99 15.51
C ILE A 370 -40.68 -14.23 16.76
N VAL A 371 -41.17 -13.81 17.93
CA VAL A 371 -40.41 -13.99 19.17
C VAL A 371 -40.11 -15.47 19.41
N GLU A 372 -41.09 -16.35 19.16
CA GLU A 372 -40.91 -17.78 19.39
C GLU A 372 -39.86 -18.32 18.43
N LEU A 373 -39.91 -17.81 17.21
CA LEU A 373 -38.94 -18.17 16.19
C LEU A 373 -37.52 -17.78 16.64
N MET A 374 -37.30 -16.50 16.92
CA MET A 374 -36.01 -16.03 17.41
C MET A 374 -35.53 -16.84 18.62
N LEU A 375 -36.43 -17.02 19.59
CA LEU A 375 -36.13 -17.80 20.79
C LEU A 375 -35.64 -19.19 20.44
N LYS A 376 -36.19 -19.77 19.38
CA LYS A 376 -35.68 -21.06 18.88
C LYS A 376 -34.17 -21.01 18.57
N TYR A 377 -33.69 -19.87 18.06
CA TYR A 377 -32.28 -19.78 17.66
C TYR A 377 -31.34 -19.15 18.68
N ILE A 378 -31.89 -18.44 19.67
CA ILE A 378 -31.05 -17.69 20.60
C ILE A 378 -30.98 -18.29 22.00
N ASP A 379 -31.98 -19.10 22.34
CA ASP A 379 -31.93 -19.83 23.60
C ASP A 379 -31.40 -21.21 23.26
N GLY A 380 -30.47 -21.69 24.08
CA GLY A 380 -29.86 -22.97 23.82
C GLY A 380 -28.48 -23.03 24.44
N GLU A 381 -28.03 -24.25 24.71
CA GLU A 381 -26.69 -24.47 25.23
C GLU A 381 -25.71 -23.91 24.24
N GLU A 382 -26.11 -23.89 22.97
CA GLU A 382 -25.30 -23.30 21.92
C GLU A 382 -26.07 -22.13 21.31
N CYS A 383 -25.40 -21.00 21.14
CA CYS A 383 -25.99 -19.84 20.50
C CYS A 383 -26.05 -20.06 18.99
N ARG A 384 -27.26 -20.02 18.43
CA ARG A 384 -27.44 -20.19 16.99
C ARG A 384 -28.07 -18.96 16.35
N SER A 385 -27.74 -17.79 16.88
CA SER A 385 -28.32 -16.54 16.37
C SER A 385 -27.88 -16.17 14.94
N ARG A 386 -26.67 -16.59 14.55
CA ARG A 386 -26.23 -16.44 13.15
C ARG A 386 -27.22 -17.09 12.18
N GLU A 387 -27.74 -18.24 12.57
CA GLU A 387 -28.68 -18.98 11.76
C GLU A 387 -29.93 -18.15 11.47
N LEU A 388 -30.10 -17.06 12.21
CA LEU A 388 -31.24 -16.17 11.99
C LEU A 388 -31.22 -15.67 10.55
N TYR A 389 -30.01 -15.47 10.03
CA TYR A 389 -29.85 -14.94 8.67
C TYR A 389 -30.23 -15.93 7.58
N LYS A 390 -30.40 -17.20 7.94
CA LYS A 390 -30.86 -18.19 6.97
C LYS A 390 -32.35 -17.97 6.69
N LEU A 391 -33.03 -17.32 7.63
CA LEU A 391 -34.47 -17.08 7.53
C LEU A 391 -34.75 -15.79 6.78
N ASP A 392 -35.90 -15.73 6.12
CA ASP A 392 -36.26 -14.62 5.24
C ASP A 392 -36.60 -13.35 6.02
N TYR A 393 -37.43 -13.50 7.04
CA TYR A 393 -37.86 -12.36 7.86
C TYR A 393 -36.69 -11.57 8.41
N PHE A 394 -35.70 -12.27 8.95
CA PHE A 394 -34.57 -11.60 9.59
C PHE A 394 -33.66 -10.88 8.60
N ARG A 395 -33.47 -11.44 7.41
CA ARG A 395 -32.75 -10.72 6.38
C ARG A 395 -33.58 -9.58 5.77
N ASN A 396 -34.91 -9.64 5.92
CA ASN A 396 -35.79 -8.69 5.26
C ASN A 396 -36.26 -7.49 6.09
N ASN A 397 -36.50 -7.71 7.38
CA ASN A 397 -36.98 -6.65 8.25
C ASN A 397 -35.92 -6.14 9.21
N LYS A 398 -36.04 -4.88 9.60
CA LYS A 398 -35.18 -4.32 10.65
C LYS A 398 -35.57 -4.92 11.99
N PRO A 399 -34.61 -4.98 12.93
CA PRO A 399 -34.94 -5.45 14.29
C PRO A 399 -36.06 -4.65 14.91
N PHE A 400 -36.84 -5.31 15.77
CA PHE A 400 -37.92 -4.65 16.50
C PHE A 400 -37.38 -4.01 17.78
N TYR A 401 -36.06 -4.00 17.90
CA TYR A 401 -35.35 -3.20 18.91
C TYR A 401 -34.28 -2.37 18.24
N GLU A 402 -33.84 -1.31 18.93
CA GLU A 402 -32.66 -0.57 18.50
C GLU A 402 -31.43 -1.44 18.54
N ALA A 403 -30.54 -1.22 17.57
CA ALA A 403 -29.36 -2.05 17.38
C ALA A 403 -28.31 -1.32 16.53
N PHE A 404 -27.04 -1.72 16.66
CA PHE A 404 -25.94 -1.06 15.96
C PHE A 404 -26.19 -1.12 14.45
N PHE A 405 -26.43 0.04 13.84
CA PHE A 405 -26.84 0.07 12.43
C PHE A 405 -27.89 -1.02 12.10
N ASN A 406 -28.90 -1.16 12.95
CA ASN A 406 -30.00 -2.12 12.74
C ASN A 406 -29.56 -3.57 12.44
N ILE A 407 -28.49 -4.01 13.08
CA ILE A 407 -27.99 -5.36 12.91
C ILE A 407 -28.56 -6.27 14.00
N TRP A 408 -29.23 -7.34 13.60
CA TRP A 408 -30.01 -8.16 14.52
C TRP A 408 -29.16 -8.66 15.67
N LEU A 409 -27.92 -9.03 15.38
CA LEU A 409 -27.05 -9.62 16.39
C LEU A 409 -26.38 -8.58 17.29
N MET A 410 -26.78 -7.32 17.17
CA MET A 410 -26.17 -6.27 17.99
C MET A 410 -27.23 -5.41 18.67
N ALA A 411 -27.89 -6.01 19.67
CA ALA A 411 -29.02 -5.38 20.36
C ALA A 411 -28.56 -4.36 21.39
N LYS A 412 -29.00 -3.12 21.20
CA LYS A 412 -28.58 -2.03 22.07
C LYS A 412 -29.14 -2.13 23.49
N PHE A 413 -28.30 -1.84 24.48
CA PHE A 413 -28.77 -1.75 25.86
C PHE A 413 -29.55 -0.46 26.05
N ASN A 414 -30.48 -0.47 26.99
CA ASN A 414 -31.18 0.73 27.39
C ASN A 414 -30.34 1.58 28.33
N HIS A 415 -29.71 2.63 27.82
CA HIS A 415 -28.81 3.43 28.64
C HIS A 415 -29.50 4.46 29.53
N ASP A 416 -30.83 4.54 29.43
CA ASP A 416 -31.62 5.36 30.36
C ASP A 416 -31.95 4.61 31.64
N ASN A 417 -31.55 3.34 31.71
CA ASN A 417 -31.84 2.48 32.85
C ASN A 417 -30.57 2.18 33.62
N PRO A 418 -30.42 2.76 34.81
CA PRO A 418 -29.22 2.63 35.66
C PRO A 418 -28.85 1.20 35.99
N ARG A 419 -29.83 0.29 35.94
CA ARG A 419 -29.52 -1.13 36.08
C ARG A 419 -28.44 -1.54 35.07
N THR A 420 -28.52 -1.03 33.84
CA THR A 420 -27.51 -1.42 32.84
C THR A 420 -26.13 -0.93 33.27
N VAL A 421 -26.10 0.21 33.97
CA VAL A 421 -24.84 0.68 34.55
C VAL A 421 -24.36 -0.35 35.56
N ASP A 422 -25.22 -0.72 36.50
CA ASP A 422 -24.83 -1.71 37.52
C ASP A 422 -24.26 -2.99 36.87
N TYR A 423 -24.91 -3.41 35.77
CA TYR A 423 -24.52 -4.60 35.05
C TYR A 423 -23.08 -4.44 34.56
N PHE A 424 -22.76 -3.31 33.92
CA PHE A 424 -21.39 -3.18 33.42
C PHE A 424 -20.34 -2.84 34.48
N ILE A 425 -20.77 -2.31 35.60
CA ILE A 425 -19.89 -2.12 36.76
C ILE A 425 -19.49 -3.47 37.34
N ASP A 426 -20.48 -4.30 37.64
CA ASP A 426 -20.21 -5.67 38.09
C ASP A 426 -19.26 -6.42 37.10
N ILE A 427 -19.54 -6.32 35.79
CA ILE A 427 -18.64 -6.94 34.81
C ILE A 427 -17.21 -6.40 34.92
N THR A 428 -17.11 -5.09 35.10
CA THR A 428 -15.82 -4.44 35.27
C THR A 428 -15.06 -5.02 36.45
N LYS A 429 -15.74 -5.18 37.58
CA LYS A 429 -15.10 -5.78 38.75
C LYS A 429 -14.61 -7.18 38.45
N PHE A 430 -15.42 -7.97 37.74
CA PHE A 430 -15.02 -9.33 37.44
C PHE A 430 -13.64 -9.28 36.73
N TRP A 431 -13.54 -8.45 35.71
CA TRP A 431 -12.28 -8.44 34.96
C TRP A 431 -11.10 -7.76 35.70
N ILE A 432 -11.39 -6.77 36.54
CA ILE A 432 -10.35 -6.20 37.37
C ILE A 432 -9.79 -7.29 38.27
N ASP A 433 -10.68 -8.15 38.76
CA ASP A 433 -10.29 -9.31 39.56
C ASP A 433 -9.54 -10.34 38.71
N LYS A 434 -9.56 -10.17 37.39
CA LYS A 434 -8.64 -10.98 36.57
C LYS A 434 -7.29 -10.30 36.29
N GLY A 435 -7.11 -9.08 36.80
CA GLY A 435 -5.85 -8.37 36.66
C GLY A 435 -5.70 -7.46 35.44
N ILE A 436 -6.79 -7.19 34.73
CA ILE A 436 -6.68 -6.29 33.57
C ILE A 436 -6.53 -4.84 34.03
N ASP A 437 -5.98 -4.00 33.16
CA ASP A 437 -5.65 -2.64 33.56
C ASP A 437 -6.58 -1.58 33.01
N GLY A 438 -7.49 -1.96 32.13
CA GLY A 438 -8.36 -0.98 31.50
C GLY A 438 -9.33 -1.57 30.50
N PHE A 439 -10.30 -0.74 30.10
CA PHE A 439 -11.30 -1.10 29.10
C PHE A 439 -11.26 -0.05 27.99
N ARG A 440 -11.48 -0.51 26.76
CA ARG A 440 -11.80 0.32 25.62
C ARG A 440 -13.27 0.05 25.32
N ILE A 441 -14.10 1.09 25.43
CA ILE A 441 -15.54 0.96 25.24
C ILE A 441 -15.89 1.11 23.78
N ASP A 442 -16.35 0.01 23.18
CA ASP A 442 -16.76 0.00 21.79
C ASP A 442 -17.99 0.89 21.64
N VAL A 443 -18.04 1.68 20.56
CA VAL A 443 -19.15 2.59 20.29
C VAL A 443 -19.52 3.48 21.49
N ALA A 444 -18.48 3.94 22.18
CA ALA A 444 -18.65 4.83 23.32
C ALA A 444 -19.54 6.02 22.94
N MET A 445 -19.35 6.60 21.75
CA MET A 445 -20.14 7.77 21.40
C MET A 445 -21.63 7.52 21.27
N GLY A 446 -22.04 6.26 21.23
CA GLY A 446 -23.46 5.96 21.16
C GLY A 446 -24.07 5.72 22.53
N ILE A 447 -23.27 5.90 23.57
CA ILE A 447 -23.76 5.68 24.93
C ILE A 447 -24.12 7.02 25.54
N HIS A 448 -25.34 7.12 26.06
CA HIS A 448 -25.79 8.39 26.61
C HIS A 448 -24.83 9.00 27.65
N TYR A 449 -24.62 10.30 27.55
CA TYR A 449 -23.67 11.00 28.41
C TYR A 449 -23.90 10.74 29.91
N SER A 450 -25.16 10.62 30.32
CA SER A 450 -25.49 10.40 31.73
C SER A 450 -25.09 9.00 32.18
N TRP A 451 -25.29 8.04 31.30
CA TRP A 451 -24.91 6.67 31.59
C TRP A 451 -23.40 6.68 31.83
N MET A 452 -22.68 7.27 30.90
CA MET A 452 -21.22 7.25 30.97
C MET A 452 -20.74 8.02 32.21
N LYS A 453 -21.46 9.07 32.60
CA LYS A 453 -21.08 9.78 33.81
C LYS A 453 -21.23 8.87 35.01
N GLN A 454 -22.35 8.16 35.12
CA GLN A 454 -22.52 7.18 36.21
C GLN A 454 -21.35 6.20 36.26
N TYR A 455 -21.13 5.54 35.13
CA TYR A 455 -20.09 4.54 35.05
C TYR A 455 -18.74 5.13 35.41
N TYR A 456 -18.35 6.16 34.67
CA TYR A 456 -17.01 6.72 34.76
C TYR A 456 -16.72 7.26 36.15
N GLU A 457 -17.66 8.03 36.70
CA GLU A 457 -17.47 8.57 38.03
C GLU A 457 -17.27 7.46 39.05
N TYR A 458 -18.07 6.41 38.94
CA TYR A 458 -17.95 5.34 39.92
C TYR A 458 -16.63 4.56 39.78
N ILE A 459 -16.35 4.05 38.58
CA ILE A 459 -15.08 3.38 38.32
C ILE A 459 -13.89 4.25 38.79
N LYS A 460 -13.88 5.53 38.43
CA LYS A 460 -12.79 6.41 38.81
C LYS A 460 -12.67 6.56 40.33
N ASN A 461 -13.79 6.67 41.04
CA ASN A 461 -13.75 6.70 42.51
C ASN A 461 -13.14 5.42 43.08
N THR A 462 -13.62 4.28 42.61
CA THR A 462 -13.28 2.98 43.18
C THR A 462 -11.94 2.42 42.68
N TYR A 463 -11.60 2.68 41.42
CA TYR A 463 -10.38 2.17 40.80
C TYR A 463 -9.66 3.28 40.00
N PRO A 464 -8.96 4.18 40.71
CA PRO A 464 -8.31 5.32 40.05
C PRO A 464 -7.36 4.93 38.92
N ASP A 465 -6.73 3.75 39.01
CA ASP A 465 -5.76 3.36 37.99
C ASP A 465 -6.36 2.55 36.82
N PHE A 466 -7.66 2.39 36.83
CA PHE A 466 -8.32 1.69 35.73
C PHE A 466 -8.58 2.63 34.58
N LEU A 467 -7.87 2.41 33.48
CA LEU A 467 -8.06 3.19 32.27
C LEU A 467 -9.46 3.02 31.65
N VAL A 468 -10.13 4.14 31.42
CA VAL A 468 -11.37 4.12 30.66
C VAL A 468 -11.18 4.85 29.33
N LEU A 469 -11.04 4.06 28.27
CA LEU A 469 -10.73 4.59 26.93
C LEU A 469 -11.99 4.42 26.09
N GLY A 470 -12.44 5.48 25.42
CA GLY A 470 -13.63 5.38 24.61
C GLY A 470 -13.41 5.42 23.11
N GLU A 471 -14.16 4.63 22.35
CA GLU A 471 -14.20 4.80 20.89
C GLU A 471 -15.06 5.99 20.54
N LEU A 472 -14.43 7.08 20.14
CA LEU A 472 -15.12 8.35 19.91
C LEU A 472 -14.59 8.96 18.61
N ALA A 473 -15.47 9.53 17.80
CA ALA A 473 -15.06 9.93 16.45
C ALA A 473 -14.91 11.45 16.33
N GLU A 474 -15.77 12.17 17.04
CA GLU A 474 -15.81 13.63 16.95
C GLU A 474 -14.75 14.27 17.87
N ASN A 475 -14.75 15.60 17.96
CA ASN A 475 -13.75 16.32 18.75
C ASN A 475 -13.70 15.84 20.18
N PRO A 476 -12.56 15.30 20.61
CA PRO A 476 -12.50 14.75 21.98
C PRO A 476 -12.87 15.74 23.10
N ARG A 477 -12.87 17.05 22.83
CA ARG A 477 -13.19 18.03 23.88
C ARG A 477 -14.66 17.94 24.31
N ILE A 478 -15.43 17.21 23.53
CA ILE A 478 -16.83 16.93 23.85
C ILE A 478 -16.95 15.95 25.02
N TYR A 479 -15.94 15.08 25.17
CA TYR A 479 -16.12 13.84 25.95
C TYR A 479 -15.25 13.66 27.18
N MET A 480 -14.24 14.51 27.36
CA MET A 480 -13.16 14.17 28.28
C MET A 480 -13.51 14.20 29.77
N ASP A 481 -14.73 14.64 30.09
CA ASP A 481 -15.21 14.56 31.45
C ASP A 481 -15.73 13.15 31.74
N TYR A 482 -15.89 12.36 30.69
CA TYR A 482 -16.49 11.03 30.82
C TYR A 482 -15.51 9.87 30.54
N PHE A 483 -14.31 10.20 30.08
CA PHE A 483 -13.31 9.19 29.76
C PHE A 483 -11.92 9.65 30.19
N ASP A 484 -11.04 8.68 30.42
CA ASP A 484 -9.64 9.00 30.59
C ASP A 484 -9.05 9.33 29.21
N SER A 485 -9.51 8.60 28.19
CA SER A 485 -8.99 8.72 26.84
C SER A 485 -10.04 8.57 25.73
N ALA A 486 -9.71 9.07 24.54
CA ALA A 486 -10.53 8.86 23.34
C ALA A 486 -9.61 8.39 22.23
N MET A 487 -10.07 7.41 21.44
CA MET A 487 -9.33 7.08 20.23
C MET A 487 -9.40 8.33 19.37
N ASN A 488 -8.26 8.90 19.05
CA ASN A 488 -8.30 10.23 18.47
C ASN A 488 -8.54 10.20 16.95
N TYR A 489 -9.75 9.84 16.53
CA TYR A 489 -10.05 9.81 15.08
C TYR A 489 -10.08 11.24 14.50
N TYR A 490 -10.31 12.21 15.38
CA TYR A 490 -10.28 13.63 15.02
C TYR A 490 -8.88 14.02 14.56
N LEU A 491 -7.90 13.70 15.38
CA LEU A 491 -6.53 14.00 15.03
C LEU A 491 -6.14 13.29 13.73
N ARG A 492 -6.47 11.99 13.64
CA ARG A 492 -6.18 11.19 12.45
C ARG A 492 -6.74 11.85 11.17
N LYS A 493 -8.01 12.22 11.22
CA LYS A 493 -8.63 12.95 10.12
C LYS A 493 -7.85 14.23 9.77
N ALA A 494 -7.46 15.03 10.77
CA ALA A 494 -6.70 16.24 10.48
C ALA A 494 -5.38 15.92 9.75
N ILE A 495 -4.65 14.93 10.26
CA ILE A 495 -3.41 14.51 9.61
C ILE A 495 -3.62 14.09 8.14
N LEU A 496 -4.69 13.35 7.89
CA LEU A 496 -4.95 12.88 6.53
C LEU A 496 -5.41 13.99 5.61
N GLU A 497 -6.20 14.93 6.12
CA GLU A 497 -6.66 16.05 5.33
C GLU A 497 -5.53 17.05 5.02
N LEU A 498 -4.53 17.14 5.90
CA LEU A 498 -3.35 17.95 5.59
C LEU A 498 -2.43 17.22 4.61
N LEU A 499 -2.15 15.96 4.89
CA LEU A 499 -1.04 15.27 4.22
C LEU A 499 -1.40 14.30 3.09
N ILE A 500 -2.67 13.97 2.95
CA ILE A 500 -3.10 13.06 1.88
C ILE A 500 -4.15 13.66 0.96
N TYR A 501 -5.28 14.06 1.53
CA TYR A 501 -6.34 14.68 0.75
C TYR A 501 -6.01 16.11 0.42
N LYS A 502 -4.99 16.64 1.09
CA LYS A 502 -4.55 18.00 0.87
C LYS A 502 -5.73 18.95 0.78
N ARG A 503 -6.59 18.89 1.79
CA ARG A 503 -7.79 19.74 1.87
C ARG A 503 -7.61 20.93 2.81
N ILE A 504 -6.59 20.90 3.66
CA ILE A 504 -6.36 22.02 4.57
C ILE A 504 -4.89 22.40 4.56
N ASP A 505 -4.60 23.66 4.87
CA ASP A 505 -3.21 24.11 4.90
C ASP A 505 -2.68 23.94 6.31
N LEU A 506 -1.43 24.32 6.52
CA LEU A 506 -0.73 24.04 7.78
C LEU A 506 -1.31 24.85 8.95
N ASN A 507 -1.76 26.06 8.66
CA ASN A 507 -2.44 26.88 9.66
C ASN A 507 -3.78 26.27 10.11
N GLU A 508 -4.58 25.83 9.15
CA GLU A 508 -5.86 25.18 9.46
C GLU A 508 -5.62 23.93 10.31
N PHE A 509 -4.65 23.11 9.92
CA PHE A 509 -4.21 21.96 10.70
C PHE A 509 -3.85 22.36 12.15
N ILE A 510 -2.98 23.36 12.29
CA ILE A 510 -2.62 23.87 13.62
C ILE A 510 -3.88 24.25 14.42
N SER A 511 -4.85 24.85 13.73
CA SER A 511 -6.09 25.27 14.34
C SER A 511 -6.94 24.06 14.78
N ARG A 512 -6.90 22.99 13.99
CA ARG A 512 -7.62 21.75 14.29
C ARG A 512 -7.07 21.18 15.58
N ILE A 513 -5.75 21.10 15.63
CA ILE A 513 -5.04 20.55 16.80
C ILE A 513 -5.37 21.35 18.06
N ASN A 514 -5.20 22.67 18.01
CA ASN A 514 -5.41 23.46 19.21
C ASN A 514 -6.89 23.54 19.60
N ASN A 515 -7.77 23.30 18.63
CA ASN A 515 -9.20 23.19 18.88
C ASN A 515 -9.56 21.97 19.75
N VAL A 516 -8.60 21.08 19.96
CA VAL A 516 -8.74 20.02 20.93
C VAL A 516 -7.83 20.37 22.10
N TYR A 517 -6.54 20.49 21.84
CA TYR A 517 -5.56 20.65 22.90
C TYR A 517 -5.86 21.82 23.86
N ALA A 518 -6.32 22.95 23.36
CA ALA A 518 -6.44 24.13 24.21
C ALA A 518 -7.72 24.14 25.05
N TYR A 519 -8.64 23.23 24.73
CA TYR A 519 -9.96 23.20 25.39
C TYR A 519 -10.10 22.09 26.39
N ILE A 520 -9.09 21.25 26.53
CA ILE A 520 -9.08 20.18 27.52
C ILE A 520 -7.85 20.30 28.42
N PRO A 521 -7.91 19.71 29.62
CA PRO A 521 -6.76 19.69 30.53
C PRO A 521 -5.57 18.97 29.91
N HIS A 522 -4.36 19.42 30.24
CA HIS A 522 -3.14 18.82 29.68
C HIS A 522 -3.07 17.30 29.92
N TYR A 523 -3.43 16.83 31.10
CA TYR A 523 -3.38 15.39 31.42
C TYR A 523 -4.35 14.57 30.53
N LYS A 524 -5.52 15.14 30.29
CA LYS A 524 -6.45 14.57 29.33
C LYS A 524 -5.78 14.49 27.93
N ALA A 525 -5.24 15.60 27.44
CA ALA A 525 -4.58 15.56 26.14
C ALA A 525 -3.52 14.46 26.09
N LEU A 526 -2.69 14.39 27.13
CA LEU A 526 -1.62 13.39 27.20
C LEU A 526 -2.18 11.98 27.12
N SER A 527 -3.42 11.79 27.55
CA SER A 527 -3.95 10.43 27.54
C SER A 527 -4.60 9.99 26.22
N LEU A 528 -4.84 10.94 25.33
CA LEU A 528 -5.58 10.68 24.11
C LEU A 528 -4.96 9.58 23.27
N TYR A 529 -5.79 8.66 22.81
CA TYR A 529 -5.32 7.49 22.08
C TYR A 529 -5.00 7.95 20.64
N ASN A 530 -3.73 8.23 20.38
CA ASN A 530 -3.35 8.83 19.09
C ASN A 530 -2.85 7.87 18.04
N MET A 531 -3.75 7.48 17.14
CA MET A 531 -3.46 6.43 16.17
C MET A 531 -3.48 6.92 14.74
N LEU A 532 -2.69 6.24 13.91
CA LEU A 532 -2.70 6.45 12.46
C LEU A 532 -3.67 5.44 11.85
N GLY A 533 -3.90 4.34 12.57
CA GLY A 533 -4.70 3.26 12.04
C GLY A 533 -5.35 2.38 13.08
N SER A 534 -6.36 1.62 12.64
CA SER A 534 -7.07 0.68 13.52
C SER A 534 -7.76 -0.41 12.71
N HIS A 535 -8.41 -1.33 13.43
CA HIS A 535 -9.11 -2.44 12.80
C HIS A 535 -10.37 -1.97 12.05
N ASP A 536 -10.62 -0.67 12.05
CA ASP A 536 -11.85 -0.16 11.45
C ASP A 536 -11.62 0.63 10.17
N VAL A 537 -10.36 0.69 9.73
CA VAL A 537 -9.98 1.55 8.62
C VAL A 537 -8.82 0.89 7.86
N PRO A 538 -8.61 1.29 6.60
CA PRO A 538 -7.52 0.65 5.84
C PRO A 538 -6.14 0.87 6.48
N ARG A 539 -5.19 -0.03 6.19
CA ARG A 539 -3.84 0.09 6.73
C ARG A 539 -3.20 1.40 6.24
N ILE A 540 -2.55 2.12 7.16
CA ILE A 540 -2.03 3.45 6.85
C ILE A 540 -1.02 3.43 5.68
N LYS A 541 -0.16 2.41 5.66
CA LYS A 541 0.79 2.27 4.56
C LYS A 541 0.09 2.20 3.19
N SER A 542 -0.99 1.44 3.10
CA SER A 542 -1.73 1.34 1.84
C SER A 542 -2.38 2.66 1.44
N MET A 543 -2.61 3.55 2.40
CA MET A 543 -3.18 4.85 2.06
C MET A 543 -2.12 5.87 1.74
N VAL A 544 -0.92 5.67 2.26
CA VAL A 544 0.12 6.68 2.11
C VAL A 544 1.01 6.39 0.91
N GLN A 545 1.34 5.12 0.70
CA GLN A 545 2.17 4.70 -0.42
C GLN A 545 3.32 5.66 -0.67
N ASN A 546 4.08 5.94 0.40
CA ASN A 546 5.14 6.93 0.37
C ASN A 546 5.95 6.75 1.65
N ASN A 547 7.15 6.22 1.52
CA ASN A 547 7.90 5.74 2.68
C ASN A 547 8.20 6.89 3.62
N LYS A 548 8.68 7.96 3.01
CA LYS A 548 9.18 9.10 3.74
C LYS A 548 8.02 9.84 4.43
N LEU A 549 6.87 9.93 3.76
CA LEU A 549 5.70 10.60 4.33
C LEU A 549 5.16 9.79 5.51
N LEU A 550 5.12 8.47 5.35
CA LEU A 550 4.64 7.56 6.39
C LEU A 550 5.49 7.75 7.65
N LYS A 551 6.81 7.62 7.50
CA LYS A 551 7.72 7.93 8.60
C LYS A 551 7.41 9.31 9.22
N LEU A 552 7.17 10.30 8.37
CA LEU A 552 6.83 11.64 8.88
C LEU A 552 5.56 11.62 9.77
N MET A 553 4.55 10.87 9.34
CA MET A 553 3.29 10.78 10.07
C MET A 553 3.54 10.14 11.44
N TYR A 554 4.41 9.12 11.48
CA TYR A 554 4.75 8.54 12.77
C TYR A 554 5.48 9.56 13.67
N VAL A 555 6.38 10.34 13.09
CA VAL A 555 7.05 11.36 13.88
C VAL A 555 6.01 12.31 14.50
N LEU A 556 5.06 12.74 13.68
CA LEU A 556 3.99 13.64 14.11
C LEU A 556 3.21 13.04 15.28
N ILE A 557 2.83 11.78 15.13
CA ILE A 557 2.10 11.02 16.14
C ILE A 557 2.86 10.95 17.48
N PHE A 558 4.19 10.89 17.40
CA PHE A 558 4.98 10.89 18.63
C PHE A 558 5.32 12.30 19.18
N ALA A 559 5.25 13.32 18.34
CA ALA A 559 5.61 14.68 18.73
C ALA A 559 4.46 15.41 19.43
N LEU A 560 3.26 15.28 18.88
CA LEU A 560 2.06 15.84 19.51
C LEU A 560 1.83 15.22 20.90
N PRO A 561 1.47 16.05 21.89
CA PRO A 561 1.14 15.46 23.19
C PRO A 561 0.07 14.40 23.02
N GLY A 562 0.26 13.24 23.63
CA GLY A 562 -0.68 12.15 23.49
C GLY A 562 -0.06 10.80 23.78
N SER A 563 -0.88 9.77 23.72
CA SER A 563 -0.44 8.39 23.84
C SER A 563 -0.40 7.73 22.45
N PRO A 564 0.81 7.67 21.85
CA PRO A 564 1.04 7.13 20.49
C PRO A 564 0.61 5.68 20.37
N VAL A 565 0.00 5.34 19.23
CA VAL A 565 -0.55 4.00 19.06
C VAL A 565 0.03 3.28 17.85
N ILE A 566 0.27 1.99 18.02
CA ILE A 566 0.63 1.14 16.90
C ILE A 566 -0.37 -0.02 16.75
N TYR A 567 -1.03 -0.03 15.60
CA TYR A 567 -1.91 -1.13 15.21
C TYR A 567 -1.02 -2.29 14.76
N TYR A 568 -1.29 -3.50 15.26
CA TYR A 568 -0.41 -4.66 15.04
C TYR A 568 -0.02 -4.88 13.57
N GLY A 569 1.28 -5.05 13.32
CA GLY A 569 1.75 -5.22 11.95
C GLY A 569 2.13 -3.93 11.23
N ASP A 570 1.49 -2.81 11.58
CA ASP A 570 1.83 -1.54 10.93
C ASP A 570 3.30 -1.24 11.09
N GLU A 571 3.91 -1.81 12.13
CA GLU A 571 5.31 -1.53 12.42
C GLU A 571 6.28 -2.21 11.43
N ILE A 572 5.77 -3.20 10.70
CA ILE A 572 6.59 -3.93 9.73
C ILE A 572 6.10 -3.71 8.31
N GLY A 573 5.08 -2.88 8.16
CA GLY A 573 4.59 -2.51 6.85
C GLY A 573 3.47 -3.38 6.31
N LEU A 574 2.70 -4.01 7.20
CA LEU A 574 1.51 -4.71 6.79
C LEU A 574 0.62 -3.78 5.98
N GLU A 575 0.02 -4.30 4.92
CA GLU A 575 -0.85 -3.49 4.09
C GLU A 575 -2.25 -4.07 4.09
N GLY A 576 -3.16 -3.41 3.39
CA GLY A 576 -4.54 -3.86 3.31
C GLY A 576 -5.52 -2.73 3.12
N GLY A 577 -6.63 -3.02 2.46
CA GLY A 577 -7.66 -2.02 2.21
C GLY A 577 -8.61 -1.86 3.37
N ARG A 578 -9.91 -1.88 3.08
CA ARG A 578 -10.93 -1.75 4.11
C ARG A 578 -11.34 -3.10 4.66
N ASP A 579 -11.77 -3.10 5.92
CA ASP A 579 -12.33 -4.25 6.60
C ASP A 579 -13.05 -5.19 5.63
N PRO A 580 -12.73 -6.47 5.62
CA PRO A 580 -11.84 -7.17 6.54
C PRO A 580 -10.38 -7.24 6.14
N ASP A 581 -10.06 -6.69 5.00
CA ASP A 581 -8.74 -6.76 4.40
C ASP A 581 -7.70 -6.04 5.26
N ASN A 582 -8.18 -5.32 6.26
CA ASN A 582 -7.30 -4.58 7.16
C ASN A 582 -6.97 -5.38 8.43
N ARG A 583 -7.20 -6.69 8.37
CA ARG A 583 -6.93 -7.55 9.51
C ARG A 583 -6.19 -8.82 9.06
N ARG A 584 -5.23 -8.65 8.16
CA ARG A 584 -4.46 -9.77 7.67
C ARG A 584 -3.59 -10.35 8.77
N PRO A 585 -3.32 -11.65 8.69
CA PRO A 585 -2.41 -12.30 9.62
C PRO A 585 -1.13 -11.49 9.78
N MET A 586 -0.72 -11.29 11.02
CA MET A 586 0.60 -10.72 11.27
C MET A 586 1.65 -11.56 10.53
N ILE A 587 2.69 -10.91 10.04
CA ILE A 587 3.76 -11.63 9.35
C ILE A 587 4.92 -11.86 10.30
N TRP A 588 5.23 -13.13 10.57
CA TRP A 588 6.30 -13.44 11.52
C TRP A 588 7.65 -13.74 10.88
N ASP A 589 7.65 -13.77 9.55
CA ASP A 589 8.87 -13.95 8.77
C ASP A 589 9.56 -12.59 8.57
N ARG A 590 10.65 -12.36 9.29
CA ARG A 590 11.38 -11.08 9.23
C ARG A 590 11.90 -10.71 7.83
N GLY A 591 11.99 -11.71 6.94
CA GLY A 591 12.40 -11.47 5.58
C GLY A 591 11.36 -10.67 4.83
N ASN A 592 10.14 -10.63 5.37
CA ASN A 592 9.04 -9.89 4.76
C ASN A 592 8.69 -8.63 5.52
N TRP A 593 9.59 -8.17 6.38
CA TRP A 593 9.34 -6.93 7.12
C TRP A 593 9.90 -5.69 6.44
N ASP A 594 9.18 -4.58 6.60
CA ASP A 594 9.72 -3.28 6.22
C ASP A 594 10.58 -2.80 7.39
N LEU A 595 11.86 -3.12 7.33
CA LEU A 595 12.74 -2.95 8.50
C LEU A 595 13.06 -1.52 8.82
N GLU A 596 13.17 -0.69 7.79
CA GLU A 596 13.45 0.73 7.97
C GLU A 596 12.34 1.40 8.80
N LEU A 597 11.09 1.09 8.45
CA LEU A 597 9.92 1.54 9.18
C LEU A 597 9.96 0.99 10.61
N TYR A 598 10.21 -0.31 10.73
CA TYR A 598 10.32 -0.96 12.02
C TYR A 598 11.29 -0.24 12.98
N GLU A 599 12.52 -0.02 12.52
CA GLU A 599 13.56 0.60 13.33
C GLU A 599 13.24 2.07 13.59
N HIS A 600 12.64 2.71 12.60
CA HIS A 600 12.16 4.07 12.78
C HIS A 600 11.20 4.15 13.97
N ILE A 601 10.18 3.32 13.94
CA ILE A 601 9.17 3.32 14.99
C ILE A 601 9.74 2.93 16.36
N LYS A 602 10.64 1.93 16.37
CA LYS A 602 11.37 1.56 17.58
C LYS A 602 12.19 2.72 18.17
N LYS A 603 12.75 3.55 17.32
CA LYS A 603 13.50 4.68 17.81
C LYS A 603 12.56 5.72 18.40
N LEU A 604 11.47 6.01 17.69
CA LEU A 604 10.50 6.99 18.20
C LEU A 604 10.02 6.55 19.58
N ILE A 605 9.81 5.25 19.75
CA ILE A 605 9.41 4.73 21.05
C ILE A 605 10.50 4.86 22.13
N ARG A 606 11.75 4.51 21.80
CA ARG A 606 12.85 4.73 22.75
C ARG A 606 12.94 6.18 23.20
N ILE A 607 12.70 7.11 22.29
CA ILE A 607 12.69 8.52 22.65
C ILE A 607 11.53 8.85 23.57
N TYR A 608 10.35 8.37 23.21
CA TYR A 608 9.17 8.56 24.06
C TYR A 608 9.51 8.16 25.50
N LYS A 609 10.14 7.00 25.68
CA LYS A 609 10.50 6.50 27.01
C LYS A 609 11.63 7.27 27.72
N SER A 610 12.66 7.63 26.97
CA SER A 610 13.81 8.34 27.48
C SER A 610 13.48 9.78 27.84
N CYS A 611 12.70 10.43 26.99
CA CYS A 611 12.41 11.85 27.10
C CYS A 611 11.05 12.13 27.74
N ARG A 612 11.04 12.34 29.05
CA ARG A 612 9.82 12.63 29.80
C ARG A 612 9.06 13.84 29.27
N SER A 613 9.72 14.63 28.41
CA SER A 613 9.12 15.82 27.81
C SER A 613 8.36 15.44 26.56
N MET A 614 8.71 14.31 25.97
CA MET A 614 7.91 13.78 24.88
C MET A 614 6.67 13.10 25.45
N ARG A 615 6.87 12.24 26.44
CA ARG A 615 5.77 11.51 27.07
C ARG A 615 4.77 12.45 27.73
N HIS A 616 5.21 13.04 28.81
CA HIS A 616 4.50 14.11 29.47
C HIS A 616 5.25 15.28 28.88
N GLY A 617 4.74 16.49 28.99
CA GLY A 617 5.45 17.55 28.31
C GLY A 617 4.49 18.54 27.71
N TYR A 618 4.64 19.79 28.12
CA TYR A 618 3.86 20.87 27.58
C TYR A 618 4.23 21.04 26.11
N PHE A 619 3.41 21.80 25.40
CA PHE A 619 3.32 21.71 23.94
C PHE A 619 3.12 23.06 23.26
N LEU A 620 3.94 23.34 22.26
CA LEU A 620 3.81 24.56 21.45
C LEU A 620 3.96 24.21 19.98
N VAL A 621 3.15 24.83 19.13
CA VAL A 621 3.23 24.53 17.70
C VAL A 621 3.24 25.81 16.84
N GLU A 622 4.19 25.89 15.92
CA GLU A 622 4.36 27.06 15.09
C GLU A 622 4.54 26.71 13.63
N ASN A 623 3.83 27.42 12.76
CA ASN A 623 4.10 27.39 11.32
C ASN A 623 5.24 28.36 11.00
N LEU A 624 6.43 27.83 10.74
CA LEU A 624 7.59 28.67 10.43
C LEU A 624 7.69 28.98 8.93
N GLY A 625 6.55 29.05 8.26
CA GLY A 625 6.55 29.26 6.82
C GLY A 625 7.22 28.11 6.05
N SER A 626 6.94 28.08 4.75
CA SER A 626 7.55 27.13 3.83
C SER A 626 7.21 25.69 4.19
N ASN A 627 6.06 25.51 4.84
CA ASN A 627 5.62 24.18 5.26
C ASN A 627 6.59 23.54 6.22
N LEU A 628 7.19 24.37 7.05
CA LEU A 628 8.03 23.91 8.15
C LEU A 628 7.18 23.95 9.43
N LEU A 629 6.80 22.77 9.90
CA LEU A 629 6.08 22.57 11.15
C LEU A 629 7.06 22.52 12.31
N PHE A 630 6.88 23.42 13.27
CA PHE A 630 7.74 23.46 14.45
C PHE A 630 6.97 23.03 15.69
N ILE A 631 7.52 22.07 16.43
CA ILE A 631 6.86 21.59 17.63
C ILE A 631 7.83 21.57 18.78
N LYS A 632 7.42 22.16 19.90
CA LYS A 632 8.25 22.16 21.09
C LYS A 632 7.51 21.47 22.24
N ARG A 633 8.19 20.51 22.88
CA ARG A 633 7.67 19.83 24.05
C ARG A 633 8.67 20.03 25.17
N TRP A 634 8.15 20.26 26.39
CA TRP A 634 9.06 20.49 27.51
C TRP A 634 8.41 20.23 28.86
N ILE A 635 9.19 19.77 29.83
CA ILE A 635 8.65 19.56 31.17
C ILE A 635 9.79 19.78 32.16
N ASN A 636 9.49 20.50 33.24
CA ASN A 636 10.52 20.86 34.22
C ASN A 636 11.68 21.55 33.50
N ASN A 637 12.87 20.96 33.56
CA ASN A 637 14.06 21.57 32.94
C ASN A 637 14.42 20.97 31.59
N GLU A 638 13.63 20.03 31.08
CA GLU A 638 14.00 19.32 29.86
C GLU A 638 13.25 19.82 28.62
N GLU A 639 14.00 20.11 27.57
CA GLU A 639 13.45 20.73 26.36
C GLU A 639 13.72 19.91 25.10
N ILE A 640 12.71 19.80 24.25
CA ILE A 640 12.86 19.05 23.00
C ILE A 640 12.09 19.72 21.85
N ILE A 641 12.73 19.85 20.70
CA ILE A 641 12.04 20.36 19.50
C ILE A 641 12.01 19.36 18.33
N PHE A 642 11.03 19.58 17.47
CA PHE A 642 10.81 18.79 16.27
C PHE A 642 10.65 19.78 15.14
N LEU A 643 11.40 19.57 14.07
CA LEU A 643 11.20 20.30 12.83
C LEU A 643 10.71 19.33 11.77
N LEU A 644 9.55 19.62 11.18
CA LEU A 644 8.93 18.70 10.22
C LEU A 644 8.65 19.37 8.89
N ASN A 645 9.15 18.80 7.80
CA ASN A 645 8.89 19.33 6.45
C ASN A 645 7.67 18.63 5.86
N VAL A 646 6.53 19.31 5.90
CA VAL A 646 5.27 18.68 5.52
C VAL A 646 4.98 18.72 4.03
N SER A 647 6.01 18.96 3.23
CA SER A 647 5.87 19.05 1.78
C SER A 647 6.89 18.18 1.05
N SER A 648 6.65 17.98 -0.25
CA SER A 648 7.55 17.22 -1.12
C SER A 648 8.83 17.99 -1.39
N LYS A 649 8.74 19.32 -1.30
CA LYS A 649 9.83 20.22 -1.67
C LYS A 649 10.89 20.33 -0.57
N ASP A 650 12.14 20.08 -0.92
CA ASP A 650 13.25 20.31 0.00
C ASP A 650 13.23 21.75 0.47
N ILE A 651 13.66 21.98 1.70
CA ILE A 651 13.69 23.31 2.28
C ILE A 651 14.94 23.54 3.12
N SER A 652 15.50 24.74 3.05
CA SER A 652 16.70 25.08 3.80
C SER A 652 16.34 25.60 5.19
N VAL A 653 16.85 24.93 6.22
CA VAL A 653 16.58 25.32 7.60
C VAL A 653 17.85 25.83 8.28
N ASP A 654 17.71 26.92 9.03
CA ASP A 654 18.84 27.51 9.73
C ASP A 654 18.65 27.44 11.24
N LEU A 655 19.76 27.27 11.96
CA LEU A 655 19.72 27.18 13.41
C LEU A 655 19.66 25.73 13.88
N LYS A 660 21.05 27.02 20.40
CA LYS A 660 20.21 26.39 21.42
C LYS A 660 20.38 24.88 21.42
N TYR A 661 19.73 24.21 20.47
CA TYR A 661 19.81 22.76 20.36
C TYR A 661 20.90 22.34 19.39
N SER A 662 21.93 21.69 19.89
CA SER A 662 23.04 21.23 19.06
C SER A 662 23.25 19.73 19.21
N PHE A 663 22.19 19.03 19.61
CA PHE A 663 22.26 17.58 19.79
C PHE A 663 21.12 16.89 19.04
N ASP A 664 21.47 15.87 18.27
CA ASP A 664 20.49 15.11 17.49
C ASP A 664 19.90 14.00 18.35
N ILE A 665 18.70 14.23 18.88
CA ILE A 665 18.02 13.25 19.70
C ILE A 665 17.69 11.99 18.91
N TYR A 666 17.34 12.17 17.65
CA TYR A 666 17.00 11.04 16.78
C TYR A 666 18.24 10.26 16.37
N ASN A 667 19.27 10.97 15.92
CA ASN A 667 20.51 10.34 15.49
C ASN A 667 21.55 10.31 16.62
N GLU A 668 21.32 11.10 17.66
CA GLU A 668 22.23 11.17 18.79
C GLU A 668 23.36 12.17 18.53
N LYS A 669 23.95 12.09 17.34
CA LYS A 669 25.03 12.98 16.96
C LYS A 669 24.68 14.44 17.27
N ASN A 670 25.55 15.35 16.83
CA ASN A 670 25.34 16.77 17.06
C ASN A 670 25.47 17.59 15.78
N VAL A 679 22.00 23.78 7.71
CA VAL A 679 21.30 22.53 7.47
C VAL A 679 20.25 22.68 6.38
N LEU A 680 19.73 21.55 5.91
CA LEU A 680 18.71 21.55 4.87
C LEU A 680 17.92 20.26 4.86
N LEU A 681 16.71 20.29 5.42
CA LEU A 681 15.85 19.12 5.47
C LEU A 681 15.20 18.85 4.12
N ARG A 682 15.21 17.60 3.70
CA ARG A 682 14.62 17.21 2.43
C ARG A 682 13.12 16.96 2.56
N GLY A 683 12.39 17.16 1.47
CA GLY A 683 10.97 16.97 1.47
C GLY A 683 10.64 15.79 2.35
N TYR A 684 9.60 15.95 3.14
CA TYR A 684 9.13 14.94 4.07
C TYR A 684 10.07 14.61 5.21
N GLY A 685 11.20 15.31 5.28
CA GLY A 685 12.21 15.10 6.31
C GLY A 685 11.89 15.77 7.64
N PHE A 686 12.64 15.41 8.68
CA PHE A 686 12.39 15.85 10.04
C PHE A 686 13.66 15.84 10.91
N LEU A 687 13.64 16.63 11.98
CA LEU A 687 14.74 16.69 12.92
C LEU A 687 14.18 16.68 14.33
N ILE A 688 14.84 15.97 15.23
CA ILE A 688 14.46 15.96 16.64
C ILE A 688 15.65 16.31 17.50
N LEU A 689 15.59 17.45 18.16
CA LEU A 689 16.76 18.00 18.82
C LEU A 689 16.51 18.35 20.29
N GLY A 690 17.50 18.02 21.12
CA GLY A 690 17.51 18.47 22.50
C GLY A 690 18.68 19.42 22.67
N SER A 691 19.00 19.76 23.92
CA SER A 691 20.23 20.48 24.20
C SER A 691 21.27 19.49 24.71
N LYS A 692 20.85 18.23 24.82
CA LYS A 692 21.71 17.11 25.14
C LYS A 692 20.81 15.91 25.31
N PRO A 693 21.38 14.71 25.57
CA PRO A 693 20.52 13.55 25.77
C PRO A 693 19.50 13.76 26.88
N CYS A 694 18.31 13.21 26.70
CA CYS A 694 17.31 13.22 27.74
C CYS A 694 17.83 12.42 28.91
N ASN A 695 17.33 12.72 30.10
CA ASN A 695 17.72 11.99 31.29
C ASN A 695 16.57 11.16 31.87
N ILE A 696 16.15 11.53 33.08
CA ILE A 696 15.17 10.74 33.86
C ILE A 696 14.07 10.10 33.00
N MET B 1 21.16 -32.27 -8.04
CA MET B 1 22.58 -32.36 -8.40
C MET B 1 22.85 -31.69 -9.74
N TYR B 2 23.98 -31.00 -9.81
CA TYR B 2 24.48 -30.51 -11.08
C TYR B 2 25.93 -30.91 -11.22
N LYS B 3 26.35 -31.15 -12.47
CA LYS B 3 27.75 -31.37 -12.76
C LYS B 3 28.14 -30.78 -14.12
N ILE B 4 29.23 -30.01 -14.08
CA ILE B 4 29.76 -29.28 -15.23
C ILE B 4 30.55 -30.26 -16.08
N ILE B 5 30.05 -30.55 -17.28
CA ILE B 5 30.60 -31.63 -18.09
C ILE B 5 31.78 -31.21 -18.97
N GLY B 6 31.92 -29.91 -19.19
CA GLY B 6 32.93 -29.39 -20.08
C GLY B 6 32.35 -28.26 -20.89
N ARG B 7 33.04 -27.86 -21.94
CA ARG B 7 32.56 -26.76 -22.77
C ARG B 7 32.19 -27.24 -24.17
N GLU B 8 31.22 -26.59 -24.78
CA GLU B 8 30.89 -26.88 -26.17
C GLU B 8 32.09 -26.49 -27.02
N ILE B 9 32.26 -27.17 -28.15
CA ILE B 9 33.35 -26.86 -29.06
C ILE B 9 32.81 -26.34 -30.38
N TYR B 10 33.31 -25.21 -30.84
CA TYR B 10 32.92 -24.70 -32.15
C TYR B 10 34.07 -24.82 -33.11
N GLY B 11 33.74 -24.85 -34.40
CA GLY B 11 34.75 -24.98 -35.44
C GLY B 11 35.66 -26.15 -35.13
N LYS B 12 36.96 -25.89 -35.12
CA LYS B 12 37.93 -26.93 -34.82
C LYS B 12 38.61 -26.70 -33.48
N GLY B 13 37.92 -26.04 -32.55
CA GLY B 13 38.46 -25.88 -31.22
C GLY B 13 38.10 -24.65 -30.43
N ARG B 14 37.14 -23.86 -30.91
CA ARG B 14 36.69 -22.71 -30.13
C ARG B 14 35.73 -23.16 -29.04
N LYS B 15 36.10 -22.94 -27.80
CA LYS B 15 35.26 -23.31 -26.67
C LYS B 15 34.15 -22.29 -26.41
N GLY B 16 32.91 -22.76 -26.29
CA GLY B 16 31.81 -21.85 -26.03
C GLY B 16 31.35 -21.91 -24.59
N ARG B 17 30.07 -22.20 -24.42
CA ARG B 17 29.46 -22.24 -23.11
C ARG B 17 29.82 -23.52 -22.36
N TYR B 18 29.54 -23.50 -21.06
CA TYR B 18 29.65 -24.70 -20.24
C TYR B 18 28.36 -25.51 -20.28
N ILE B 19 28.54 -26.81 -20.52
CA ILE B 19 27.48 -27.79 -20.56
C ILE B 19 27.27 -28.37 -19.17
N VAL B 20 26.10 -28.12 -18.60
CA VAL B 20 25.82 -28.56 -17.24
C VAL B 20 24.68 -29.58 -17.25
N LYS B 21 24.93 -30.71 -16.59
CA LYS B 21 23.95 -31.78 -16.48
C LYS B 21 23.26 -31.70 -15.12
N PHE B 22 21.95 -31.54 -15.15
CA PHE B 22 21.10 -31.51 -13.95
C PHE B 22 20.39 -32.82 -13.73
N THR B 23 20.59 -33.35 -12.52
CA THR B 23 20.03 -34.64 -12.12
C THR B 23 19.33 -34.50 -10.78
N ARG B 24 18.15 -35.09 -10.66
CA ARG B 24 17.47 -35.14 -9.38
C ARG B 24 16.85 -36.51 -9.20
N HIS B 25 16.72 -36.94 -7.95
CA HIS B 25 15.89 -38.10 -7.69
C HIS B 25 14.43 -37.79 -8.09
N TRP B 26 13.76 -38.76 -8.69
CA TRP B 26 12.35 -38.62 -9.04
C TRP B 26 11.45 -39.25 -7.95
N PRO B 27 10.87 -38.43 -7.06
CA PRO B 27 9.96 -38.98 -6.05
C PRO B 27 8.86 -39.78 -6.74
N GLN B 28 8.51 -40.94 -6.20
CA GLN B 28 7.64 -41.88 -6.92
C GLN B 28 6.24 -41.35 -7.20
N TYR B 29 5.82 -40.37 -6.42
CA TYR B 29 4.53 -39.74 -6.61
C TYR B 29 4.58 -38.59 -7.62
N ALA B 30 5.79 -38.23 -8.08
CA ALA B 30 5.94 -36.99 -8.83
C ALA B 30 5.59 -37.14 -10.32
N LYS B 31 4.78 -36.21 -10.81
CA LYS B 31 4.38 -36.19 -12.22
C LYS B 31 5.27 -35.26 -13.07
N ASN B 32 5.60 -34.09 -12.55
CA ASN B 32 6.39 -33.10 -13.29
C ASN B 32 7.50 -32.53 -12.41
N ILE B 33 8.69 -32.37 -12.96
CA ILE B 33 9.76 -31.73 -12.20
C ILE B 33 10.40 -30.60 -13.00
N TYR B 34 10.25 -29.39 -12.49
CA TYR B 34 10.67 -28.18 -13.17
C TYR B 34 12.02 -27.71 -12.68
N LEU B 35 12.91 -27.38 -13.60
CA LEU B 35 14.17 -26.74 -13.23
C LEU B 35 13.94 -25.23 -13.20
N ILE B 36 13.82 -24.67 -12.01
CA ILE B 36 13.59 -23.24 -11.84
C ILE B 36 14.86 -22.50 -11.45
N GLY B 37 14.84 -21.18 -11.53
CA GLY B 37 16.02 -20.39 -11.20
C GLY B 37 16.34 -19.31 -12.21
N GLU B 38 17.53 -18.72 -12.08
CA GLU B 38 17.90 -17.52 -12.82
C GLU B 38 18.26 -17.72 -14.29
N PHE B 39 18.39 -18.98 -14.71
CA PHE B 39 18.74 -19.29 -16.09
C PHE B 39 17.69 -20.18 -16.79
N THR B 40 16.52 -20.30 -16.20
CA THR B 40 15.41 -20.95 -16.87
C THR B 40 14.17 -20.08 -16.69
N SER B 41 13.55 -20.17 -15.51
CA SER B 41 12.52 -19.23 -15.08
C SER B 41 12.34 -19.40 -13.57
N LEU B 42 11.91 -18.36 -12.87
CA LEU B 42 11.65 -18.45 -11.43
C LEU B 42 10.30 -19.08 -11.17
N TYR B 43 9.27 -18.56 -11.84
CA TYR B 43 8.03 -19.30 -11.95
C TYR B 43 8.31 -20.53 -12.80
N PRO B 44 7.97 -21.72 -12.28
CA PRO B 44 8.31 -22.97 -12.95
C PRO B 44 7.65 -23.09 -14.32
N GLY B 45 8.30 -23.77 -15.28
CA GLY B 45 7.65 -24.05 -16.55
C GLY B 45 8.52 -24.07 -17.78
N PHE B 46 9.43 -23.11 -17.91
CA PHE B 46 10.25 -23.00 -19.14
C PHE B 46 11.08 -24.28 -19.40
N VAL B 47 11.54 -24.93 -18.34
CA VAL B 47 12.34 -26.13 -18.49
C VAL B 47 11.96 -27.23 -17.49
N LYS B 48 11.77 -28.44 -18.00
CA LYS B 48 11.47 -29.62 -17.20
C LYS B 48 12.62 -30.61 -17.24
N LEU B 49 12.89 -31.23 -16.11
CA LEU B 49 13.72 -32.43 -16.07
C LEU B 49 12.88 -33.53 -16.70
N ARG B 50 13.52 -34.44 -17.40
CA ARG B 50 12.77 -35.53 -18.01
C ARG B 50 13.18 -36.84 -17.35
N LYS B 51 12.22 -37.75 -17.23
CA LYS B 51 12.37 -38.94 -16.39
C LYS B 51 12.97 -40.15 -17.09
N ILE B 52 14.08 -40.62 -16.54
CA ILE B 52 14.73 -41.81 -17.02
C ILE B 52 15.10 -42.62 -15.77
N GLU B 53 14.55 -43.84 -15.69
CA GLU B 53 14.64 -44.66 -14.49
C GLU B 53 14.05 -43.91 -13.31
N GLU B 54 14.85 -43.72 -12.25
CA GLU B 54 14.36 -43.06 -11.05
C GLU B 54 14.84 -41.63 -10.94
N GLN B 55 15.37 -41.10 -12.05
CA GLN B 55 15.92 -39.76 -12.06
C GLN B 55 15.27 -38.82 -13.05
N GLY B 56 15.35 -37.53 -12.73
CA GLY B 56 15.07 -36.48 -13.68
C GLY B 56 16.39 -35.92 -14.18
N ILE B 57 16.42 -35.56 -15.46
CA ILE B 57 17.65 -35.08 -16.09
C ILE B 57 17.40 -34.02 -17.16
N VAL B 58 18.29 -33.04 -17.24
CA VAL B 58 18.31 -32.10 -18.36
C VAL B 58 19.74 -31.57 -18.51
N TYR B 59 20.11 -31.15 -19.72
CA TYR B 59 21.43 -30.52 -19.95
C TYR B 59 21.23 -29.11 -20.45
N LEU B 60 21.83 -28.13 -19.77
CA LEU B 60 21.75 -26.74 -20.23
C LEU B 60 23.12 -26.23 -20.62
N LYS B 61 23.17 -25.13 -21.35
CA LYS B 61 24.43 -24.51 -21.76
C LYS B 61 24.53 -23.14 -21.12
N LEU B 62 25.54 -22.94 -20.27
CA LEU B 62 25.62 -21.72 -19.45
C LEU B 62 26.97 -20.99 -19.51
N TRP B 63 26.93 -19.71 -19.14
CA TRP B 63 28.14 -18.89 -19.04
C TRP B 63 28.68 -18.88 -17.61
N PRO B 64 29.99 -18.69 -17.46
CA PRO B 64 30.56 -18.55 -16.11
C PRO B 64 29.69 -17.66 -15.25
N GLY B 65 29.62 -17.96 -13.95
CA GLY B 65 28.84 -17.13 -13.03
C GLY B 65 28.29 -17.90 -11.85
N GLU B 66 27.49 -17.22 -11.03
CA GLU B 66 26.81 -17.83 -9.88
C GLU B 66 25.31 -17.60 -10.00
N TYR B 67 24.54 -18.67 -9.86
CA TYR B 67 23.10 -18.55 -10.08
C TYR B 67 22.33 -19.29 -9.01
N GLY B 68 21.17 -18.76 -8.65
CA GLY B 68 20.24 -19.54 -7.85
C GLY B 68 19.47 -20.49 -8.75
N TYR B 69 19.22 -21.71 -8.29
CA TYR B 69 18.33 -22.58 -9.02
C TYR B 69 17.57 -23.46 -8.06
N GLY B 70 16.74 -24.35 -8.60
CA GLY B 70 15.99 -25.29 -7.80
C GLY B 70 15.20 -26.24 -8.65
N PHE B 71 14.57 -27.23 -8.01
CA PHE B 71 13.66 -28.14 -8.68
C PHE B 71 12.30 -28.06 -8.01
N GLN B 72 11.26 -27.68 -8.75
CA GLN B 72 9.92 -27.71 -8.20
C GLN B 72 9.25 -28.99 -8.62
N ILE B 73 8.69 -29.70 -7.64
CA ILE B 73 7.93 -30.91 -7.89
C ILE B 73 6.45 -30.56 -7.99
N ASP B 74 5.87 -30.78 -9.17
CA ASP B 74 4.45 -30.49 -9.39
C ASP B 74 3.99 -29.18 -8.77
N ASN B 75 3.02 -29.26 -7.87
CA ASN B 75 2.38 -28.04 -7.36
C ASN B 75 2.86 -27.54 -5.99
N ASP B 76 4.03 -28.01 -5.58
CA ASP B 76 4.66 -27.52 -4.36
C ASP B 76 5.65 -26.41 -4.70
N PHE B 77 5.19 -25.16 -4.62
CA PHE B 77 6.01 -23.96 -4.85
C PHE B 77 7.02 -23.67 -3.74
N GLU B 78 6.90 -24.38 -2.63
CA GLU B 78 7.66 -24.03 -1.44
C GLU B 78 9.00 -24.74 -1.33
N ASN B 79 9.01 -26.04 -1.57
CA ASN B 79 10.21 -26.83 -1.38
C ASN B 79 10.93 -27.11 -2.70
N VAL B 80 11.86 -26.23 -3.05
CA VAL B 80 12.50 -26.32 -4.36
C VAL B 80 14.02 -26.45 -4.28
N LEU B 81 14.58 -26.49 -3.08
CA LEU B 81 16.02 -26.62 -2.95
C LEU B 81 16.48 -27.94 -3.55
N ASP B 82 17.66 -27.95 -4.16
CA ASP B 82 18.27 -29.16 -4.65
C ASP B 82 18.78 -30.06 -3.49
N PRO B 83 18.17 -31.23 -3.30
CA PRO B 83 18.49 -32.01 -2.11
C PRO B 83 19.96 -32.48 -2.09
N ASP B 84 20.61 -32.49 -3.25
CA ASP B 84 21.99 -32.97 -3.37
C ASP B 84 23.00 -31.87 -3.07
N ASN B 85 22.51 -30.65 -2.85
CA ASN B 85 23.34 -29.47 -2.81
C ASN B 85 23.17 -28.73 -1.47
N GLU B 86 24.26 -28.60 -0.72
CA GLU B 86 24.22 -27.95 0.60
C GLU B 86 24.35 -26.43 0.52
N GLU B 87 24.72 -25.95 -0.67
CA GLU B 87 25.09 -24.55 -0.83
C GLU B 87 23.89 -23.73 -1.34
N LYS B 88 23.80 -22.48 -0.91
CA LYS B 88 22.60 -21.65 -1.11
C LYS B 88 22.92 -20.25 -1.64
N LYS B 89 21.96 -19.69 -2.37
CA LYS B 89 22.08 -18.33 -2.88
C LYS B 89 20.75 -17.62 -2.75
N CYS B 90 20.77 -16.45 -2.13
CA CYS B 90 19.57 -15.67 -1.92
C CYS B 90 19.45 -14.59 -2.99
N VAL B 91 18.45 -14.74 -3.85
CA VAL B 91 18.30 -13.87 -5.00
C VAL B 91 17.21 -12.83 -4.74
N HIS B 92 17.48 -11.59 -5.14
CA HIS B 92 16.44 -10.58 -5.14
C HIS B 92 15.54 -10.80 -6.36
N THR B 93 14.26 -11.03 -6.08
CA THR B 93 13.28 -11.33 -7.11
C THR B 93 13.02 -10.14 -8.06
N SER B 94 12.70 -10.45 -9.30
CA SER B 94 12.48 -9.46 -10.35
C SER B 94 11.35 -8.44 -10.07
N PHE B 95 10.18 -8.94 -9.71
CA PHE B 95 9.03 -8.06 -9.47
C PHE B 95 9.17 -7.30 -8.15
N PHE B 96 9.78 -7.92 -7.15
CA PHE B 96 9.94 -7.25 -5.86
C PHE B 96 11.30 -7.47 -5.23
N PRO B 97 12.27 -6.64 -5.63
CA PRO B 97 13.68 -6.69 -5.23
C PRO B 97 13.89 -6.40 -3.75
N GLU B 98 12.87 -5.91 -3.05
CA GLU B 98 12.98 -5.68 -1.61
C GLU B 98 13.23 -6.98 -0.90
N TYR B 99 12.68 -8.07 -1.46
CA TYR B 99 12.72 -9.36 -0.79
C TYR B 99 13.69 -10.36 -1.42
N LYS B 100 14.20 -11.25 -0.56
CA LYS B 100 15.10 -12.32 -1.00
C LYS B 100 14.37 -13.66 -1.04
N LYS B 101 14.66 -14.43 -2.07
CA LYS B 101 14.19 -15.79 -2.21
C LYS B 101 15.42 -16.71 -2.22
N CYS B 102 15.45 -17.67 -1.30
CA CYS B 102 16.61 -18.54 -1.21
C CYS B 102 16.49 -19.77 -2.09
N LEU B 103 17.56 -20.05 -2.83
CA LEU B 103 17.57 -21.18 -3.75
C LEU B 103 18.91 -21.88 -3.57
N SER B 104 19.14 -22.93 -4.34
CA SER B 104 20.42 -23.62 -4.30
C SER B 104 21.44 -22.85 -5.15
N LYS B 105 22.72 -23.07 -4.89
CA LYS B 105 23.74 -22.28 -5.55
C LYS B 105 24.46 -23.09 -6.61
N LEU B 106 24.38 -22.62 -7.86
CA LEU B 106 25.15 -23.17 -8.96
C LEU B 106 26.34 -22.27 -9.22
N VAL B 107 27.53 -22.85 -9.32
CA VAL B 107 28.73 -22.07 -9.60
C VAL B 107 29.54 -22.60 -10.80
N ILE B 108 29.74 -21.74 -11.79
CA ILE B 108 30.63 -22.05 -12.89
C ILE B 108 31.79 -21.07 -12.84
N LYS B 109 32.98 -21.58 -12.53
CA LYS B 109 34.14 -20.72 -12.36
C LYS B 109 34.75 -20.30 -13.69
N GLU B 110 35.31 -19.11 -13.73
CA GLU B 110 36.12 -18.71 -14.87
C GLU B 110 37.30 -19.66 -15.01
N PRO B 111 37.69 -19.96 -16.26
CA PRO B 111 38.88 -20.80 -16.48
C PRO B 111 40.15 -20.13 -15.97
N ASP B 112 41.16 -20.93 -15.66
CA ASP B 112 42.44 -20.42 -15.18
C ASP B 112 43.18 -19.65 -16.30
N ASN B 113 43.23 -20.25 -17.49
CA ASN B 113 43.91 -19.65 -18.62
C ASN B 113 43.10 -18.51 -19.25
N PRO B 114 43.61 -17.28 -19.16
CA PRO B 114 42.88 -16.16 -19.78
C PRO B 114 42.54 -16.41 -21.25
N LEU B 115 43.36 -17.20 -21.95
CA LEU B 115 43.11 -17.49 -23.35
C LEU B 115 41.83 -18.29 -23.52
N ASP B 116 41.46 -19.04 -22.49
CA ASP B 116 40.21 -19.79 -22.51
C ASP B 116 38.99 -18.92 -22.23
N LYS B 117 39.21 -17.61 -22.10
CA LYS B 117 38.11 -16.68 -21.87
C LYS B 117 37.81 -15.92 -23.16
N ILE B 118 38.62 -16.13 -24.18
CA ILE B 118 38.37 -15.49 -25.47
C ILE B 118 37.30 -16.28 -26.21
N ILE B 119 36.20 -15.62 -26.55
CA ILE B 119 35.06 -16.33 -27.09
C ILE B 119 34.40 -15.66 -28.28
N HIS B 120 34.31 -16.39 -29.39
CA HIS B 120 33.38 -16.04 -30.45
C HIS B 120 32.85 -17.30 -31.10
N ILE B 121 31.54 -17.48 -31.04
CA ILE B 121 30.91 -18.71 -31.51
C ILE B 121 29.79 -18.38 -32.48
N GLU B 122 29.38 -19.34 -33.30
CA GLU B 122 28.37 -19.06 -34.33
C GLU B 122 26.95 -19.12 -33.78
N GLU B 123 26.62 -18.12 -32.96
CA GLU B 123 25.26 -17.92 -32.47
C GLU B 123 24.88 -16.45 -32.63
N SER B 124 23.57 -16.19 -32.72
CA SER B 124 23.09 -14.86 -33.10
C SER B 124 23.65 -13.67 -32.29
N GLY B 125 23.88 -13.81 -30.99
CA GLY B 125 24.44 -12.72 -30.21
C GLY B 125 25.87 -12.34 -30.61
N PHE B 126 26.57 -13.28 -31.22
CA PHE B 126 27.98 -13.09 -31.61
C PHE B 126 28.12 -12.65 -33.06
N ILE B 127 27.16 -13.02 -33.89
CA ILE B 127 27.18 -12.62 -35.28
C ILE B 127 25.77 -12.54 -35.82
N HIS B 128 25.40 -11.35 -36.25
CA HIS B 128 24.06 -11.13 -36.79
C HIS B 128 24.06 -9.94 -37.71
N LYS B 129 22.99 -9.76 -38.47
CA LYS B 129 22.91 -8.63 -39.40
C LYS B 129 21.79 -7.65 -39.04
N PHE B 130 22.08 -6.37 -39.26
CA PHE B 130 21.09 -5.32 -39.08
C PHE B 130 21.44 -4.21 -40.07
N ASN B 131 20.44 -3.66 -40.73
CA ASN B 131 20.61 -2.41 -41.48
C ASN B 131 21.69 -2.48 -42.57
N GLY B 132 21.72 -3.58 -43.31
CA GLY B 132 22.70 -3.76 -44.37
C GLY B 132 24.10 -4.01 -43.84
N GLU B 133 24.25 -4.12 -42.53
CA GLU B 133 25.56 -4.32 -41.92
C GLU B 133 25.67 -5.64 -41.16
N ILE B 134 26.87 -5.96 -40.69
CA ILE B 134 27.12 -7.20 -39.98
C ILE B 134 27.79 -6.87 -38.66
N ILE B 135 27.19 -7.37 -37.58
CA ILE B 135 27.64 -7.13 -36.23
C ILE B 135 28.29 -8.40 -35.71
N ILE B 136 29.53 -8.24 -35.25
CA ILE B 136 30.36 -9.35 -34.78
C ILE B 136 30.91 -9.00 -33.41
N ARG B 137 30.71 -9.89 -32.44
CA ARG B 137 31.22 -9.68 -31.08
C ARG B 137 32.26 -10.73 -30.65
N LEU B 138 33.22 -10.28 -29.84
CA LEU B 138 34.27 -11.16 -29.33
C LEU B 138 34.42 -10.92 -27.85
N ILE B 139 34.43 -11.98 -27.04
CA ILE B 139 34.60 -11.83 -25.61
C ILE B 139 36.05 -12.06 -25.27
N ALA B 140 36.62 -11.17 -24.45
CA ALA B 140 38.01 -11.31 -24.08
C ALA B 140 38.26 -10.79 -22.68
N PRO B 141 39.21 -11.40 -21.97
CA PRO B 141 39.57 -10.89 -20.65
C PRO B 141 40.45 -9.65 -20.81
N THR B 142 40.76 -8.95 -19.72
CA THR B 142 41.54 -7.71 -19.78
C THR B 142 43.04 -7.91 -20.01
N GLU B 143 43.52 -9.15 -19.93
CA GLU B 143 44.91 -9.45 -20.22
C GLU B 143 45.17 -9.41 -21.71
N ILE B 144 44.09 -9.25 -22.49
CA ILE B 144 44.18 -9.16 -23.94
C ILE B 144 44.02 -7.71 -24.35
N ASN B 145 44.98 -7.19 -25.10
CA ASN B 145 44.86 -5.84 -25.64
C ASN B 145 43.67 -5.79 -26.59
N GLU B 146 43.44 -4.65 -27.23
CA GLU B 146 42.29 -4.54 -28.11
C GLU B 146 42.49 -5.43 -29.33
N PRO B 147 41.71 -6.52 -29.41
CA PRO B 147 41.84 -7.40 -30.57
C PRO B 147 41.30 -6.71 -31.83
N LEU B 148 41.92 -6.99 -32.97
CA LEU B 148 41.49 -6.47 -34.24
C LEU B 148 40.80 -7.59 -35.01
N ILE B 149 39.79 -7.24 -35.80
CA ILE B 149 39.22 -8.24 -36.68
C ILE B 149 39.94 -8.22 -38.03
N ASP B 150 40.42 -9.38 -38.40
CA ASP B 150 41.10 -9.62 -39.66
C ASP B 150 40.09 -10.20 -40.65
N LEU B 151 39.68 -9.38 -41.60
CA LEU B 151 38.79 -9.82 -42.64
C LEU B 151 39.59 -10.41 -43.80
N GLY B 152 38.95 -10.73 -44.91
CA GLY B 152 39.71 -11.28 -46.01
C GLY B 152 40.80 -10.33 -46.53
N ASN B 153 40.50 -9.04 -46.52
CA ASN B 153 41.27 -8.07 -47.29
C ASN B 153 41.76 -6.85 -46.49
N GLU B 154 41.15 -6.62 -45.33
CA GLU B 154 41.51 -5.49 -44.49
C GLU B 154 41.62 -5.90 -43.04
N ILE B 155 42.04 -4.99 -42.20
CA ILE B 155 42.11 -5.23 -40.78
C ILE B 155 41.47 -4.05 -40.05
N ARG B 156 40.57 -4.32 -39.11
CA ARG B 156 39.80 -3.26 -38.47
C ARG B 156 39.83 -3.31 -36.95
N GLU B 157 39.74 -2.14 -36.34
CA GLU B 157 39.61 -2.04 -34.91
C GLU B 157 38.14 -2.19 -34.59
N PRO B 158 37.82 -2.55 -33.34
CA PRO B 158 36.43 -2.57 -32.89
C PRO B 158 35.94 -1.14 -32.63
N LEU B 159 34.66 -0.90 -32.87
CA LEU B 159 34.09 0.41 -32.61
C LEU B 159 33.84 0.61 -31.13
N THR B 160 33.40 -0.46 -30.45
CA THR B 160 32.88 -0.34 -29.10
C THR B 160 33.33 -1.45 -28.15
N LYS B 161 33.42 -1.10 -26.87
CA LYS B 161 33.69 -2.04 -25.81
C LYS B 161 32.48 -2.11 -24.91
N HIS B 162 32.11 -3.31 -24.52
CA HIS B 162 31.02 -3.50 -23.55
C HIS B 162 31.57 -4.25 -22.36
N VAL B 163 31.72 -3.55 -21.24
CA VAL B 163 32.20 -4.17 -20.01
C VAL B 163 31.17 -5.12 -19.40
N VAL B 164 31.55 -6.38 -19.20
CA VAL B 164 30.73 -7.31 -18.42
C VAL B 164 31.57 -7.98 -17.35
N GLY B 165 31.40 -7.55 -16.11
CA GLY B 165 32.26 -8.03 -15.02
C GLY B 165 33.69 -7.68 -15.35
N ASP B 166 34.57 -8.68 -15.26
CA ASP B 166 35.98 -8.50 -15.61
C ASP B 166 36.21 -8.70 -17.11
N ASN B 167 35.24 -9.31 -17.78
CA ASN B 167 35.34 -9.53 -19.22
C ASN B 167 34.96 -8.28 -20.01
N ILE B 168 35.44 -8.23 -21.24
CA ILE B 168 35.16 -7.12 -22.14
C ILE B 168 34.66 -7.71 -23.44
N VAL B 169 33.58 -7.15 -23.97
CA VAL B 169 33.00 -7.61 -25.22
C VAL B 169 33.27 -6.59 -26.31
N TYR B 170 34.17 -6.91 -27.25
CA TYR B 170 34.44 -6.00 -28.36
C TYR B 170 33.42 -6.21 -29.47
N GLN B 171 33.06 -5.13 -30.13
CA GLN B 171 32.06 -5.16 -31.20
C GLN B 171 32.54 -4.51 -32.49
N TYR B 172 32.38 -5.25 -33.57
CA TYR B 172 32.78 -4.84 -34.90
C TYR B 172 31.53 -4.74 -35.76
N ILE B 173 31.37 -3.62 -36.45
CA ILE B 173 30.29 -3.49 -37.40
C ILE B 173 30.86 -3.23 -38.80
N ILE B 174 30.70 -4.21 -39.67
CA ILE B 174 31.36 -4.17 -40.96
C ILE B 174 30.34 -4.36 -42.07
N PRO B 175 30.66 -3.88 -43.27
CA PRO B 175 29.60 -3.93 -44.28
C PRO B 175 29.30 -5.37 -44.69
N SER B 176 28.11 -5.58 -45.22
CA SER B 176 27.68 -6.88 -45.68
C SER B 176 28.55 -7.35 -46.85
N ARG B 177 28.77 -8.66 -46.95
CA ARG B 177 29.34 -9.25 -48.15
C ARG B 177 28.76 -10.63 -48.35
N SER B 178 29.00 -11.22 -49.52
CA SER B 178 28.40 -12.51 -49.86
C SER B 178 28.88 -13.62 -48.94
N ILE B 179 30.16 -13.97 -49.06
CA ILE B 179 30.82 -14.82 -48.08
C ILE B 179 31.62 -13.99 -47.08
N LEU B 180 31.54 -14.38 -45.81
CA LEU B 180 32.28 -13.69 -44.75
C LEU B 180 33.42 -14.55 -44.21
N ARG B 181 34.64 -14.02 -44.27
CA ARG B 181 35.78 -14.67 -43.65
C ARG B 181 36.50 -13.71 -42.70
N TYR B 182 36.82 -14.19 -41.50
CA TYR B 182 37.37 -13.34 -40.46
C TYR B 182 38.05 -14.14 -39.40
N ARG B 183 38.92 -13.45 -38.66
CA ARG B 183 39.52 -14.03 -37.45
C ARG B 183 39.99 -12.85 -36.60
N PHE B 184 40.61 -13.10 -35.47
CA PHE B 184 40.97 -11.97 -34.61
C PHE B 184 42.46 -11.99 -34.27
N ILE B 185 43.05 -10.81 -34.25
CA ILE B 185 44.46 -10.66 -33.99
C ILE B 185 44.62 -9.92 -32.68
N PHE B 186 45.48 -10.41 -31.80
CA PHE B 186 45.69 -9.73 -30.54
C PHE B 186 47.07 -10.03 -30.05
N ASN B 187 47.62 -9.17 -29.21
CA ASN B 187 48.90 -9.44 -28.58
C ASN B 187 48.72 -9.97 -27.17
N TYR B 188 49.54 -10.93 -26.80
CA TYR B 188 49.45 -11.58 -25.51
C TYR B 188 50.85 -11.89 -25.03
N ASN B 189 51.23 -11.31 -23.89
CA ASN B 189 52.59 -11.43 -23.40
C ASN B 189 53.59 -11.15 -24.51
N ASP B 190 53.41 -10.02 -25.18
CA ASP B 190 54.34 -9.57 -26.22
C ASP B 190 54.47 -10.56 -27.38
N LYS B 191 53.49 -11.46 -27.49
CA LYS B 191 53.45 -12.39 -28.61
C LYS B 191 52.20 -12.12 -29.45
N LYS B 192 52.33 -12.21 -30.76
CA LYS B 192 51.18 -12.00 -31.65
C LYS B 192 50.39 -13.29 -31.84
N LEU B 193 49.14 -13.26 -31.41
CA LEU B 193 48.23 -14.41 -31.53
C LEU B 193 46.97 -14.15 -32.35
N PHE B 194 46.35 -15.26 -32.76
CA PHE B 194 45.10 -15.26 -33.51
C PHE B 194 44.04 -16.05 -32.76
N TYR B 195 42.79 -15.63 -32.94
CA TYR B 195 41.62 -16.41 -32.57
C TYR B 195 40.88 -16.70 -33.84
N GLY B 196 40.88 -17.96 -34.24
CA GLY B 196 40.35 -18.31 -35.55
C GLY B 196 39.41 -19.48 -35.42
N ASP B 197 39.31 -20.28 -36.48
CA ASP B 197 38.35 -21.35 -36.51
C ASP B 197 38.72 -22.44 -35.53
N GLU B 198 40.01 -22.70 -35.36
CA GLU B 198 40.41 -23.71 -34.38
C GLU B 198 40.75 -23.19 -32.97
N GLY B 199 40.43 -21.94 -32.68
CA GLY B 199 40.71 -21.35 -31.38
C GLY B 199 41.88 -20.39 -31.41
N VAL B 200 42.60 -20.29 -30.30
CA VAL B 200 43.74 -19.38 -30.28
C VAL B 200 45.04 -20.10 -30.63
N SER B 201 45.78 -19.53 -31.59
CA SER B 201 47.08 -20.07 -31.99
C SER B 201 47.86 -19.01 -32.76
N GLU B 202 49.09 -19.33 -33.12
CA GLU B 202 49.92 -18.39 -33.85
C GLU B 202 49.46 -18.18 -35.29
N ASN B 203 48.52 -19.01 -35.74
CA ASN B 203 48.18 -19.05 -37.17
C ASN B 203 46.81 -19.67 -37.46
N SER B 204 45.79 -19.23 -36.72
CA SER B 204 44.46 -19.83 -36.78
C SER B 204 43.71 -19.54 -38.08
N SER B 205 43.04 -20.55 -38.63
CA SER B 205 42.35 -20.42 -39.91
C SER B 205 41.22 -19.41 -39.79
N TYR B 206 40.81 -18.85 -40.93
CA TYR B 206 39.64 -18.00 -40.96
C TYR B 206 38.36 -18.76 -40.58
N ILE B 207 37.48 -18.09 -39.84
CA ILE B 207 36.13 -18.58 -39.66
C ILE B 207 35.38 -18.08 -40.89
N VAL B 208 34.55 -18.94 -41.46
CA VAL B 208 33.89 -18.61 -42.72
C VAL B 208 32.39 -18.84 -42.56
N VAL B 209 31.61 -17.86 -42.97
CA VAL B 209 30.18 -17.91 -42.79
C VAL B 209 29.51 -17.36 -44.01
N ASN B 210 28.59 -18.13 -44.57
CA ASN B 210 27.82 -17.64 -45.69
C ASN B 210 26.80 -16.65 -45.16
N SER B 211 26.79 -15.41 -45.65
CA SER B 211 25.89 -14.41 -45.11
C SER B 211 24.42 -14.82 -45.27
N LYS B 212 24.20 -15.89 -46.04
CA LYS B 212 22.88 -16.49 -46.18
C LYS B 212 22.33 -16.86 -44.82
N TYR B 213 23.18 -17.48 -44.01
CA TYR B 213 22.80 -18.05 -42.72
C TYR B 213 23.10 -17.13 -41.54
N ILE B 214 23.21 -15.84 -41.80
CA ILE B 214 23.39 -14.90 -40.71
C ILE B 214 22.03 -14.34 -40.39
N PRO B 215 21.57 -14.57 -39.14
CA PRO B 215 20.25 -14.10 -38.71
C PRO B 215 20.21 -12.59 -38.64
N GLY B 216 19.07 -12.02 -38.99
CA GLY B 216 18.85 -10.61 -38.77
C GLY B 216 17.92 -10.00 -39.79
N VAL B 217 17.92 -8.68 -39.88
CA VAL B 217 17.07 -7.98 -40.83
C VAL B 217 17.84 -6.92 -41.60
N ASP B 218 17.27 -6.47 -42.70
CA ASP B 218 17.79 -5.24 -43.28
C ASP B 218 17.08 -4.06 -42.62
N LYS B 219 15.86 -3.78 -43.06
CA LYS B 219 15.09 -2.69 -42.50
C LYS B 219 14.33 -3.16 -41.27
N PRO B 220 14.53 -2.48 -40.12
CA PRO B 220 13.91 -2.91 -38.88
C PRO B 220 12.40 -3.02 -39.01
N ARG B 221 11.82 -3.95 -38.27
CA ARG B 221 10.38 -4.09 -38.21
C ARG B 221 9.83 -2.97 -37.36
N TRP B 222 8.52 -2.80 -37.38
CA TRP B 222 7.89 -1.73 -36.62
C TRP B 222 8.09 -1.89 -35.12
N TYR B 223 8.17 -3.13 -34.66
CA TYR B 223 8.30 -3.41 -33.24
C TYR B 223 9.76 -3.46 -32.79
N MET B 224 10.69 -3.20 -33.72
CA MET B 224 12.10 -3.14 -33.36
C MET B 224 12.48 -1.71 -33.00
N GLY B 225 11.81 -1.18 -31.99
CA GLY B 225 11.98 0.20 -31.60
C GLY B 225 10.62 0.86 -31.74
N THR B 226 9.85 0.82 -30.65
CA THR B 226 8.51 1.38 -30.67
C THR B 226 8.15 1.95 -29.29
N VAL B 227 7.22 2.90 -29.26
CA VAL B 227 6.78 3.50 -27.99
C VAL B 227 5.47 2.83 -27.51
N TYR B 228 5.59 2.10 -26.40
CA TYR B 228 4.49 1.30 -25.84
C TYR B 228 3.65 2.06 -24.82
N TYR B 229 2.34 1.83 -24.83
CA TYR B 229 1.43 2.34 -23.80
C TYR B 229 0.55 1.21 -23.29
N GLN B 230 0.76 0.79 -22.04
CA GLN B 230 -0.06 -0.28 -21.47
C GLN B 230 -1.32 0.22 -20.77
N ILE B 231 -2.47 -0.23 -21.26
CA ILE B 231 -3.75 0.12 -20.68
C ILE B 231 -4.41 -1.06 -19.97
N PHE B 232 -4.57 -0.94 -18.66
CA PHE B 232 -5.40 -1.86 -17.89
C PHE B 232 -6.87 -1.44 -18.04
N ILE B 233 -7.59 -2.11 -18.93
CA ILE B 233 -8.83 -1.59 -19.50
C ILE B 233 -9.97 -1.26 -18.51
N ASP B 234 -10.10 -2.02 -17.43
CA ASP B 234 -11.15 -1.73 -16.45
C ASP B 234 -10.96 -0.39 -15.77
N SER B 235 -9.73 0.13 -15.78
CA SER B 235 -9.39 1.35 -15.02
C SER B 235 -9.23 2.60 -15.89
N PHE B 236 -9.37 2.46 -17.20
CA PHE B 236 -9.11 3.57 -18.12
C PHE B 236 -10.28 4.55 -18.18
N ASP B 237 -11.40 4.15 -18.76
CA ASP B 237 -12.59 4.99 -18.77
C ASP B 237 -13.84 4.27 -19.26
N ASN B 238 -14.96 4.55 -18.61
CA ASN B 238 -16.26 4.05 -19.00
C ASN B 238 -16.92 4.99 -19.99
N GLY B 239 -16.97 4.58 -21.26
CA GLY B 239 -17.53 5.44 -22.29
C GLY B 239 -18.92 5.00 -22.77
N ASP B 240 -19.40 3.88 -22.28
CA ASP B 240 -20.72 3.39 -22.68
C ASP B 240 -21.44 2.78 -21.48
N PRO B 241 -22.49 3.48 -20.99
CA PRO B 241 -23.20 3.06 -19.78
C PRO B 241 -24.07 1.82 -20.00
N ASN B 242 -24.32 1.47 -21.26
CA ASN B 242 -25.15 0.30 -21.56
C ASN B 242 -24.56 -1.03 -21.08
N ASN B 243 -23.24 -1.19 -21.21
CA ASN B 243 -22.59 -2.43 -20.77
C ASN B 243 -21.83 -2.27 -19.47
N ASP B 244 -22.50 -1.73 -18.45
CA ASP B 244 -21.91 -1.58 -17.14
C ASP B 244 -22.14 -2.82 -16.29
N PRO B 245 -21.11 -3.20 -15.51
CA PRO B 245 -21.23 -4.31 -14.55
C PRO B 245 -22.10 -3.89 -13.38
N PRO B 246 -23.00 -4.77 -12.93
CA PRO B 246 -23.87 -4.54 -11.77
C PRO B 246 -23.18 -3.85 -10.60
N ASN B 247 -22.14 -4.44 -10.04
CA ASN B 247 -21.54 -3.84 -8.85
C ASN B 247 -20.16 -3.22 -9.09
N ARG B 248 -20.09 -1.90 -9.11
CA ARG B 248 -18.83 -1.20 -9.26
C ARG B 248 -18.11 -1.00 -7.92
N ILE B 249 -16.82 -0.69 -7.98
CA ILE B 249 -16.03 -0.47 -6.78
C ILE B 249 -16.45 0.82 -6.07
N LYS B 250 -15.88 1.04 -4.89
CA LYS B 250 -16.21 2.23 -4.11
C LYS B 250 -15.17 3.33 -4.33
N LYS B 251 -14.74 3.50 -5.57
CA LYS B 251 -13.75 4.51 -5.92
C LYS B 251 -13.11 5.11 -4.67
N THR B 252 -12.30 4.32 -3.99
CA THR B 252 -11.63 4.76 -2.78
C THR B 252 -10.12 4.79 -2.96
N VAL B 253 -9.41 5.22 -1.93
CA VAL B 253 -7.95 5.29 -1.96
C VAL B 253 -7.04 4.10 -2.26
N PRO B 254 -7.16 3.05 -1.45
CA PRO B 254 -6.45 1.79 -1.67
C PRO B 254 -7.25 0.95 -2.62
N ARG B 255 -7.03 1.17 -3.92
CA ARG B 255 -7.92 0.67 -4.96
C ARG B 255 -8.52 -0.63 -4.41
N GLU B 256 -9.83 -0.76 -4.53
CA GLU B 256 -10.52 -1.95 -4.05
C GLU B 256 -10.73 -2.95 -5.18
N TYR B 257 -10.67 -4.24 -4.84
CA TYR B 257 -10.85 -5.30 -5.83
C TYR B 257 -12.24 -5.25 -6.45
N GLY B 258 -12.30 -5.43 -7.76
CA GLY B 258 -13.57 -5.40 -8.49
C GLY B 258 -13.63 -4.45 -9.67
N TYR B 259 -14.80 -4.40 -10.31
CA TYR B 259 -15.03 -3.62 -11.54
C TYR B 259 -15.22 -2.11 -11.36
N TYR B 260 -14.42 -1.35 -12.10
CA TYR B 260 -14.59 0.09 -12.23
C TYR B 260 -15.47 0.37 -13.46
N GLY B 261 -15.53 -0.61 -14.38
CA GLY B 261 -16.42 -0.53 -15.52
C GLY B 261 -15.80 0.04 -16.78
N GLY B 262 -14.48 0.20 -16.79
CA GLY B 262 -13.78 0.63 -17.99
C GLY B 262 -14.10 -0.29 -19.17
N ASP B 263 -14.36 0.30 -20.33
CA ASP B 263 -14.70 -0.48 -21.52
C ASP B 263 -13.97 -0.01 -22.78
N LEU B 264 -14.34 -0.58 -23.92
CA LEU B 264 -13.71 -0.25 -25.21
C LEU B 264 -14.00 1.21 -25.65
N ALA B 265 -15.23 1.66 -25.46
CA ALA B 265 -15.60 3.02 -25.86
C ALA B 265 -14.74 4.01 -25.09
N GLY B 266 -14.57 3.73 -23.80
CA GLY B 266 -13.74 4.56 -22.94
C GLY B 266 -12.37 4.80 -23.55
N ILE B 267 -11.75 3.75 -24.05
CA ILE B 267 -10.48 3.91 -24.74
C ILE B 267 -10.68 4.73 -26.00
N MET B 268 -11.71 4.38 -26.77
CA MET B 268 -11.99 5.07 -28.04
C MET B 268 -12.13 6.60 -27.89
N LYS B 269 -12.57 7.07 -26.74
CA LYS B 269 -12.84 8.50 -26.56
C LYS B 269 -11.64 9.29 -26.05
N HIS B 270 -10.52 8.60 -25.81
CA HIS B 270 -9.31 9.28 -25.32
C HIS B 270 -8.14 9.09 -26.28
N ILE B 271 -8.46 8.63 -27.48
CA ILE B 271 -7.47 8.52 -28.53
C ILE B 271 -6.71 9.83 -28.65
N ASP B 272 -7.41 10.94 -28.49
CA ASP B 272 -6.80 12.26 -28.49
C ASP B 272 -5.67 12.37 -27.46
N HIS B 273 -5.90 11.82 -26.27
CA HIS B 273 -4.84 11.78 -25.28
C HIS B 273 -3.70 10.90 -25.80
N LEU B 274 -4.08 9.83 -26.50
CA LEU B 274 -3.07 8.94 -27.05
C LEU B 274 -2.16 9.60 -28.09
N GLU B 275 -2.76 10.43 -28.94
CA GLU B 275 -2.03 11.12 -30.00
C GLU B 275 -1.18 12.22 -29.39
N ASP B 276 -1.73 12.92 -28.40
CA ASP B 276 -0.99 13.98 -27.75
C ASP B 276 0.27 13.43 -27.08
N LEU B 277 0.13 12.34 -26.32
CA LEU B 277 1.31 11.73 -25.71
C LEU B 277 2.30 11.30 -26.78
N GLY B 278 1.78 10.72 -27.86
CA GLY B 278 2.60 10.32 -28.99
C GLY B 278 2.99 8.86 -29.01
N VAL B 279 2.25 8.03 -28.28
CA VAL B 279 2.53 6.61 -28.23
C VAL B 279 2.17 5.91 -29.54
N GLU B 280 2.89 4.84 -29.84
CA GLU B 280 2.76 4.16 -31.13
C GLU B 280 2.02 2.83 -31.06
N THR B 281 2.29 2.10 -29.99
CA THR B 281 1.75 0.76 -29.86
C THR B 281 1.07 0.64 -28.51
N ILE B 282 -0.20 0.24 -28.53
CA ILE B 282 -0.97 0.11 -27.31
C ILE B 282 -1.08 -1.36 -26.91
N TYR B 283 -0.64 -1.67 -25.69
CA TYR B 283 -0.80 -3.02 -25.15
C TYR B 283 -1.98 -3.04 -24.17
N LEU B 284 -3.02 -3.73 -24.61
CA LEU B 284 -4.25 -3.90 -23.84
C LEU B 284 -4.16 -5.15 -22.98
N THR B 285 -4.51 -4.95 -21.71
CA THR B 285 -4.79 -6.00 -20.75
C THR B 285 -5.93 -6.90 -21.27
N PRO B 286 -6.01 -8.17 -20.80
CA PRO B 286 -6.92 -9.10 -21.49
C PRO B 286 -8.35 -8.55 -21.64
N ILE B 287 -8.96 -8.78 -22.80
CA ILE B 287 -10.28 -8.24 -23.09
C ILE B 287 -11.27 -9.37 -23.35
N PHE B 288 -10.80 -10.60 -23.19
CA PHE B 288 -11.62 -11.79 -23.44
C PHE B 288 -12.56 -12.15 -22.28
N SER B 289 -13.65 -12.83 -22.63
CA SER B 289 -14.64 -13.24 -21.65
C SER B 289 -13.99 -13.84 -20.40
N SER B 290 -14.39 -13.34 -19.24
CA SER B 290 -13.79 -13.71 -17.96
C SER B 290 -14.78 -13.53 -16.81
N THR B 291 -14.35 -13.85 -15.59
CA THR B 291 -15.23 -13.68 -14.45
C THR B 291 -14.79 -12.50 -13.60
N SER B 292 -13.56 -12.04 -13.80
CA SER B 292 -13.00 -11.02 -12.93
C SER B 292 -12.86 -9.68 -13.65
N TYR B 293 -12.44 -8.67 -12.90
CA TYR B 293 -12.26 -7.33 -13.45
C TYR B 293 -10.93 -7.24 -14.19
N HIS B 294 -9.93 -7.99 -13.72
CA HIS B 294 -8.62 -8.03 -14.37
C HIS B 294 -8.62 -8.92 -15.62
N ARG B 295 -9.40 -9.99 -15.59
CA ARG B 295 -9.66 -10.82 -16.78
C ARG B 295 -8.52 -11.77 -17.17
N TYR B 296 -7.70 -12.17 -16.20
CA TYR B 296 -6.62 -13.12 -16.49
C TYR B 296 -7.06 -14.59 -16.35
N ASP B 297 -8.32 -14.79 -15.96
CA ASP B 297 -8.94 -16.10 -16.07
C ASP B 297 -9.89 -16.08 -17.27
N THR B 298 -9.36 -16.46 -18.42
CA THR B 298 -10.11 -16.38 -19.66
C THR B 298 -11.03 -17.58 -19.86
N ILE B 299 -12.26 -17.30 -20.28
CA ILE B 299 -13.22 -18.36 -20.54
C ILE B 299 -13.26 -18.69 -22.02
N ASP B 300 -13.34 -17.67 -22.85
CA ASP B 300 -13.43 -17.87 -24.30
C ASP B 300 -12.51 -16.91 -25.03
N TYR B 301 -11.44 -17.45 -25.59
CA TYR B 301 -10.42 -16.63 -26.25
C TYR B 301 -10.90 -15.95 -27.54
N LYS B 302 -12.13 -16.19 -27.94
CA LYS B 302 -12.63 -15.61 -29.20
C LYS B 302 -13.81 -14.69 -28.98
N SER B 303 -14.02 -14.28 -27.74
CA SER B 303 -15.13 -13.38 -27.40
C SER B 303 -14.67 -12.15 -26.61
N ILE B 304 -15.35 -11.03 -26.83
CA ILE B 304 -15.10 -9.84 -26.04
C ILE B 304 -15.89 -9.94 -24.76
N ASP B 305 -15.25 -9.64 -23.64
CA ASP B 305 -15.93 -9.70 -22.35
C ASP B 305 -17.16 -8.79 -22.42
N LYS B 306 -18.28 -9.25 -21.86
CA LYS B 306 -19.56 -8.57 -22.07
C LYS B 306 -19.60 -7.13 -21.51
N TYR B 307 -18.90 -6.90 -20.40
CA TYR B 307 -18.86 -5.56 -19.79
C TYR B 307 -17.91 -4.62 -20.53
N LEU B 308 -17.26 -5.12 -21.57
CA LEU B 308 -16.29 -4.30 -22.29
C LEU B 308 -16.87 -3.67 -23.54
N GLY B 309 -17.94 -4.27 -24.06
CA GLY B 309 -18.51 -3.88 -25.32
C GLY B 309 -18.67 -5.09 -26.21
N THR B 310 -18.80 -4.86 -27.51
CA THR B 310 -19.03 -5.97 -28.43
C THR B 310 -17.86 -6.13 -29.39
N MET B 311 -17.90 -7.18 -30.18
CA MET B 311 -16.87 -7.42 -31.19
C MET B 311 -16.78 -6.22 -32.13
N GLU B 312 -17.94 -5.62 -32.39
CA GLU B 312 -18.06 -4.47 -33.28
C GLU B 312 -17.40 -3.24 -32.67
N ASP B 313 -17.63 -3.01 -31.38
CA ASP B 313 -16.93 -1.93 -30.69
C ASP B 313 -15.42 -2.13 -30.77
N PHE B 314 -14.97 -3.38 -30.62
CA PHE B 314 -13.56 -3.72 -30.76
C PHE B 314 -13.00 -3.40 -32.15
N GLU B 315 -13.64 -3.94 -33.19
CA GLU B 315 -13.23 -3.66 -34.54
C GLU B 315 -13.14 -2.15 -34.74
N LYS B 316 -14.19 -1.43 -34.32
CA LYS B 316 -14.20 0.02 -34.39
C LYS B 316 -12.91 0.60 -33.78
N LEU B 317 -12.59 0.16 -32.56
CA LEU B 317 -11.36 0.61 -31.91
C LEU B 317 -10.07 0.34 -32.70
N VAL B 318 -10.01 -0.84 -33.31
CA VAL B 318 -8.87 -1.21 -34.17
C VAL B 318 -8.76 -0.28 -35.39
N GLN B 319 -9.91 0.01 -35.99
CA GLN B 319 -9.97 0.84 -37.17
C GLN B 319 -9.49 2.26 -36.88
N VAL B 320 -10.10 2.92 -35.89
CA VAL B 320 -9.64 4.26 -35.57
C VAL B 320 -8.18 4.28 -35.11
N LEU B 321 -7.79 3.33 -34.26
CA LEU B 321 -6.39 3.27 -33.84
C LEU B 321 -5.44 3.18 -35.05
N HIS B 322 -5.80 2.37 -36.05
CA HIS B 322 -4.95 2.23 -37.24
C HIS B 322 -4.94 3.48 -38.11
N SER B 323 -6.08 4.17 -38.17
CA SER B 323 -6.18 5.39 -38.98
C SER B 323 -5.35 6.50 -38.34
N ARG B 324 -5.07 6.37 -37.05
CA ARG B 324 -4.17 7.32 -36.40
C ARG B 324 -2.71 6.82 -36.39
N LYS B 325 -2.46 5.72 -37.10
CA LYS B 325 -1.12 5.14 -37.16
C LYS B 325 -0.71 4.61 -35.79
N ILE B 326 -1.64 3.95 -35.12
CA ILE B 326 -1.37 3.34 -33.84
C ILE B 326 -1.66 1.83 -33.94
N LYS B 327 -0.75 1.01 -33.43
CA LYS B 327 -0.92 -0.45 -33.45
C LYS B 327 -1.44 -0.95 -32.11
N ILE B 328 -1.98 -2.17 -32.10
CA ILE B 328 -2.60 -2.74 -30.92
C ILE B 328 -2.19 -4.19 -30.62
N VAL B 329 -1.82 -4.44 -29.37
CA VAL B 329 -1.37 -5.75 -28.92
C VAL B 329 -2.29 -6.23 -27.80
N LEU B 330 -2.74 -7.47 -27.92
CA LEU B 330 -3.66 -8.03 -26.93
C LEU B 330 -2.93 -8.92 -25.94
N ASP B 331 -3.39 -8.88 -24.70
CA ASP B 331 -2.90 -9.77 -23.64
C ASP B 331 -3.58 -11.12 -23.80
N ILE B 332 -2.81 -12.20 -23.86
CA ILE B 332 -3.41 -13.53 -23.97
C ILE B 332 -2.78 -14.58 -23.07
N THR B 333 -3.64 -15.36 -22.42
CA THR B 333 -3.23 -16.30 -21.40
C THR B 333 -3.03 -17.69 -21.98
N MET B 334 -1.81 -17.95 -22.42
CA MET B 334 -1.48 -19.20 -23.06
C MET B 334 -0.92 -20.19 -22.05
N HIS B 335 -0.78 -19.75 -20.80
CA HIS B 335 -0.32 -20.65 -19.74
C HIS B 335 -1.48 -21.34 -19.04
N HIS B 336 -2.60 -20.63 -18.85
CA HIS B 336 -3.72 -21.18 -18.10
C HIS B 336 -5.06 -20.57 -18.51
N THR B 337 -6.14 -21.19 -18.08
CA THR B 337 -7.49 -20.81 -18.49
C THR B 337 -8.49 -21.07 -17.36
N ASN B 338 -9.60 -20.33 -17.40
CA ASN B 338 -10.67 -20.52 -16.45
C ASN B 338 -11.31 -21.88 -16.72
N PRO B 339 -11.64 -22.62 -15.65
CA PRO B 339 -12.22 -23.95 -15.86
C PRO B 339 -13.60 -23.94 -16.57
N CYS B 340 -14.20 -22.76 -16.73
CA CYS B 340 -15.39 -22.65 -17.57
C CYS B 340 -15.08 -22.90 -19.06
N ASN B 341 -13.81 -22.88 -19.41
CA ASN B 341 -13.38 -23.20 -20.77
C ASN B 341 -14.06 -24.49 -21.24
N GLU B 342 -14.78 -24.40 -22.34
CA GLU B 342 -15.46 -25.58 -22.88
C GLU B 342 -14.58 -26.83 -22.81
N LEU B 343 -13.32 -26.67 -23.16
CA LEU B 343 -12.38 -27.79 -23.25
C LEU B 343 -12.11 -28.41 -21.89
N PHE B 344 -11.98 -27.56 -20.86
CA PHE B 344 -11.79 -28.08 -19.51
C PHE B 344 -13.06 -28.84 -19.08
N VAL B 345 -14.23 -28.24 -19.35
CA VAL B 345 -15.49 -28.89 -19.03
C VAL B 345 -15.53 -30.29 -19.65
N LYS B 346 -15.21 -30.39 -20.92
CA LYS B 346 -15.21 -31.67 -21.62
C LYS B 346 -14.23 -32.65 -20.99
N ALA B 347 -13.08 -32.14 -20.57
CA ALA B 347 -12.06 -32.97 -19.94
C ALA B 347 -12.55 -33.56 -18.63
N LEU B 348 -13.49 -32.88 -17.99
CA LEU B 348 -14.05 -33.33 -16.73
C LEU B 348 -15.20 -34.31 -16.95
N ARG B 349 -15.90 -34.16 -18.07
CA ARG B 349 -17.01 -35.02 -18.41
C ARG B 349 -16.54 -36.31 -19.07
N GLU B 350 -15.66 -36.16 -20.06
CA GLU B 350 -15.12 -37.31 -20.78
C GLU B 350 -14.31 -38.21 -19.86
N GLY B 351 -13.45 -37.59 -19.06
CA GLY B 351 -12.61 -38.34 -18.13
C GLY B 351 -11.14 -38.27 -18.49
N GLU B 352 -10.37 -39.25 -18.04
CA GLU B 352 -8.93 -39.30 -18.32
C GLU B 352 -8.65 -40.11 -19.57
N ASN B 353 -9.70 -40.69 -20.16
CA ASN B 353 -9.56 -41.49 -21.36
C ASN B 353 -9.91 -40.70 -22.62
N SER B 354 -10.16 -39.41 -22.45
CA SER B 354 -10.51 -38.55 -23.56
C SER B 354 -9.32 -37.68 -23.98
N PRO B 355 -9.35 -37.18 -25.20
CA PRO B 355 -8.28 -36.34 -25.73
C PRO B 355 -8.25 -34.98 -25.03
N TYR B 356 -9.41 -34.46 -24.68
CA TYR B 356 -9.52 -33.17 -24.02
C TYR B 356 -8.77 -33.18 -22.68
N TRP B 357 -8.62 -34.37 -22.10
CA TRP B 357 -7.93 -34.52 -20.82
C TRP B 357 -6.44 -34.19 -20.96
N GLU B 358 -5.85 -34.53 -22.10
CA GLU B 358 -4.43 -34.26 -22.33
C GLU B 358 -4.17 -32.81 -22.73
N MET B 359 -5.22 -31.99 -22.79
CA MET B 359 -5.07 -30.56 -23.06
C MET B 359 -4.61 -29.81 -21.81
N PHE B 360 -4.73 -30.47 -20.67
CA PHE B 360 -4.43 -29.82 -19.40
C PHE B 360 -3.50 -30.68 -18.57
N SER B 361 -3.00 -30.14 -17.47
CA SER B 361 -2.01 -30.83 -16.67
C SER B 361 -2.64 -31.31 -15.37
N PHE B 362 -3.41 -32.39 -15.47
CA PHE B 362 -4.07 -32.98 -14.32
C PHE B 362 -3.07 -33.76 -13.47
N LEU B 363 -3.31 -33.81 -12.16
CA LEU B 363 -2.35 -34.43 -11.23
C LEU B 363 -2.82 -35.76 -10.64
N SER B 364 -4.12 -35.95 -10.54
CA SER B 364 -4.66 -37.18 -10.02
C SER B 364 -6.15 -37.11 -10.18
N PRO B 365 -6.73 -38.05 -10.92
CA PRO B 365 -8.19 -38.16 -10.94
C PRO B 365 -8.74 -37.87 -9.56
N PRO B 366 -9.62 -36.86 -9.46
CA PRO B 366 -10.23 -36.52 -8.19
C PRO B 366 -11.41 -37.45 -7.90
N PRO B 367 -11.92 -37.42 -6.66
CA PRO B 367 -13.15 -38.16 -6.37
C PRO B 367 -14.28 -37.61 -7.21
N LYS B 368 -15.18 -38.45 -7.67
CA LYS B 368 -16.26 -38.00 -8.53
C LYS B 368 -17.10 -36.88 -7.92
N GLU B 369 -17.33 -36.93 -6.61
CA GLU B 369 -18.11 -35.87 -5.92
C GLU B 369 -17.58 -34.48 -6.27
N ILE B 370 -16.27 -34.35 -6.23
CA ILE B 370 -15.62 -33.06 -6.47
C ILE B 370 -15.92 -32.60 -7.89
N VAL B 371 -15.90 -33.56 -8.80
CA VAL B 371 -16.16 -33.26 -10.21
C VAL B 371 -17.57 -32.70 -10.34
N GLU B 372 -18.55 -33.40 -9.77
CA GLU B 372 -19.94 -32.96 -9.84
C GLU B 372 -20.13 -31.57 -9.23
N LEU B 373 -19.55 -31.38 -8.05
CA LEU B 373 -19.59 -30.09 -7.35
C LEU B 373 -19.06 -28.95 -8.24
N MET B 374 -17.96 -29.22 -8.93
CA MET B 374 -17.34 -28.23 -9.80
C MET B 374 -18.15 -27.98 -11.08
N LEU B 375 -18.70 -29.07 -11.63
CA LEU B 375 -19.50 -29.00 -12.86
C LEU B 375 -20.67 -28.07 -12.69
N LYS B 376 -21.30 -28.11 -11.52
CA LYS B 376 -22.46 -27.25 -11.31
C LYS B 376 -22.12 -25.77 -11.55
N TYR B 377 -20.86 -25.40 -11.28
CA TYR B 377 -20.43 -24.02 -11.33
C TYR B 377 -19.66 -23.64 -12.61
N ILE B 378 -19.09 -24.64 -13.27
CA ILE B 378 -18.28 -24.36 -14.46
C ILE B 378 -19.01 -24.63 -15.77
N ASP B 379 -20.06 -25.44 -15.72
CA ASP B 379 -20.87 -25.70 -16.91
C ASP B 379 -22.19 -24.91 -16.81
N GLY B 380 -22.90 -24.78 -17.91
CA GLY B 380 -24.10 -23.95 -17.98
C GLY B 380 -23.82 -22.62 -18.67
N GLU B 381 -24.85 -22.00 -19.23
CA GLU B 381 -24.70 -20.77 -20.02
C GLU B 381 -23.90 -19.70 -19.30
N GLU B 382 -24.16 -19.56 -18.00
CA GLU B 382 -23.40 -18.61 -17.19
C GLU B 382 -22.23 -19.29 -16.48
N CYS B 383 -21.01 -18.78 -16.69
CA CYS B 383 -19.87 -19.24 -15.91
C CYS B 383 -19.97 -18.67 -14.51
N ARG B 384 -19.87 -19.55 -13.51
CA ARG B 384 -20.03 -19.16 -12.12
C ARG B 384 -18.90 -19.69 -11.26
N SER B 385 -17.74 -19.93 -11.87
CA SER B 385 -16.64 -20.57 -11.15
C SER B 385 -16.12 -19.76 -9.95
N ARG B 386 -16.35 -18.44 -9.96
CA ARG B 386 -16.10 -17.63 -8.76
C ARG B 386 -16.77 -18.29 -7.55
N GLU B 387 -18.02 -18.70 -7.76
CA GLU B 387 -18.84 -19.28 -6.69
C GLU B 387 -18.22 -20.53 -6.08
N LEU B 388 -17.24 -21.10 -6.78
CA LEU B 388 -16.54 -22.27 -6.28
C LEU B 388 -15.92 -21.99 -4.91
N TYR B 389 -15.71 -20.70 -4.60
CA TYR B 389 -15.06 -20.36 -3.33
C TYR B 389 -16.01 -20.30 -2.15
N LYS B 390 -17.31 -20.36 -2.42
CA LYS B 390 -18.29 -20.40 -1.36
C LYS B 390 -18.31 -21.78 -0.68
N LEU B 391 -17.60 -22.74 -1.27
CA LEU B 391 -17.56 -24.11 -0.74
C LEU B 391 -16.24 -24.39 -0.01
N ASP B 392 -16.35 -25.06 1.13
CA ASP B 392 -15.20 -25.36 1.97
C ASP B 392 -14.13 -26.14 1.21
N TYR B 393 -14.54 -27.15 0.46
CA TYR B 393 -13.59 -28.02 -0.21
C TYR B 393 -12.56 -27.25 -1.04
N PHE B 394 -13.05 -26.36 -1.90
CA PHE B 394 -12.20 -25.65 -2.83
C PHE B 394 -11.41 -24.55 -2.15
N ARG B 395 -11.97 -23.99 -1.08
CA ARG B 395 -11.20 -23.03 -0.30
C ARG B 395 -10.05 -23.70 0.46
N ASN B 396 -10.18 -24.99 0.76
CA ASN B 396 -9.24 -25.68 1.67
C ASN B 396 -8.31 -26.73 1.03
N ASN B 397 -8.45 -26.95 -0.27
CA ASN B 397 -7.64 -27.96 -0.96
C ASN B 397 -7.04 -27.44 -2.25
N LYS B 398 -5.79 -27.82 -2.52
CA LYS B 398 -5.16 -27.47 -3.78
C LYS B 398 -5.92 -28.14 -4.93
N PRO B 399 -5.92 -27.52 -6.12
CA PRO B 399 -6.61 -28.11 -7.27
C PRO B 399 -6.02 -29.46 -7.65
N PHE B 400 -6.80 -30.30 -8.32
CA PHE B 400 -6.29 -31.60 -8.74
C PHE B 400 -5.64 -31.51 -10.14
N TYR B 401 -5.11 -30.34 -10.43
CA TYR B 401 -4.43 -30.08 -11.68
C TYR B 401 -3.46 -28.95 -11.39
N GLU B 402 -2.40 -28.85 -12.19
CA GLU B 402 -1.50 -27.71 -12.05
C GLU B 402 -2.27 -26.46 -12.42
N ALA B 403 -1.87 -25.34 -11.82
CA ALA B 403 -2.62 -24.11 -11.96
C ALA B 403 -1.73 -22.97 -11.47
N PHE B 404 -1.95 -21.78 -12.03
CA PHE B 404 -1.18 -20.62 -11.64
C PHE B 404 -1.23 -20.44 -10.12
N PHE B 405 -0.08 -20.63 -9.47
CA PHE B 405 -0.01 -20.61 -8.02
C PHE B 405 -1.19 -21.38 -7.40
N ASN B 406 -1.50 -22.55 -7.96
CA ASN B 406 -2.54 -23.43 -7.44
C ASN B 406 -3.89 -22.76 -7.25
N ILE B 407 -4.20 -21.80 -8.13
CA ILE B 407 -5.48 -21.08 -8.07
C ILE B 407 -6.48 -21.80 -8.97
N TRP B 408 -7.64 -22.13 -8.41
CA TRP B 408 -8.62 -23.02 -9.07
C TRP B 408 -9.14 -22.47 -10.40
N LEU B 409 -9.23 -21.15 -10.51
CA LEU B 409 -9.76 -20.53 -11.72
C LEU B 409 -8.69 -20.29 -12.80
N MET B 410 -7.48 -20.81 -12.58
CA MET B 410 -6.43 -20.71 -13.59
C MET B 410 -5.75 -22.06 -13.86
N ALA B 411 -6.47 -22.94 -14.55
CA ALA B 411 -5.98 -24.29 -14.83
C ALA B 411 -4.95 -24.27 -15.97
N LYS B 412 -3.81 -24.90 -15.73
CA LYS B 412 -2.71 -24.85 -16.69
C LYS B 412 -2.95 -25.75 -17.90
N PHE B 413 -2.66 -25.22 -19.09
CA PHE B 413 -2.65 -26.06 -20.30
C PHE B 413 -1.51 -27.07 -20.24
N ASN B 414 -1.62 -28.10 -21.06
CA ASN B 414 -0.57 -29.10 -21.15
C ASN B 414 0.35 -28.74 -22.29
N HIS B 415 1.44 -28.06 -21.97
CA HIS B 415 2.37 -27.60 -23.00
C HIS B 415 3.20 -28.73 -23.60
N ASP B 416 3.05 -29.95 -23.09
CA ASP B 416 3.70 -31.10 -23.76
C ASP B 416 2.81 -31.64 -24.87
N ASN B 417 1.64 -31.06 -25.03
CA ASN B 417 0.70 -31.51 -26.05
C ASN B 417 0.65 -30.53 -27.21
N PRO B 418 1.22 -30.93 -28.36
CA PRO B 418 1.29 -30.06 -29.55
C PRO B 418 -0.09 -29.53 -29.96
N ARG B 419 -1.13 -30.27 -29.56
CA ARG B 419 -2.49 -29.84 -29.84
C ARG B 419 -2.83 -28.49 -29.21
N THR B 420 -2.22 -28.19 -28.07
CA THR B 420 -2.47 -26.90 -27.43
C THR B 420 -1.79 -25.78 -28.23
N VAL B 421 -0.67 -26.11 -28.86
CA VAL B 421 -0.05 -25.17 -29.78
C VAL B 421 -1.02 -24.88 -30.91
N ASP B 422 -1.59 -25.94 -31.51
CA ASP B 422 -2.59 -25.70 -32.56
C ASP B 422 -3.73 -24.81 -32.06
N TYR B 423 -4.25 -25.12 -30.87
CA TYR B 423 -5.33 -24.35 -30.25
C TYR B 423 -5.01 -22.85 -30.29
N PHE B 424 -3.83 -22.51 -29.77
CA PHE B 424 -3.46 -21.09 -29.74
C PHE B 424 -3.06 -20.48 -31.08
N ILE B 425 -2.65 -21.32 -32.05
CA ILE B 425 -2.35 -20.83 -33.39
C ILE B 425 -3.64 -20.42 -34.08
N ASP B 426 -4.68 -21.23 -33.90
CA ASP B 426 -5.98 -20.93 -34.49
C ASP B 426 -6.54 -19.66 -33.85
N ILE B 427 -6.43 -19.57 -32.53
CA ILE B 427 -6.84 -18.33 -31.87
C ILE B 427 -6.09 -17.12 -32.44
N THR B 428 -4.79 -17.28 -32.65
CA THR B 428 -3.97 -16.21 -33.20
C THR B 428 -4.54 -15.79 -34.56
N LYS B 429 -4.76 -16.76 -35.45
CA LYS B 429 -5.37 -16.47 -36.75
C LYS B 429 -6.66 -15.66 -36.60
N PHE B 430 -7.48 -16.03 -35.63
CA PHE B 430 -8.75 -15.33 -35.39
C PHE B 430 -8.51 -13.86 -35.11
N TRP B 431 -7.62 -13.56 -34.16
CA TRP B 431 -7.40 -12.15 -33.85
C TRP B 431 -6.58 -11.37 -34.88
N ILE B 432 -5.70 -12.05 -35.61
CA ILE B 432 -4.97 -11.39 -36.69
C ILE B 432 -5.94 -10.98 -37.78
N ASP B 433 -6.90 -11.85 -38.06
CA ASP B 433 -7.86 -11.51 -39.10
C ASP B 433 -8.77 -10.35 -38.70
N LYS B 434 -8.82 -10.04 -37.41
CA LYS B 434 -9.50 -8.84 -36.91
C LYS B 434 -8.57 -7.60 -36.88
N GLY B 435 -7.35 -7.73 -37.37
CA GLY B 435 -6.47 -6.58 -37.46
C GLY B 435 -5.50 -6.34 -36.32
N ILE B 436 -5.47 -7.17 -35.28
CA ILE B 436 -4.49 -6.88 -34.22
C ILE B 436 -3.07 -7.07 -34.75
N ASP B 437 -2.13 -6.42 -34.07
CA ASP B 437 -0.74 -6.38 -34.51
C ASP B 437 0.23 -7.23 -33.67
N GLY B 438 -0.28 -7.80 -32.59
CA GLY B 438 0.56 -8.64 -31.74
C GLY B 438 -0.09 -9.19 -30.47
N PHE B 439 0.60 -10.17 -29.89
CA PHE B 439 0.21 -10.72 -28.62
C PHE B 439 1.27 -10.45 -27.57
N ARG B 440 0.81 -10.11 -26.37
CA ARG B 440 1.61 -10.18 -25.17
C ARG B 440 1.16 -11.43 -24.45
N ILE B 441 2.08 -12.39 -24.29
CA ILE B 441 1.78 -13.70 -23.72
C ILE B 441 1.95 -13.74 -22.19
N ASP B 442 0.83 -13.91 -21.49
CA ASP B 442 0.84 -13.99 -20.03
C ASP B 442 1.56 -15.24 -19.50
N VAL B 443 2.29 -15.06 -18.40
CA VAL B 443 3.08 -16.13 -17.79
C VAL B 443 3.88 -16.89 -18.83
N ALA B 444 4.49 -16.16 -19.77
CA ALA B 444 5.33 -16.77 -20.78
C ALA B 444 6.41 -17.64 -20.15
N MET B 445 7.08 -17.14 -19.11
CA MET B 445 8.16 -17.93 -18.52
C MET B 445 7.67 -19.28 -18.01
N GLY B 446 6.36 -19.42 -17.87
CA GLY B 446 5.81 -20.66 -17.33
C GLY B 446 5.51 -21.66 -18.42
N ILE B 447 5.68 -21.25 -19.67
CA ILE B 447 5.41 -22.10 -20.83
C ILE B 447 6.66 -22.79 -21.36
N HIS B 448 6.55 -24.10 -21.55
CA HIS B 448 7.72 -24.90 -21.91
C HIS B 448 8.42 -24.34 -23.16
N TYR B 449 9.76 -24.37 -23.17
CA TYR B 449 10.52 -23.82 -24.31
C TYR B 449 10.15 -24.47 -25.65
N SER B 450 9.81 -25.76 -25.63
CA SER B 450 9.50 -26.49 -26.88
C SER B 450 8.14 -26.08 -27.48
N TRP B 451 7.19 -25.77 -26.60
CA TRP B 451 5.91 -25.21 -26.98
C TRP B 451 6.13 -23.82 -27.61
N MET B 452 6.81 -22.97 -26.88
CA MET B 452 7.06 -21.62 -27.37
C MET B 452 7.84 -21.65 -28.67
N LYS B 453 8.72 -22.62 -28.86
CA LYS B 453 9.44 -22.71 -30.13
C LYS B 453 8.51 -23.11 -31.27
N GLN B 454 7.60 -24.06 -31.03
CA GLN B 454 6.63 -24.45 -32.06
C GLN B 454 5.78 -23.25 -32.48
N TYR B 455 5.26 -22.56 -31.47
CA TYR B 455 4.35 -21.47 -31.71
C TYR B 455 5.05 -20.28 -32.37
N TYR B 456 6.14 -19.84 -31.75
CA TYR B 456 6.92 -18.71 -32.26
C TYR B 456 7.41 -18.93 -33.70
N GLU B 457 8.01 -20.10 -33.98
CA GLU B 457 8.52 -20.35 -35.33
C GLU B 457 7.39 -20.38 -36.35
N TYR B 458 6.27 -21.00 -36.00
CA TYR B 458 5.19 -21.06 -36.98
C TYR B 458 4.64 -19.67 -37.25
N ILE B 459 4.34 -18.95 -36.18
CA ILE B 459 3.76 -17.60 -36.31
C ILE B 459 4.69 -16.67 -37.07
N LYS B 460 5.98 -16.67 -36.74
CA LYS B 460 6.89 -15.77 -37.43
C LYS B 460 7.07 -16.18 -38.90
N ASN B 461 7.06 -17.48 -39.19
CA ASN B 461 7.09 -17.85 -40.60
C ASN B 461 5.85 -17.32 -41.30
N THR B 462 4.71 -17.40 -40.64
CA THR B 462 3.46 -17.14 -41.35
C THR B 462 3.07 -15.65 -41.34
N TYR B 463 3.36 -14.97 -40.23
CA TYR B 463 3.08 -13.54 -40.10
C TYR B 463 4.30 -12.81 -39.56
N PRO B 464 5.25 -12.47 -40.46
CA PRO B 464 6.53 -11.86 -40.09
C PRO B 464 6.39 -10.56 -39.31
N ASP B 465 5.25 -9.89 -39.42
CA ASP B 465 5.08 -8.57 -38.80
C ASP B 465 4.25 -8.61 -37.52
N PHE B 466 3.83 -9.80 -37.14
CA PHE B 466 3.05 -9.99 -35.93
C PHE B 466 3.98 -10.00 -34.72
N LEU B 467 3.83 -9.05 -33.81
CA LEU B 467 4.67 -9.02 -32.63
C LEU B 467 4.34 -10.15 -31.66
N VAL B 468 5.36 -10.90 -31.27
CA VAL B 468 5.20 -11.85 -30.16
C VAL B 468 6.01 -11.37 -28.95
N LEU B 469 5.30 -10.84 -27.94
CA LEU B 469 5.91 -10.24 -26.74
C LEU B 469 5.62 -11.15 -25.56
N GLY B 470 6.61 -11.42 -24.71
CA GLY B 470 6.40 -12.35 -23.62
C GLY B 470 6.54 -11.77 -22.21
N GLU B 471 5.66 -12.17 -21.31
CA GLU B 471 5.86 -11.84 -19.91
C GLU B 471 6.98 -12.69 -19.37
N LEU B 472 8.12 -12.05 -19.08
CA LEU B 472 9.35 -12.75 -18.67
C LEU B 472 10.03 -11.90 -17.61
N ALA B 473 10.70 -12.54 -16.66
CA ALA B 473 11.18 -11.80 -15.49
C ALA B 473 12.67 -11.98 -15.28
N GLU B 474 13.20 -13.06 -15.84
CA GLU B 474 14.63 -13.36 -15.74
C GLU B 474 15.39 -12.66 -16.88
N ASN B 475 16.72 -12.86 -16.95
CA ASN B 475 17.54 -12.24 -17.98
C ASN B 475 17.03 -12.57 -19.37
N PRO B 476 16.59 -11.55 -20.13
CA PRO B 476 16.05 -11.76 -21.48
C PRO B 476 16.93 -12.62 -22.41
N ARG B 477 18.24 -12.72 -22.17
CA ARG B 477 19.12 -13.48 -23.05
C ARG B 477 18.82 -14.98 -23.01
N ILE B 478 17.93 -15.38 -22.10
CA ILE B 478 17.48 -16.76 -22.00
C ILE B 478 16.46 -17.03 -23.10
N TYR B 479 15.68 -16.02 -23.46
CA TYR B 479 14.42 -16.23 -24.19
C TYR B 479 14.35 -15.70 -25.62
N MET B 480 15.36 -14.98 -26.09
CA MET B 480 15.12 -14.18 -27.29
C MET B 480 15.08 -14.97 -28.58
N ASP B 481 15.38 -16.27 -28.52
CA ASP B 481 15.16 -17.15 -29.67
C ASP B 481 13.70 -17.57 -29.75
N TYR B 482 12.90 -17.24 -28.74
CA TYR B 482 11.52 -17.71 -28.66
C TYR B 482 10.52 -16.56 -28.71
N PHE B 483 11.02 -15.33 -28.72
CA PHE B 483 10.16 -14.14 -28.74
C PHE B 483 10.78 -13.05 -29.60
N ASP B 484 9.95 -12.08 -30.00
CA ASP B 484 10.45 -10.84 -30.59
C ASP B 484 10.86 -9.90 -29.47
N SER B 485 10.09 -9.94 -28.38
CA SER B 485 10.29 -9.03 -27.26
C SER B 485 9.97 -9.71 -25.94
N ALA B 486 10.56 -9.16 -24.88
CA ALA B 486 10.29 -9.59 -23.51
C ALA B 486 10.09 -8.37 -22.62
N MET B 487 9.09 -8.44 -21.76
CA MET B 487 8.90 -7.39 -20.75
C MET B 487 10.17 -7.36 -19.93
N ASN B 488 10.85 -6.21 -19.91
CA ASN B 488 12.20 -6.15 -19.38
C ASN B 488 12.26 -5.91 -17.87
N TYR B 489 11.74 -6.87 -17.09
CA TYR B 489 11.75 -6.78 -15.63
C TYR B 489 13.18 -6.81 -15.07
N TYR B 490 14.06 -7.52 -15.78
CA TYR B 490 15.48 -7.59 -15.42
C TYR B 490 16.10 -6.18 -15.37
N LEU B 491 15.83 -5.40 -16.41
CA LEU B 491 16.37 -4.05 -16.52
C LEU B 491 15.78 -3.17 -15.42
N ARG B 492 14.45 -3.16 -15.31
CA ARG B 492 13.77 -2.37 -14.28
C ARG B 492 14.40 -2.66 -12.93
N LYS B 493 14.70 -3.94 -12.68
CA LYS B 493 15.32 -4.34 -11.43
C LYS B 493 16.73 -3.72 -11.31
N ALA B 494 17.49 -3.74 -12.39
CA ALA B 494 18.80 -3.09 -12.39
C ALA B 494 18.70 -1.59 -12.02
N ILE B 495 17.72 -0.92 -12.61
CA ILE B 495 17.48 0.50 -12.37
C ILE B 495 17.15 0.76 -10.90
N LEU B 496 16.15 0.06 -10.38
CA LEU B 496 15.78 0.22 -8.98
C LEU B 496 16.95 -0.08 -8.06
N GLU B 497 17.73 -1.10 -8.41
CA GLU B 497 18.86 -1.52 -7.58
C GLU B 497 20.01 -0.51 -7.59
N LEU B 498 20.13 0.26 -8.66
CA LEU B 498 21.11 1.34 -8.69
C LEU B 498 20.63 2.59 -7.94
N LEU B 499 19.44 3.07 -8.33
CA LEU B 499 18.98 4.38 -7.94
C LEU B 499 18.11 4.43 -6.66
N ILE B 500 17.53 3.29 -6.27
CA ILE B 500 16.63 3.26 -5.11
C ILE B 500 17.16 2.43 -3.92
N TYR B 501 17.40 1.14 -4.12
CA TYR B 501 17.91 0.29 -3.03
C TYR B 501 19.41 0.46 -2.87
N LYS B 502 20.02 1.19 -3.81
CA LYS B 502 21.45 1.46 -3.76
C LYS B 502 22.26 0.25 -3.32
N ARG B 503 22.08 -0.87 -4.00
CA ARG B 503 22.85 -2.06 -3.66
C ARG B 503 23.86 -2.47 -4.73
N ILE B 504 23.81 -1.81 -5.89
CA ILE B 504 24.87 -1.94 -6.88
C ILE B 504 25.36 -0.56 -7.33
N ASP B 505 26.66 -0.42 -7.54
CA ASP B 505 27.22 0.82 -8.03
C ASP B 505 27.06 0.92 -9.54
N LEU B 506 27.68 1.95 -10.12
CA LEU B 506 27.49 2.28 -11.52
C LEU B 506 28.12 1.25 -12.49
N ASN B 507 29.32 0.75 -12.15
CA ASN B 507 29.94 -0.30 -12.95
C ASN B 507 29.10 -1.58 -12.94
N GLU B 508 28.60 -1.92 -11.77
CA GLU B 508 27.69 -3.05 -11.62
C GLU B 508 26.46 -2.87 -12.49
N PHE B 509 25.91 -1.65 -12.51
CA PHE B 509 24.74 -1.37 -13.34
C PHE B 509 25.06 -1.60 -14.82
N ILE B 510 26.14 -0.96 -15.28
CA ILE B 510 26.51 -1.07 -16.68
C ILE B 510 26.68 -2.53 -17.05
N SER B 511 27.27 -3.29 -16.13
CA SER B 511 27.55 -4.70 -16.32
C SER B 511 26.26 -5.53 -16.42
N ARG B 512 25.26 -5.16 -15.62
CA ARG B 512 23.93 -5.74 -15.72
C ARG B 512 23.30 -5.51 -17.07
N ILE B 513 23.38 -4.27 -17.56
CA ILE B 513 22.84 -3.93 -18.87
C ILE B 513 23.53 -4.70 -20.01
N ASN B 514 24.85 -4.77 -19.97
CA ASN B 514 25.61 -5.39 -21.05
C ASN B 514 25.46 -6.88 -21.01
N ASN B 515 25.11 -7.38 -19.83
CA ASN B 515 24.96 -8.80 -19.59
C ASN B 515 23.70 -9.34 -20.27
N VAL B 516 22.92 -8.43 -20.84
CA VAL B 516 21.88 -8.80 -21.80
C VAL B 516 22.16 -8.22 -23.20
N TYR B 517 22.47 -6.93 -23.29
CA TYR B 517 22.70 -6.32 -24.61
C TYR B 517 23.78 -7.04 -25.42
N ALA B 518 24.91 -7.33 -24.80
CA ALA B 518 26.04 -7.93 -25.50
C ALA B 518 25.78 -9.38 -25.88
N TYR B 519 24.69 -9.96 -25.35
CA TYR B 519 24.42 -11.37 -25.55
C TYR B 519 23.24 -11.67 -26.47
N ILE B 520 22.57 -10.64 -26.94
CA ILE B 520 21.52 -10.84 -27.93
C ILE B 520 21.73 -9.95 -29.14
N PRO B 521 21.10 -10.30 -30.27
CA PRO B 521 21.26 -9.48 -31.47
C PRO B 521 20.70 -8.09 -31.22
N HIS B 522 21.28 -7.11 -31.90
CA HIS B 522 20.87 -5.71 -31.74
C HIS B 522 19.36 -5.52 -31.91
N TYR B 523 18.75 -6.15 -32.93
CA TYR B 523 17.33 -5.93 -33.23
C TYR B 523 16.44 -6.49 -32.11
N LYS B 524 16.86 -7.61 -31.55
CA LYS B 524 16.21 -8.19 -30.39
C LYS B 524 16.30 -7.15 -29.26
N ALA B 525 17.50 -6.63 -29.03
CA ALA B 525 17.68 -5.58 -28.02
C ALA B 525 16.74 -4.39 -28.23
N LEU B 526 16.60 -3.93 -29.48
CA LEU B 526 15.75 -2.77 -29.80
C LEU B 526 14.29 -3.08 -29.49
N SER B 527 13.94 -4.36 -29.58
CA SER B 527 12.55 -4.79 -29.35
C SER B 527 12.15 -4.97 -27.89
N LEU B 528 13.13 -5.04 -26.98
CA LEU B 528 12.81 -5.28 -25.58
C LEU B 528 11.81 -4.24 -25.04
N TYR B 529 10.76 -4.75 -24.39
CA TYR B 529 9.72 -3.94 -23.76
C TYR B 529 10.25 -3.35 -22.44
N ASN B 530 10.79 -2.14 -22.51
CA ASN B 530 11.43 -1.59 -21.31
C ASN B 530 10.49 -0.70 -20.50
N MET B 531 9.95 -1.25 -19.41
CA MET B 531 9.05 -0.49 -18.54
C MET B 531 9.70 0.00 -17.26
N LEU B 532 9.00 0.90 -16.60
CA LEU B 532 9.33 1.31 -15.26
C LEU B 532 8.23 0.77 -14.35
N GLY B 533 7.11 0.38 -14.96
CA GLY B 533 5.96 -0.09 -14.21
C GLY B 533 4.95 -0.86 -15.05
N SER B 534 4.00 -1.49 -14.36
CA SER B 534 2.94 -2.27 -15.00
C SER B 534 1.91 -2.64 -13.94
N HIS B 535 0.89 -3.39 -14.34
CA HIS B 535 -0.18 -3.79 -13.40
C HIS B 535 0.25 -4.83 -12.37
N ASP B 536 1.51 -5.27 -12.42
CA ASP B 536 2.01 -6.26 -11.46
C ASP B 536 3.02 -5.69 -10.47
N VAL B 537 3.18 -4.37 -10.46
CA VAL B 537 4.12 -3.73 -9.55
C VAL B 537 3.60 -2.39 -9.07
N PRO B 538 4.15 -1.90 -7.94
CA PRO B 538 3.73 -0.57 -7.45
C PRO B 538 3.94 0.51 -8.51
N ARG B 539 3.16 1.59 -8.47
CA ARG B 539 3.33 2.70 -9.39
C ARG B 539 4.71 3.31 -9.14
N ILE B 540 5.42 3.61 -10.23
CA ILE B 540 6.81 4.04 -10.13
C ILE B 540 6.98 5.37 -9.37
N LYS B 541 6.04 6.30 -9.58
CA LYS B 541 6.03 7.55 -8.84
C LYS B 541 6.04 7.32 -7.32
N SER B 542 5.27 6.32 -6.88
CA SER B 542 5.13 6.04 -5.45
C SER B 542 6.38 5.40 -4.87
N MET B 543 7.07 4.60 -5.68
CA MET B 543 8.31 3.97 -5.23
C MET B 543 9.45 4.98 -5.15
N VAL B 544 9.50 5.86 -6.13
CA VAL B 544 10.62 6.81 -6.22
C VAL B 544 10.47 8.02 -5.29
N GLN B 545 9.35 8.72 -5.42
CA GLN B 545 9.05 9.92 -4.63
C GLN B 545 10.15 10.98 -4.73
N ASN B 546 10.34 11.49 -5.94
CA ASN B 546 11.41 12.43 -6.23
C ASN B 546 11.36 12.83 -7.70
N ASN B 547 10.60 13.87 -8.02
CA ASN B 547 10.44 14.31 -9.41
C ASN B 547 11.70 14.23 -10.27
N LYS B 548 12.84 14.58 -9.67
CA LYS B 548 14.09 14.58 -10.40
C LYS B 548 14.50 13.16 -10.78
N LEU B 549 14.70 12.33 -9.77
CA LEU B 549 15.02 10.92 -9.98
C LEU B 549 14.06 10.25 -10.97
N LEU B 550 12.77 10.57 -10.86
CA LEU B 550 11.75 10.03 -11.74
C LEU B 550 11.98 10.43 -13.21
N LYS B 551 12.22 11.72 -13.45
CA LYS B 551 12.52 12.14 -14.82
C LYS B 551 13.84 11.53 -15.34
N LEU B 552 14.76 11.28 -14.41
CA LEU B 552 16.04 10.69 -14.77
C LEU B 552 15.81 9.24 -15.21
N MET B 553 14.93 8.54 -14.51
CA MET B 553 14.62 7.16 -14.86
C MET B 553 13.97 7.11 -16.24
N TYR B 554 13.07 8.06 -16.50
CA TYR B 554 12.47 8.10 -17.84
C TYR B 554 13.51 8.34 -18.95
N VAL B 555 14.42 9.27 -18.73
CA VAL B 555 15.48 9.50 -19.72
C VAL B 555 16.22 8.20 -19.91
N LEU B 556 16.38 7.46 -18.80
CA LEU B 556 17.19 6.26 -18.82
C LEU B 556 16.57 5.16 -19.68
N ILE B 557 15.26 5.00 -19.59
CA ILE B 557 14.60 4.01 -20.44
C ILE B 557 14.45 4.49 -21.90
N PHE B 558 14.54 5.80 -22.14
CA PHE B 558 14.55 6.25 -23.55
C PHE B 558 15.94 6.24 -24.21
N ALA B 559 16.98 6.36 -23.39
CA ALA B 559 18.35 6.40 -23.87
C ALA B 559 18.87 5.01 -24.23
N LEU B 560 18.70 4.09 -23.29
CA LEU B 560 19.03 2.66 -23.50
C LEU B 560 18.29 2.14 -24.74
N PRO B 561 19.00 1.36 -25.56
CA PRO B 561 18.36 0.79 -26.74
C PRO B 561 17.19 -0.07 -26.30
N GLY B 562 16.07 0.00 -27.02
CA GLY B 562 14.88 -0.73 -26.65
C GLY B 562 13.63 0.03 -27.00
N SER B 563 12.50 -0.49 -26.54
CA SER B 563 11.22 0.08 -26.85
C SER B 563 10.62 0.59 -25.55
N PRO B 564 10.68 1.90 -25.31
CA PRO B 564 10.25 2.47 -24.03
C PRO B 564 8.74 2.33 -23.80
N VAL B 565 8.37 2.12 -22.54
CA VAL B 565 6.98 1.85 -22.20
C VAL B 565 6.47 2.84 -21.18
N ILE B 566 5.25 3.31 -21.39
CA ILE B 566 4.47 4.04 -20.40
C ILE B 566 3.24 3.24 -19.96
N TYR B 567 3.17 3.00 -18.66
CA TYR B 567 2.02 2.38 -18.02
C TYR B 567 0.98 3.47 -17.80
N TYR B 568 -0.23 3.27 -18.33
CA TYR B 568 -1.29 4.30 -18.33
C TYR B 568 -1.38 5.06 -17.00
N GLY B 569 -1.39 6.38 -17.07
CA GLY B 569 -1.47 7.21 -15.89
C GLY B 569 -0.12 7.60 -15.32
N ASP B 570 0.90 6.78 -15.53
CA ASP B 570 2.24 7.16 -15.08
C ASP B 570 2.65 8.50 -15.70
N GLU B 571 2.24 8.75 -16.94
CA GLU B 571 2.70 9.96 -17.64
C GLU B 571 2.28 11.25 -16.93
N ILE B 572 1.32 11.14 -16.00
CA ILE B 572 0.75 12.31 -15.34
C ILE B 572 0.86 12.23 -13.82
N GLY B 573 1.51 11.19 -13.32
CA GLY B 573 1.84 11.13 -11.91
C GLY B 573 0.97 10.26 -11.02
N LEU B 574 0.15 9.39 -11.61
CA LEU B 574 -0.63 8.45 -10.81
C LEU B 574 0.26 7.73 -9.82
N GLU B 575 -0.24 7.55 -8.61
CA GLU B 575 0.45 6.80 -7.59
C GLU B 575 -0.36 5.56 -7.25
N GLY B 576 0.15 4.77 -6.31
CA GLY B 576 -0.52 3.57 -5.88
C GLY B 576 0.48 2.47 -5.58
N GLY B 577 0.01 1.44 -4.88
CA GLY B 577 0.87 0.35 -4.46
C GLY B 577 0.60 -0.93 -5.21
N ARG B 578 0.82 -2.06 -4.56
CA ARG B 578 0.60 -3.36 -5.18
C ARG B 578 -0.87 -3.59 -5.50
N ASP B 579 -1.16 -4.67 -6.23
CA ASP B 579 -2.53 -5.00 -6.60
C ASP B 579 -3.46 -4.92 -5.39
N PRO B 580 -4.60 -4.25 -5.58
CA PRO B 580 -4.93 -3.63 -6.87
C PRO B 580 -4.81 -2.11 -6.82
N ASP B 581 -3.99 -1.60 -5.90
CA ASP B 581 -3.78 -0.17 -5.75
C ASP B 581 -3.04 0.40 -6.96
N ASN B 582 -2.31 -0.46 -7.66
CA ASN B 582 -1.55 -0.03 -8.84
C ASN B 582 -2.40 -0.03 -10.10
N ARG B 583 -3.71 -0.10 -9.93
CA ARG B 583 -4.63 -0.11 -11.06
C ARG B 583 -5.70 0.97 -10.91
N ARG B 584 -5.40 1.98 -10.10
CA ARG B 584 -6.33 3.07 -9.87
C ARG B 584 -6.88 3.62 -11.19
N PRO B 585 -8.10 4.13 -11.15
CA PRO B 585 -8.74 4.69 -12.35
C PRO B 585 -7.89 5.81 -12.96
N MET B 586 -7.80 5.87 -14.30
CA MET B 586 -7.08 6.96 -14.94
C MET B 586 -7.66 8.29 -14.48
N ILE B 587 -6.82 9.32 -14.42
CA ILE B 587 -7.25 10.69 -14.09
C ILE B 587 -7.42 11.50 -15.38
N TRP B 588 -8.58 12.13 -15.51
CA TRP B 588 -8.88 12.89 -16.72
C TRP B 588 -9.00 14.40 -16.47
N ASP B 589 -9.10 14.79 -15.20
CA ASP B 589 -9.01 16.21 -14.88
C ASP B 589 -7.55 16.66 -15.01
N ARG B 590 -7.27 17.44 -16.05
CA ARG B 590 -5.92 17.94 -16.27
C ARG B 590 -5.42 18.73 -15.07
N GLY B 591 -6.34 19.27 -14.27
CA GLY B 591 -6.00 20.08 -13.12
C GLY B 591 -5.36 19.27 -12.02
N ASN B 592 -5.48 17.95 -12.12
CA ASN B 592 -4.86 17.06 -11.16
C ASN B 592 -3.67 16.32 -11.77
N TRP B 593 -3.23 16.76 -12.94
CA TRP B 593 -2.11 16.12 -13.63
C TRP B 593 -0.77 16.67 -13.14
N ASP B 594 0.27 15.85 -13.23
CA ASP B 594 1.64 16.33 -13.04
C ASP B 594 2.19 16.75 -14.40
N LEU B 595 1.96 18.01 -14.77
CA LEU B 595 2.27 18.52 -16.11
C LEU B 595 3.77 18.62 -16.46
N GLU B 596 4.63 18.78 -15.46
CA GLU B 596 6.06 18.82 -15.73
C GLU B 596 6.53 17.45 -16.22
N LEU B 597 6.16 16.41 -15.48
CA LEU B 597 6.50 15.03 -15.85
C LEU B 597 5.87 14.68 -17.19
N TYR B 598 4.62 15.07 -17.36
CA TYR B 598 3.90 14.83 -18.60
C TYR B 598 4.70 15.38 -19.76
N GLU B 599 4.99 16.67 -19.72
CA GLU B 599 5.69 17.33 -20.82
C GLU B 599 7.07 16.75 -21.06
N HIS B 600 7.73 16.36 -19.98
CA HIS B 600 9.01 15.69 -20.03
C HIS B 600 8.89 14.43 -20.90
N ILE B 601 7.89 13.62 -20.61
CA ILE B 601 7.68 12.38 -21.36
C ILE B 601 7.29 12.61 -22.82
N LYS B 602 6.45 13.61 -23.07
CA LYS B 602 6.09 13.94 -24.46
C LYS B 602 7.32 14.38 -25.24
N LYS B 603 8.22 15.11 -24.56
CA LYS B 603 9.48 15.52 -25.16
C LYS B 603 10.35 14.30 -25.51
N LEU B 604 10.45 13.36 -24.57
CA LEU B 604 11.23 12.14 -24.81
C LEU B 604 10.65 11.40 -26.00
N ILE B 605 9.33 11.31 -26.09
CA ILE B 605 8.69 10.59 -27.19
C ILE B 605 8.93 11.24 -28.55
N ARG B 606 8.87 12.58 -28.60
CA ARG B 606 9.19 13.26 -29.86
C ARG B 606 10.66 13.10 -30.22
N ILE B 607 11.53 13.04 -29.23
CA ILE B 607 12.95 12.77 -29.52
C ILE B 607 13.13 11.36 -30.10
N TYR B 608 12.56 10.36 -29.43
CA TYR B 608 12.54 8.99 -29.92
C TYR B 608 12.08 8.95 -31.38
N LYS B 609 10.99 9.65 -31.70
CA LYS B 609 10.48 9.63 -33.07
C LYS B 609 11.34 10.42 -34.09
N SER B 610 11.95 11.50 -33.63
CA SER B 610 12.73 12.38 -34.49
C SER B 610 14.11 11.81 -34.83
N CYS B 611 14.76 11.26 -33.82
CA CYS B 611 16.10 10.71 -33.97
C CYS B 611 16.07 9.20 -34.15
N ARG B 612 16.28 8.74 -35.38
CA ARG B 612 16.38 7.33 -35.64
C ARG B 612 17.61 6.72 -34.96
N SER B 613 18.48 7.55 -34.40
CA SER B 613 19.63 7.01 -33.69
C SER B 613 19.19 6.67 -32.27
N MET B 614 18.10 7.28 -31.83
CA MET B 614 17.51 6.86 -30.56
C MET B 614 16.66 5.60 -30.70
N ARG B 615 15.83 5.54 -31.73
CA ARG B 615 14.85 4.47 -31.89
C ARG B 615 15.55 3.18 -32.24
N HIS B 616 16.26 3.23 -33.35
CA HIS B 616 17.15 2.18 -33.77
C HIS B 616 18.50 2.77 -33.39
N GLY B 617 19.58 2.02 -33.50
CA GLY B 617 20.82 2.72 -33.25
C GLY B 617 21.69 2.09 -32.21
N TYR B 618 22.93 1.81 -32.63
CA TYR B 618 23.93 1.18 -31.80
C TYR B 618 24.22 1.97 -30.54
N PHE B 619 24.95 1.34 -29.64
CA PHE B 619 24.94 1.73 -28.26
C PHE B 619 26.28 1.53 -27.57
N LEU B 620 26.69 2.57 -26.86
CA LEU B 620 27.89 2.56 -26.05
C LEU B 620 27.51 3.17 -24.70
N VAL B 621 28.14 2.69 -23.62
CA VAL B 621 27.89 3.23 -22.29
C VAL B 621 29.18 3.26 -21.50
N GLU B 622 29.38 4.35 -20.77
CA GLU B 622 30.60 4.47 -19.97
C GLU B 622 30.30 5.11 -18.64
N ASN B 623 31.00 4.63 -17.62
CA ASN B 623 31.09 5.34 -16.37
C ASN B 623 32.18 6.40 -16.55
N LEU B 624 31.79 7.67 -16.50
CA LEU B 624 32.79 8.73 -16.65
C LEU B 624 33.27 9.21 -15.29
N GLY B 625 33.15 8.35 -14.29
CA GLY B 625 33.57 8.69 -12.93
C GLY B 625 32.64 9.68 -12.24
N SER B 626 32.70 9.69 -10.91
CA SER B 626 31.84 10.54 -10.09
C SER B 626 30.37 10.51 -10.56
N ASN B 627 29.86 9.32 -10.78
CA ASN B 627 28.43 9.13 -11.04
C ASN B 627 27.90 9.83 -12.29
N LEU B 628 28.77 9.99 -13.28
CA LEU B 628 28.36 10.52 -14.58
C LEU B 628 28.24 9.39 -15.60
N LEU B 629 26.99 9.05 -15.91
CA LEU B 629 26.69 7.99 -16.85
C LEU B 629 26.62 8.54 -18.26
N PHE B 630 27.47 8.02 -19.14
CA PHE B 630 27.51 8.49 -20.51
C PHE B 630 26.93 7.44 -21.47
N ILE B 631 26.02 7.87 -22.33
CA ILE B 631 25.46 6.96 -23.32
C ILE B 631 25.58 7.52 -24.72
N LYS B 632 26.03 6.71 -25.68
CA LYS B 632 26.00 7.16 -27.06
C LYS B 632 25.16 6.23 -27.92
N ARG B 633 24.30 6.83 -28.76
CA ARG B 633 23.49 6.10 -29.73
C ARG B 633 23.80 6.57 -31.15
N TRP B 634 24.00 5.63 -32.07
CA TRP B 634 24.28 6.08 -33.43
C TRP B 634 23.83 5.13 -34.53
N ILE B 635 23.47 5.69 -35.67
CA ILE B 635 23.06 4.91 -36.83
C ILE B 635 23.31 5.74 -38.09
N ASN B 636 23.89 5.12 -39.11
CA ASN B 636 24.28 5.82 -40.32
C ASN B 636 25.12 7.08 -40.01
N ASN B 637 24.61 8.26 -40.32
CA ASN B 637 25.36 9.49 -40.09
C ASN B 637 25.01 10.21 -38.80
N GLU B 638 23.91 9.80 -38.18
CA GLU B 638 23.41 10.48 -36.99
C GLU B 638 24.05 9.93 -35.73
N GLU B 639 24.22 10.79 -34.75
CA GLU B 639 24.93 10.39 -33.56
C GLU B 639 24.50 11.28 -32.41
N ILE B 640 24.12 10.66 -31.30
CA ILE B 640 23.52 11.38 -30.19
C ILE B 640 24.10 10.91 -28.85
N ILE B 641 24.31 11.82 -27.91
CA ILE B 641 24.81 11.41 -26.60
C ILE B 641 23.94 11.86 -25.43
N PHE B 642 24.09 11.17 -24.30
CA PHE B 642 23.33 11.42 -23.09
C PHE B 642 24.32 11.49 -21.94
N LEU B 643 24.10 12.42 -21.03
CA LEU B 643 24.92 12.51 -19.83
C LEU B 643 24.00 12.58 -18.62
N LEU B 644 24.08 11.58 -17.76
CA LEU B 644 23.19 11.52 -16.62
C LEU B 644 23.96 11.60 -15.33
N ASN B 645 23.45 12.39 -14.39
CA ASN B 645 24.01 12.42 -13.05
C ASN B 645 23.22 11.43 -12.24
N VAL B 646 23.83 10.29 -11.92
CA VAL B 646 23.13 9.24 -11.17
C VAL B 646 23.09 9.52 -9.67
N SER B 647 23.73 10.60 -9.24
CA SER B 647 23.68 10.96 -7.83
C SER B 647 22.80 12.19 -7.61
N SER B 648 22.42 12.41 -6.35
CA SER B 648 21.64 13.58 -6.00
C SER B 648 22.56 14.81 -5.88
N LYS B 649 23.86 14.57 -5.90
CA LYS B 649 24.86 15.63 -5.75
C LYS B 649 25.23 16.32 -7.08
N ASP B 650 25.43 17.64 -7.00
CA ASP B 650 25.75 18.43 -8.18
C ASP B 650 27.13 18.07 -8.71
N ILE B 651 27.33 18.24 -10.02
CA ILE B 651 28.60 17.93 -10.64
C ILE B 651 28.92 18.89 -11.79
N SER B 652 30.20 19.05 -12.10
CA SER B 652 30.62 19.94 -13.16
C SER B 652 31.10 19.15 -14.38
N VAL B 653 30.40 19.32 -15.50
CA VAL B 653 30.74 18.62 -16.73
C VAL B 653 32.03 19.20 -17.34
N ASP B 654 32.68 18.42 -18.18
CA ASP B 654 33.92 18.84 -18.83
C ASP B 654 33.78 18.78 -20.35
N LEU B 655 34.91 18.58 -21.03
CA LEU B 655 34.92 18.51 -22.49
C LEU B 655 33.83 19.39 -23.10
N LYS B 660 31.88 17.88 -32.15
CA LYS B 660 31.42 17.91 -30.79
C LYS B 660 29.93 17.88 -30.90
N TYR B 661 29.27 18.02 -29.77
CA TYR B 661 27.85 18.00 -29.76
C TYR B 661 27.45 19.37 -29.32
N SER B 662 27.36 20.27 -30.30
CA SER B 662 27.13 21.68 -30.07
C SER B 662 25.66 21.95 -29.82
N PHE B 663 24.83 21.06 -30.34
CA PHE B 663 23.39 21.23 -30.25
C PHE B 663 22.74 20.46 -29.11
N ASP B 664 22.11 21.19 -28.20
CA ASP B 664 21.35 20.57 -27.12
C ASP B 664 19.97 20.18 -27.64
N ILE B 665 19.76 18.88 -27.88
CA ILE B 665 18.56 18.41 -28.56
C ILE B 665 17.27 18.41 -27.74
N TYR B 666 17.38 18.34 -26.42
CA TYR B 666 16.21 18.30 -25.54
C TYR B 666 15.64 19.70 -25.36
N ASN B 667 16.53 20.68 -25.37
CA ASN B 667 16.14 22.09 -25.21
C ASN B 667 16.23 22.86 -26.52
N GLU B 668 16.65 22.18 -27.59
CA GLU B 668 16.83 22.81 -28.89
C GLU B 668 17.57 24.14 -28.80
N LYS B 669 18.69 24.16 -28.08
CA LYS B 669 19.57 25.33 -28.05
C LYS B 669 20.87 25.00 -28.77
N ASN B 670 21.80 25.95 -28.79
CA ASN B 670 23.15 25.67 -29.26
C ASN B 670 24.13 25.78 -28.09
N VAL B 679 29.89 22.73 -18.21
CA VAL B 679 28.57 22.84 -17.63
C VAL B 679 28.47 22.19 -16.24
N LEU B 680 27.64 22.76 -15.37
CA LEU B 680 27.30 22.14 -14.11
C LEU B 680 25.89 21.57 -14.21
N LEU B 681 25.76 20.28 -13.89
CA LEU B 681 24.45 19.65 -13.86
C LEU B 681 24.09 19.22 -12.44
N ARG B 682 22.82 19.44 -12.08
CA ARG B 682 22.34 19.13 -10.75
C ARG B 682 22.36 17.64 -10.51
N GLY B 683 22.17 17.24 -9.26
CA GLY B 683 21.92 15.83 -8.99
C GLY B 683 20.74 15.42 -9.83
N TYR B 684 20.80 14.20 -10.36
CA TYR B 684 19.71 13.65 -11.17
C TYR B 684 19.43 14.45 -12.43
N GLY B 685 20.37 15.31 -12.79
CA GLY B 685 20.23 16.12 -13.99
C GLY B 685 20.80 15.39 -15.20
N PHE B 686 20.45 15.86 -16.40
CA PHE B 686 20.82 15.15 -17.62
C PHE B 686 21.05 16.10 -18.80
N LEU B 687 21.80 15.62 -19.79
CA LEU B 687 21.98 16.31 -21.05
C LEU B 687 21.71 15.37 -22.21
N ILE B 688 20.99 15.86 -23.22
CA ILE B 688 20.83 15.14 -24.48
C ILE B 688 21.40 15.98 -25.60
N LEU B 689 22.52 15.55 -26.17
CA LEU B 689 23.22 16.37 -27.15
C LEU B 689 23.40 15.72 -28.52
N GLY B 690 23.50 16.56 -29.53
CA GLY B 690 23.79 16.14 -30.89
C GLY B 690 24.53 17.23 -31.65
N SER B 691 24.88 16.96 -32.89
CA SER B 691 25.63 17.92 -33.67
C SER B 691 24.65 18.79 -34.44
N LYS B 692 23.36 18.48 -34.28
CA LYS B 692 22.29 19.23 -34.93
C LYS B 692 20.94 18.62 -34.57
N PRO B 693 19.84 19.22 -35.05
CA PRO B 693 18.54 18.56 -34.85
C PRO B 693 18.46 17.32 -35.73
N CYS B 694 17.78 16.27 -35.26
CA CYS B 694 17.73 15.02 -36.01
C CYS B 694 16.86 15.17 -37.27
N ASN B 695 17.31 14.62 -38.39
CA ASN B 695 16.54 14.69 -39.64
C ASN B 695 15.82 13.38 -39.99
N ILE B 696 16.00 12.92 -41.22
CA ILE B 696 15.30 11.75 -41.75
C ILE B 696 15.90 11.35 -43.11
#